data_6E4H
#
_entry.id   6E4H
#
_entity_poly.entity_id   1
_entity_poly.type   'polypeptide(L)'
_entity_poly.pdbx_seq_one_letter_code
;MEELSGKPLSYAEKEKLKEKLAFLKKEYSRTLARLQRAKRAEKAKNSKKAIEDGVPQPEALEHHHHHH
;
_entity_poly.pdbx_strand_id   A,B
#
# COMPACT_ATOMS: atom_id res chain seq x y z
N MET A 1 9.34 12.75 3.90
CA MET A 1 8.96 11.75 4.92
C MET A 1 9.58 12.15 6.26
N GLU A 2 8.80 12.84 7.10
CA GLU A 2 9.21 13.29 8.45
C GLU A 2 8.48 12.43 9.50
N GLU A 3 8.90 12.55 10.77
CA GLU A 3 8.30 11.78 11.88
C GLU A 3 8.18 12.69 13.12
N LEU A 4 6.96 13.25 13.31
CA LEU A 4 6.67 14.23 14.40
C LEU A 4 5.90 13.53 15.53
N SER A 5 6.56 13.37 16.68
CA SER A 5 5.98 12.77 17.90
C SER A 5 5.46 13.86 18.88
N GLY A 6 5.11 13.46 20.11
CA GLY A 6 4.56 14.37 21.12
C GLY A 6 3.06 14.51 20.96
N LYS A 7 2.66 15.53 20.17
CA LYS A 7 1.25 15.68 19.73
C LYS A 7 0.97 14.69 18.58
N PRO A 8 -0.31 14.25 18.37
CA PRO A 8 -0.67 13.32 17.29
C PRO A 8 -0.84 14.02 15.94
N LEU A 9 -1.32 13.26 14.95
CA LEU A 9 -1.69 13.79 13.63
C LEU A 9 -2.92 14.72 13.75
N SER A 10 -2.94 15.78 12.92
CA SER A 10 -4.08 16.70 12.81
C SER A 10 -5.24 16.03 12.04
N TYR A 11 -6.38 16.74 11.93
CA TYR A 11 -7.54 16.26 11.16
C TYR A 11 -7.13 15.92 9.71
N ALA A 12 -6.51 16.91 9.03
CA ALA A 12 -6.07 16.80 7.62
C ALA A 12 -4.97 15.73 7.44
N GLU A 13 -4.16 15.52 8.49
CA GLU A 13 -3.10 14.49 8.49
C GLU A 13 -3.72 13.09 8.58
N LYS A 14 -4.80 12.97 9.37
CA LYS A 14 -5.58 11.73 9.49
C LYS A 14 -6.31 11.43 8.17
N GLU A 15 -6.80 12.48 7.50
CA GLU A 15 -7.52 12.35 6.22
C GLU A 15 -6.60 11.76 5.15
N LYS A 16 -5.42 12.38 4.99
CA LYS A 16 -4.41 11.92 4.00
C LYS A 16 -3.90 10.51 4.36
N LEU A 17 -3.90 10.18 5.68
CA LEU A 17 -3.45 8.87 6.17
C LEU A 17 -4.48 7.76 5.87
N LYS A 18 -5.78 8.02 6.13
CA LYS A 18 -6.83 6.98 5.96
C LYS A 18 -7.06 6.68 4.46
N GLU A 19 -6.92 7.73 3.61
CA GLU A 19 -7.04 7.58 2.16
C GLU A 19 -5.77 6.94 1.59
N LYS A 20 -4.61 7.17 2.27
CA LYS A 20 -3.33 6.46 1.99
C LYS A 20 -3.53 4.95 2.14
N LEU A 21 -4.07 4.54 3.32
CA LEU A 21 -4.25 3.12 3.67
C LEU A 21 -5.20 2.43 2.67
N ALA A 22 -6.31 3.13 2.35
CA ALA A 22 -7.35 2.62 1.43
C ALA A 22 -6.86 2.61 -0.03
N PHE A 23 -6.00 3.58 -0.40
CA PHE A 23 -5.44 3.69 -1.77
C PHE A 23 -4.50 2.52 -2.05
N LEU A 24 -3.50 2.37 -1.18
CA LEU A 24 -2.49 1.31 -1.30
C LEU A 24 -3.13 -0.08 -1.15
N LYS A 25 -4.23 -0.16 -0.35
CA LYS A 25 -5.00 -1.40 -0.12
C LYS A 25 -5.71 -1.90 -1.39
N LYS A 26 -6.49 -0.99 -2.03
CA LYS A 26 -7.33 -1.33 -3.20
C LYS A 26 -6.44 -1.68 -4.41
N GLU A 27 -5.34 -0.92 -4.59
CA GLU A 27 -4.39 -1.15 -5.69
C GLU A 27 -3.64 -2.46 -5.43
N TYR A 28 -3.26 -2.73 -4.14
CA TYR A 28 -2.53 -3.93 -3.72
C TYR A 28 -3.28 -5.19 -4.15
N SER A 29 -4.58 -5.23 -3.82
CA SER A 29 -5.46 -6.34 -4.15
C SER A 29 -5.52 -6.58 -5.67
N ARG A 30 -5.76 -5.50 -6.43
CA ARG A 30 -5.91 -5.55 -7.90
C ARG A 30 -4.59 -5.98 -8.61
N THR A 31 -3.50 -5.30 -8.27
CA THR A 31 -2.21 -5.42 -8.96
C THR A 31 -1.45 -6.71 -8.55
N LEU A 32 -1.65 -7.16 -7.30
CA LEU A 32 -1.12 -8.46 -6.84
C LEU A 32 -1.89 -9.58 -7.54
N ALA A 33 -3.23 -9.40 -7.68
CA ALA A 33 -4.11 -10.36 -8.38
C ALA A 33 -3.59 -10.69 -9.78
N ARG A 34 -3.36 -9.62 -10.58
CA ARG A 34 -2.89 -9.73 -11.97
C ARG A 34 -1.44 -10.26 -12.04
N LEU A 35 -0.61 -9.89 -11.02
CA LEU A 35 0.78 -10.37 -10.90
C LEU A 35 0.77 -11.91 -10.79
N GLN A 36 -0.15 -12.45 -9.95
CA GLN A 36 -0.29 -13.89 -9.73
C GLN A 36 -0.79 -14.58 -11.01
N ARG A 37 -1.77 -13.94 -11.69
CA ARG A 37 -2.36 -14.48 -12.93
C ARG A 37 -1.31 -14.55 -14.06
N ALA A 38 -0.31 -13.66 -14.00
CA ALA A 38 0.81 -13.63 -14.95
C ALA A 38 1.83 -14.76 -14.64
N LYS A 39 2.38 -14.73 -13.41
CA LYS A 39 3.52 -15.58 -13.01
C LYS A 39 3.12 -17.06 -12.77
N ARG A 40 1.98 -17.27 -12.08
CA ARG A 40 1.54 -18.62 -11.64
C ARG A 40 1.03 -19.46 -12.82
N ALA A 41 0.18 -18.82 -13.65
CA ALA A 41 -0.48 -19.47 -14.78
C ALA A 41 0.53 -19.76 -15.91
N GLU A 42 1.40 -18.74 -16.20
CA GLU A 42 2.41 -18.80 -17.29
C GLU A 42 1.74 -18.97 -18.67
N LYS A 43 0.45 -18.55 -18.75
CA LYS A 43 -0.42 -18.64 -19.97
C LYS A 43 0.24 -17.94 -21.18
N ALA A 44 1.06 -16.93 -20.89
CA ALA A 44 1.78 -16.13 -21.88
C ALA A 44 2.96 -15.49 -21.16
N LYS A 45 4.13 -16.09 -21.32
CA LYS A 45 5.42 -15.51 -20.88
C LYS A 45 6.16 -14.84 -22.04
N ASN A 46 5.63 -15.04 -23.27
CA ASN A 46 6.32 -14.80 -24.54
C ASN A 46 7.54 -15.73 -24.63
N SER A 47 7.29 -16.95 -25.14
CA SER A 47 8.27 -18.04 -25.23
C SER A 47 9.40 -17.74 -26.24
N LYS A 48 10.37 -18.69 -26.34
CA LYS A 48 11.56 -18.56 -27.19
C LYS A 48 11.17 -18.27 -28.65
N LYS A 49 11.81 -17.27 -29.25
CA LYS A 49 11.44 -16.72 -30.57
C LYS A 49 12.67 -16.38 -31.40
N ALA A 50 12.44 -16.17 -32.70
CA ALA A 50 13.43 -15.65 -33.63
C ALA A 50 13.40 -14.11 -33.56
N ILE A 51 14.58 -13.48 -33.71
CA ILE A 51 14.74 -12.00 -33.60
C ILE A 51 14.12 -11.25 -34.80
N GLU A 52 13.66 -12.01 -35.81
CA GLU A 52 13.12 -11.47 -37.08
C GLU A 52 11.69 -10.90 -36.89
N ASP A 53 11.64 -9.70 -36.33
CA ASP A 53 10.41 -8.89 -36.17
C ASP A 53 10.76 -7.43 -36.49
N GLY A 54 11.78 -7.25 -37.36
CA GLY A 54 12.37 -5.94 -37.61
C GLY A 54 13.24 -5.49 -36.46
N VAL A 55 14.21 -6.35 -36.08
CA VAL A 55 15.14 -6.10 -34.95
C VAL A 55 16.01 -4.84 -35.22
N PRO A 56 16.09 -3.88 -34.25
CA PRO A 56 16.95 -2.69 -34.38
C PRO A 56 18.43 -3.03 -34.10
N GLN A 57 19.33 -2.32 -34.80
CA GLN A 57 20.79 -2.50 -34.64
C GLN A 57 21.26 -1.92 -33.28
N PRO A 58 21.94 -2.74 -32.41
CA PRO A 58 22.31 -2.31 -31.03
C PRO A 58 23.26 -1.09 -31.01
N GLU A 59 24.36 -1.16 -31.79
CA GLU A 59 25.30 -0.02 -31.95
C GLU A 59 26.03 -0.12 -33.31
N ALA A 60 25.34 -0.70 -34.32
CA ALA A 60 25.91 -0.93 -35.66
C ALA A 60 25.93 0.35 -36.53
N LEU A 61 25.48 1.49 -35.98
CA LEU A 61 25.60 2.81 -36.64
C LEU A 61 27.08 3.17 -36.88
N GLU A 62 27.96 2.75 -35.93
CA GLU A 62 29.41 2.96 -36.03
C GLU A 62 30.13 2.07 -34.98
N MET B 1 0.58 5.48 -17.58
CA MET B 1 0.14 4.36 -16.73
C MET B 1 -1.28 3.93 -17.15
N GLU B 2 -1.35 3.09 -18.19
CA GLU B 2 -2.62 2.57 -18.74
C GLU B 2 -2.78 1.11 -18.29
N GLU B 3 -3.91 0.79 -17.64
CA GLU B 3 -4.26 -0.59 -17.28
C GLU B 3 -4.66 -1.32 -18.59
N LEU B 4 -3.70 -2.09 -19.13
CA LEU B 4 -3.89 -2.86 -20.38
C LEU B 4 -3.98 -4.35 -20.04
N SER B 5 -5.19 -4.92 -20.19
CA SER B 5 -5.45 -6.36 -19.94
C SER B 5 -5.15 -7.17 -21.21
N GLY B 6 -3.96 -7.77 -21.29
CA GLY B 6 -3.56 -8.53 -22.47
C GLY B 6 -2.17 -9.10 -22.32
N LYS B 7 -1.15 -8.39 -22.85
CA LYS B 7 0.26 -8.84 -22.85
C LYS B 7 0.76 -9.08 -21.40
N PRO B 8 1.71 -10.03 -21.17
CA PRO B 8 2.25 -10.27 -19.82
C PRO B 8 3.12 -9.09 -19.36
N LEU B 9 3.25 -8.93 -18.03
CA LEU B 9 4.18 -7.97 -17.45
C LEU B 9 5.63 -8.42 -17.75
N SER B 10 6.47 -7.47 -18.15
CA SER B 10 7.89 -7.72 -18.43
C SER B 10 8.66 -7.94 -17.11
N TYR B 11 9.96 -8.26 -17.21
CA TYR B 11 10.85 -8.45 -16.04
C TYR B 11 10.83 -7.17 -15.18
N ALA B 12 11.13 -6.02 -15.82
CA ALA B 12 11.21 -4.70 -15.16
C ALA B 12 9.86 -4.25 -14.60
N GLU B 13 8.76 -4.69 -15.24
CA GLU B 13 7.39 -4.40 -14.79
C GLU B 13 7.07 -5.20 -13.50
N LYS B 14 7.56 -6.45 -13.46
CA LYS B 14 7.44 -7.31 -12.26
C LYS B 14 8.28 -6.75 -11.12
N GLU B 15 9.47 -6.21 -11.44
CA GLU B 15 10.39 -5.63 -10.45
C GLU B 15 9.73 -4.44 -9.74
N LYS B 16 9.22 -3.48 -10.54
CA LYS B 16 8.55 -2.29 -10.02
C LYS B 16 7.26 -2.67 -9.25
N LEU B 17 6.62 -3.80 -9.67
CA LEU B 17 5.39 -4.29 -9.04
C LEU B 17 5.67 -4.93 -7.65
N LYS B 18 6.72 -5.78 -7.55
CA LYS B 18 7.01 -6.50 -6.29
C LYS B 18 7.53 -5.52 -5.22
N GLU B 19 8.30 -4.49 -5.66
CA GLU B 19 8.81 -3.44 -4.76
C GLU B 19 7.68 -2.47 -4.39
N LYS B 20 6.68 -2.31 -5.32
CA LYS B 20 5.41 -1.59 -5.04
C LYS B 20 4.68 -2.22 -3.85
N LEU B 21 4.46 -3.56 -3.94
CA LEU B 21 3.71 -4.32 -2.94
C LEU B 21 4.40 -4.25 -1.58
N ALA B 22 5.74 -4.42 -1.58
CA ALA B 22 6.57 -4.42 -0.37
C ALA B 22 6.70 -3.00 0.24
N PHE B 23 6.72 -1.96 -0.64
CA PHE B 23 6.81 -0.55 -0.22
C PHE B 23 5.55 -0.13 0.55
N LEU B 24 4.40 -0.30 -0.13
CA LEU B 24 3.09 0.06 0.43
C LEU B 24 2.77 -0.79 1.67
N LYS B 25 3.29 -2.05 1.69
CA LYS B 25 3.12 -2.99 2.82
C LYS B 25 3.84 -2.51 4.09
N LYS B 26 5.16 -2.20 3.97
CA LYS B 26 6.01 -1.84 5.12
C LYS B 26 5.55 -0.50 5.73
N GLU B 27 5.18 0.47 4.85
CA GLU B 27 4.71 1.78 5.27
C GLU B 27 3.32 1.64 5.92
N TYR B 28 2.45 0.76 5.34
CA TYR B 28 1.08 0.51 5.85
C TYR B 28 1.13 0.08 7.31
N SER B 29 1.98 -0.90 7.60
CA SER B 29 2.16 -1.45 8.95
C SER B 29 2.61 -0.34 9.93
N ARG B 30 3.65 0.43 9.55
CA ARG B 30 4.23 1.50 10.39
C ARG B 30 3.24 2.67 10.65
N THR B 31 2.66 3.19 9.58
CA THR B 31 1.85 4.42 9.58
C THR B 31 0.43 4.16 10.14
N LEU B 32 -0.10 2.93 9.93
CA LEU B 32 -1.37 2.51 10.55
C LEU B 32 -1.15 2.32 12.05
N ALA B 33 0.04 1.76 12.43
CA ALA B 33 0.43 1.57 13.84
C ALA B 33 0.33 2.88 14.63
N ARG B 34 1.01 3.92 14.12
CA ARG B 34 1.06 5.25 14.75
C ARG B 34 -0.32 5.96 14.70
N LEU B 35 -1.10 5.70 13.63
CA LEU B 35 -2.47 6.24 13.47
C LEU B 35 -3.33 5.74 14.65
N GLN B 36 -3.22 4.43 14.95
CA GLN B 36 -3.98 3.78 16.04
C GLN B 36 -3.52 4.31 17.40
N ARG B 37 -2.19 4.50 17.58
CA ARG B 37 -1.63 5.01 18.85
C ARG B 37 -2.07 6.47 19.11
N ALA B 38 -2.37 7.19 18.02
CA ALA B 38 -2.88 8.56 18.10
C ALA B 38 -4.38 8.57 18.49
N LYS B 39 -5.21 7.92 17.66
CA LYS B 39 -6.69 8.01 17.74
C LYS B 39 -7.28 7.19 18.90
N ARG B 40 -6.76 5.97 19.12
CA ARG B 40 -7.30 5.02 20.12
C ARG B 40 -6.96 5.46 21.55
N ALA B 41 -5.67 5.80 21.76
CA ALA B 41 -5.13 6.17 23.09
C ALA B 41 -5.67 7.54 23.54
N GLU B 42 -5.65 8.53 22.60
CA GLU B 42 -6.12 9.93 22.83
C GLU B 42 -5.26 10.64 23.91
N LYS B 43 -4.03 10.14 24.10
CA LYS B 43 -3.05 10.62 25.11
C LYS B 43 -2.80 12.14 25.03
N ALA B 44 -2.86 12.69 23.80
CA ALA B 44 -2.59 14.12 23.53
C ALA B 44 -3.68 14.70 22.61
N LYS B 45 -4.94 14.52 23.04
CA LYS B 45 -6.14 14.91 22.25
C LYS B 45 -6.32 16.45 22.10
N ASN B 46 -5.46 17.24 22.78
CA ASN B 46 -5.59 18.70 22.90
C ASN B 46 -6.88 19.04 23.67
N SER B 47 -6.79 18.92 25.01
CA SER B 47 -7.88 19.30 25.93
C SER B 47 -8.05 20.82 25.91
N LYS B 48 -9.27 21.30 26.24
CA LYS B 48 -9.59 22.73 26.21
C LYS B 48 -8.67 23.48 27.23
N LYS B 49 -7.65 24.12 26.67
CA LYS B 49 -6.67 24.92 27.42
C LYS B 49 -7.05 26.40 27.38
N ALA B 50 -6.23 27.23 28.04
CA ALA B 50 -6.34 28.69 27.97
C ALA B 50 -5.86 29.16 26.60
N ILE B 51 -6.81 29.50 25.72
CA ILE B 51 -6.57 29.89 24.29
C ILE B 51 -5.70 31.16 24.13
N GLU B 52 -5.44 31.85 25.26
CA GLU B 52 -4.58 33.04 25.34
C GLU B 52 -3.10 32.69 25.02
N ASP B 53 -2.76 32.73 23.74
CA ASP B 53 -1.37 32.55 23.24
C ASP B 53 -0.98 33.81 22.49
N GLY B 54 0.16 33.77 21.79
CA GLY B 54 0.57 34.84 20.86
C GLY B 54 -0.17 34.74 19.53
N VAL B 55 -1.52 34.81 19.63
CA VAL B 55 -2.42 34.68 18.47
C VAL B 55 -2.54 36.05 17.75
N PRO B 56 -2.14 36.13 16.45
CA PRO B 56 -2.29 37.36 15.66
C PRO B 56 -3.71 37.48 15.08
N GLN B 57 -3.92 38.56 14.30
CA GLN B 57 -5.12 38.73 13.50
C GLN B 57 -5.15 37.65 12.38
N PRO B 58 -6.21 36.77 12.32
CA PRO B 58 -6.31 35.68 11.31
C PRO B 58 -6.22 36.20 9.85
N GLU B 59 -6.82 37.39 9.62
CA GLU B 59 -6.79 38.04 8.30
C GLU B 59 -6.81 39.56 8.46
N ALA B 60 -7.87 40.06 9.13
CA ALA B 60 -8.14 41.50 9.30
C ALA B 60 -8.49 42.16 7.96
N LEU B 61 -9.64 41.76 7.40
CA LEU B 61 -10.22 42.41 6.21
C LEU B 61 -10.90 43.72 6.68
N GLU B 62 -10.32 44.86 6.29
CA GLU B 62 -10.84 46.19 6.63
C GLU B 62 -12.20 46.40 5.90
N MET A 1 7.69 27.36 13.74
CA MET A 1 6.30 27.08 13.35
C MET A 1 5.74 25.97 14.25
N GLU A 2 6.05 24.70 13.91
CA GLU A 2 5.67 23.52 14.70
C GLU A 2 6.80 23.23 15.73
N GLU A 3 6.57 23.65 16.98
CA GLU A 3 7.63 23.67 18.02
C GLU A 3 7.68 22.38 18.83
N LEU A 4 6.55 21.99 19.42
CA LEU A 4 6.47 20.88 20.38
C LEU A 4 5.53 19.78 19.88
N SER A 5 5.69 18.57 20.44
CA SER A 5 4.85 17.40 20.14
C SER A 5 3.63 17.37 21.10
N GLY A 6 3.12 16.17 21.44
CA GLY A 6 2.02 16.02 22.41
C GLY A 6 0.72 15.74 21.72
N LYS A 7 0.23 16.74 20.96
CA LYS A 7 -0.98 16.60 20.12
C LYS A 7 -0.72 15.59 18.97
N PRO A 8 -1.73 14.76 18.57
CA PRO A 8 -1.54 13.70 17.56
C PRO A 8 -1.69 14.24 16.12
N LEU A 9 -2.00 13.33 15.18
CA LEU A 9 -2.31 13.71 13.80
C LEU A 9 -3.58 14.61 13.76
N SER A 10 -3.52 15.70 12.96
CA SER A 10 -4.61 16.67 12.80
C SER A 10 -5.75 16.06 11.96
N TYR A 11 -6.85 16.82 11.76
CA TYR A 11 -7.99 16.39 10.92
C TYR A 11 -7.49 16.02 9.52
N ALA A 12 -6.87 17.00 8.85
CA ALA A 12 -6.37 16.83 7.48
C ALA A 12 -5.31 15.73 7.38
N GLU A 13 -4.51 15.54 8.46
CA GLU A 13 -3.47 14.49 8.51
C GLU A 13 -4.09 13.10 8.57
N LYS A 14 -5.16 12.97 9.38
CA LYS A 14 -5.91 11.72 9.55
C LYS A 14 -6.61 11.33 8.23
N GLU A 15 -7.20 12.34 7.59
CA GLU A 15 -7.94 12.18 6.33
C GLU A 15 -7.02 11.71 5.20
N LYS A 16 -5.91 12.44 4.99
CA LYS A 16 -4.92 12.11 3.96
C LYS A 16 -4.28 10.74 4.24
N LEU A 17 -4.17 10.37 5.54
CA LEU A 17 -3.55 9.12 5.95
C LEU A 17 -4.47 7.91 5.70
N LYS A 18 -5.75 8.01 6.09
CA LYS A 18 -6.69 6.87 5.94
C LYS A 18 -7.01 6.61 4.46
N GLU A 19 -7.01 7.68 3.63
CA GLU A 19 -7.20 7.56 2.18
C GLU A 19 -5.91 7.04 1.51
N LYS A 20 -4.73 7.35 2.12
CA LYS A 20 -3.44 6.75 1.74
C LYS A 20 -3.51 5.23 1.90
N LEU A 21 -3.96 4.78 3.09
CA LEU A 21 -4.05 3.36 3.46
C LEU A 21 -4.99 2.60 2.51
N ALA A 22 -6.13 3.23 2.20
CA ALA A 22 -7.16 2.67 1.31
C ALA A 22 -6.67 2.64 -0.15
N PHE A 23 -5.94 3.70 -0.57
CA PHE A 23 -5.43 3.86 -1.93
C PHE A 23 -4.40 2.76 -2.26
N LEU A 24 -3.40 2.65 -1.38
CA LEU A 24 -2.32 1.67 -1.52
C LEU A 24 -2.87 0.23 -1.38
N LYS A 25 -3.91 0.06 -0.54
CA LYS A 25 -4.57 -1.24 -0.32
C LYS A 25 -5.32 -1.73 -1.57
N LYS A 26 -6.12 -0.85 -2.19
CA LYS A 26 -6.97 -1.23 -3.34
C LYS A 26 -6.11 -1.50 -4.60
N GLU A 27 -5.04 -0.68 -4.81
CA GLU A 27 -4.11 -0.88 -5.94
C GLU A 27 -3.35 -2.20 -5.71
N TYR A 28 -2.90 -2.42 -4.46
CA TYR A 28 -2.17 -3.63 -4.03
C TYR A 28 -2.96 -4.88 -4.36
N SER A 29 -4.23 -4.88 -3.96
CA SER A 29 -5.11 -6.03 -4.12
C SER A 29 -5.31 -6.37 -5.62
N ARG A 30 -5.56 -5.32 -6.43
CA ARG A 30 -5.81 -5.45 -7.87
C ARG A 30 -4.55 -5.91 -8.64
N THR A 31 -3.43 -5.23 -8.41
CA THR A 31 -2.20 -5.43 -9.19
C THR A 31 -1.45 -6.70 -8.74
N LEU A 32 -1.58 -7.08 -7.45
CA LEU A 32 -1.08 -8.37 -6.96
C LEU A 32 -1.95 -9.50 -7.53
N ALA A 33 -3.29 -9.24 -7.62
CA ALA A 33 -4.25 -10.22 -8.19
C ALA A 33 -3.83 -10.64 -9.60
N ARG A 34 -3.56 -9.65 -10.46
CA ARG A 34 -3.15 -9.88 -11.85
C ARG A 34 -1.72 -10.44 -11.94
N LEU A 35 -0.84 -10.03 -10.99
CA LEU A 35 0.52 -10.61 -10.85
C LEU A 35 0.39 -12.13 -10.63
N GLN A 36 -0.55 -12.52 -9.76
CA GLN A 36 -0.82 -13.93 -9.47
C GLN A 36 -1.38 -14.64 -10.70
N ARG A 37 -2.36 -14.02 -11.38
CA ARG A 37 -3.02 -14.63 -12.58
C ARG A 37 -2.00 -14.89 -13.71
N ALA A 38 -0.93 -14.07 -13.76
CA ALA A 38 0.17 -14.22 -14.71
C ALA A 38 1.06 -15.44 -14.35
N LYS A 39 1.53 -15.49 -13.09
CA LYS A 39 2.46 -16.55 -12.61
C LYS A 39 1.76 -17.90 -12.32
N ARG A 40 0.45 -17.87 -12.07
CA ARG A 40 -0.34 -19.08 -11.78
C ARG A 40 -0.72 -19.80 -13.08
N ALA A 41 -1.35 -19.05 -14.01
CA ALA A 41 -1.81 -19.59 -15.29
C ALA A 41 -0.61 -19.89 -16.22
N GLU A 42 0.31 -18.90 -16.32
CA GLU A 42 1.51 -18.94 -17.22
C GLU A 42 1.15 -19.35 -18.67
N LYS A 43 -0.07 -18.99 -19.08
CA LYS A 43 -0.62 -19.25 -20.44
C LYS A 43 0.33 -18.79 -21.57
N ALA A 44 1.17 -17.78 -21.28
CA ALA A 44 2.08 -17.17 -22.25
C ALA A 44 3.33 -18.06 -22.54
N LYS A 45 3.49 -19.20 -21.83
CA LYS A 45 4.56 -20.18 -22.14
C LYS A 45 4.15 -21.07 -23.34
N ASN A 46 2.85 -20.99 -23.73
CA ASN A 46 2.25 -21.77 -24.82
C ASN A 46 2.27 -23.28 -24.49
N SER A 47 1.48 -23.66 -23.48
CA SER A 47 1.47 -25.01 -22.89
C SER A 47 0.24 -25.82 -23.32
N LYS A 48 0.11 -27.02 -22.74
CA LYS A 48 -1.11 -27.84 -22.84
C LYS A 48 -2.24 -27.20 -22.01
N LYS A 49 -3.46 -27.75 -22.15
CA LYS A 49 -4.65 -27.25 -21.45
C LYS A 49 -4.58 -27.52 -19.94
N ALA A 50 -5.38 -26.77 -19.20
CA ALA A 50 -5.38 -26.82 -17.73
C ALA A 50 -6.50 -27.74 -17.24
N ILE A 51 -6.13 -28.83 -16.53
CA ILE A 51 -7.10 -29.81 -15.97
C ILE A 51 -7.94 -29.20 -14.82
N GLU A 52 -7.47 -28.05 -14.32
CA GLU A 52 -8.19 -27.25 -13.33
C GLU A 52 -9.35 -26.48 -14.00
N ASP A 53 -10.36 -26.12 -13.21
CA ASP A 53 -11.53 -25.39 -13.72
C ASP A 53 -12.28 -24.74 -12.57
N GLY A 54 -12.71 -23.49 -12.79
CA GLY A 54 -13.52 -22.76 -11.82
C GLY A 54 -14.99 -22.97 -12.09
N VAL A 55 -15.44 -24.22 -11.89
CA VAL A 55 -16.83 -24.63 -12.17
C VAL A 55 -17.85 -23.87 -11.27
N PRO A 56 -18.79 -23.07 -11.88
CA PRO A 56 -19.86 -22.38 -11.12
C PRO A 56 -20.93 -23.34 -10.60
N GLN A 57 -21.98 -22.79 -10.01
CA GLN A 57 -23.10 -23.55 -9.45
C GLN A 57 -24.35 -23.29 -10.33
N PRO A 58 -24.70 -24.26 -11.25
CA PRO A 58 -25.67 -24.02 -12.35
C PRO A 58 -27.04 -23.47 -11.89
N GLU A 59 -27.62 -24.13 -10.90
CA GLU A 59 -28.99 -23.87 -10.42
C GLU A 59 -28.99 -22.88 -9.24
N ALA A 60 -27.95 -22.97 -8.39
CA ALA A 60 -27.83 -22.16 -7.16
C ALA A 60 -27.34 -20.72 -7.46
N LEU A 61 -26.85 -20.49 -8.69
CA LEU A 61 -26.51 -19.14 -9.18
C LEU A 61 -27.79 -18.53 -9.79
N GLU A 62 -28.68 -18.08 -8.90
CA GLU A 62 -29.95 -17.47 -9.29
C GLU A 62 -30.49 -16.61 -8.12
N MET B 1 4.59 0.55 -30.69
CA MET B 1 5.64 -0.07 -29.83
C MET B 1 5.07 -1.31 -29.13
N GLU B 2 3.81 -1.21 -28.67
CA GLU B 2 3.01 -2.36 -28.19
C GLU B 2 1.63 -2.25 -28.83
N GLU B 3 1.46 -2.89 -29.99
CA GLU B 3 0.21 -2.87 -30.76
C GLU B 3 -0.75 -3.94 -30.23
N LEU B 4 -0.16 -5.06 -29.78
CA LEU B 4 -0.91 -6.25 -29.32
C LEU B 4 -0.37 -6.70 -27.95
N SER B 5 -1.28 -7.06 -27.04
CA SER B 5 -0.96 -7.54 -25.70
C SER B 5 -1.13 -9.07 -25.64
N GLY B 6 -0.14 -9.77 -25.10
CA GLY B 6 -0.16 -11.23 -25.03
C GLY B 6 0.86 -11.74 -24.04
N LYS B 7 2.10 -11.21 -24.15
CA LYS B 7 3.17 -11.46 -23.16
C LYS B 7 2.80 -10.87 -21.79
N PRO B 8 3.24 -11.50 -20.64
CA PRO B 8 2.90 -11.02 -19.29
C PRO B 8 3.70 -9.77 -18.92
N LEU B 9 3.68 -9.41 -17.62
CA LEU B 9 4.54 -8.36 -17.10
C LEU B 9 6.03 -8.77 -17.31
N SER B 10 6.81 -7.83 -17.84
CA SER B 10 8.24 -8.04 -18.17
C SER B 10 9.06 -8.17 -16.88
N TYR B 11 10.38 -8.42 -17.03
CA TYR B 11 11.31 -8.50 -15.88
C TYR B 11 11.21 -7.22 -15.04
N ALA B 12 11.49 -6.07 -15.67
CA ALA B 12 11.47 -4.76 -15.02
C ALA B 12 10.09 -4.42 -14.44
N GLU B 13 9.02 -4.88 -15.12
CA GLU B 13 7.64 -4.64 -14.67
C GLU B 13 7.33 -5.42 -13.38
N LYS B 14 7.80 -6.67 -13.35
CA LYS B 14 7.62 -7.56 -12.18
C LYS B 14 8.39 -7.02 -10.98
N GLU B 15 9.62 -6.55 -11.25
CA GLU B 15 10.54 -6.03 -10.22
C GLU B 15 9.97 -4.76 -9.58
N LYS B 16 9.60 -3.77 -10.44
CA LYS B 16 9.03 -2.51 -9.98
C LYS B 16 7.68 -2.74 -9.25
N LEU B 17 6.96 -3.81 -9.65
CA LEU B 17 5.66 -4.14 -9.07
C LEU B 17 5.79 -4.77 -7.67
N LYS B 18 6.68 -5.77 -7.51
CA LYS B 18 6.83 -6.47 -6.23
C LYS B 18 7.46 -5.54 -5.17
N GLU B 19 8.33 -4.59 -5.60
CA GLU B 19 8.90 -3.59 -4.69
C GLU B 19 7.87 -2.50 -4.37
N LYS B 20 6.92 -2.24 -5.33
CA LYS B 20 5.73 -1.40 -5.09
C LYS B 20 4.91 -1.98 -3.94
N LEU B 21 4.61 -3.29 -4.03
CA LEU B 21 3.76 -4.01 -3.07
C LEU B 21 4.39 -3.98 -1.67
N ALA B 22 5.72 -4.20 -1.64
CA ALA B 22 6.51 -4.21 -0.39
C ALA B 22 6.62 -2.79 0.21
N PHE B 23 6.76 -1.78 -0.67
CA PHE B 23 6.93 -0.37 -0.27
C PHE B 23 5.65 0.14 0.43
N LEU B 24 4.52 -0.03 -0.27
CA LEU B 24 3.22 0.41 0.23
C LEU B 24 2.81 -0.40 1.48
N LYS B 25 3.23 -1.68 1.53
CA LYS B 25 2.95 -2.57 2.68
C LYS B 25 3.68 -2.13 3.96
N LYS B 26 4.99 -1.83 3.84
CA LYS B 26 5.83 -1.50 5.01
C LYS B 26 5.46 -0.13 5.58
N GLU B 27 5.16 0.85 4.67
CA GLU B 27 4.73 2.18 5.10
C GLU B 27 3.35 2.09 5.77
N TYR B 28 2.45 1.28 5.16
CA TYR B 28 1.10 1.01 5.66
C TYR B 28 1.14 0.50 7.09
N SER B 29 1.96 -0.53 7.32
CA SER B 29 2.07 -1.19 8.61
C SER B 29 2.56 -0.22 9.69
N ARG B 30 3.59 0.58 9.36
CA ARG B 30 4.20 1.55 10.27
C ARG B 30 3.24 2.72 10.61
N THR B 31 2.68 3.35 9.56
CA THR B 31 1.90 4.59 9.70
C THR B 31 0.49 4.29 10.23
N LEU B 32 -0.05 3.10 9.93
CA LEU B 32 -1.31 2.62 10.54
C LEU B 32 -1.06 2.28 12.02
N ALA B 33 0.13 1.69 12.31
CA ALA B 33 0.53 1.35 13.69
C ALA B 33 0.46 2.57 14.61
N ARG B 34 1.09 3.68 14.17
CA ARG B 34 1.14 4.95 14.93
C ARG B 34 -0.24 5.66 14.94
N LEU B 35 -1.02 5.50 13.83
CA LEU B 35 -2.42 5.98 13.75
C LEU B 35 -3.23 5.32 14.90
N GLN B 36 -3.03 3.99 15.07
CA GLN B 36 -3.69 3.22 16.13
C GLN B 36 -3.22 3.70 17.50
N ARG B 37 -1.89 3.85 17.69
CA ARG B 37 -1.31 4.28 18.99
C ARG B 37 -1.83 5.66 19.43
N ALA B 38 -2.19 6.51 18.45
CA ALA B 38 -2.79 7.82 18.71
C ALA B 38 -4.25 7.69 19.20
N LYS B 39 -5.08 6.95 18.44
CA LYS B 39 -6.53 6.80 18.73
C LYS B 39 -6.83 5.83 19.90
N ARG B 40 -5.89 4.90 20.16
CA ARG B 40 -6.05 3.89 21.23
C ARG B 40 -5.69 4.50 22.59
N ALA B 41 -4.50 5.10 22.68
CA ALA B 41 -4.01 5.71 23.92
C ALA B 41 -4.77 7.01 24.24
N GLU B 42 -4.87 7.90 23.22
CA GLU B 42 -5.48 9.24 23.34
C GLU B 42 -4.90 10.06 24.52
N LYS B 43 -3.60 9.79 24.81
CA LYS B 43 -2.80 10.48 25.83
C LYS B 43 -2.81 12.03 25.67
N ALA B 44 -2.98 12.48 24.41
CA ALA B 44 -3.05 13.91 24.05
C ALA B 44 -4.29 14.60 24.64
N LYS B 45 -5.42 13.84 24.70
CA LYS B 45 -6.66 14.32 25.36
C LYS B 45 -6.43 14.55 26.86
N ASN B 46 -5.48 13.78 27.43
CA ASN B 46 -5.13 13.78 28.85
C ASN B 46 -6.29 13.24 29.70
N SER B 47 -6.38 11.92 29.74
CA SER B 47 -7.29 11.17 30.62
C SER B 47 -6.47 10.56 31.78
N LYS B 48 -7.14 9.81 32.68
CA LYS B 48 -6.45 9.04 33.73
C LYS B 48 -5.81 7.77 33.13
N LYS B 49 -4.84 7.21 33.87
CA LYS B 49 -4.16 5.96 33.49
C LYS B 49 -5.17 4.80 33.39
N ALA B 50 -5.07 4.01 32.31
CA ALA B 50 -5.94 2.84 32.10
C ALA B 50 -5.72 1.78 33.20
N ILE B 51 -6.81 1.08 33.59
CA ILE B 51 -6.77 -0.01 34.59
C ILE B 51 -5.81 -1.14 34.18
N GLU B 52 -5.70 -1.35 32.86
CA GLU B 52 -4.71 -2.27 32.28
C GLU B 52 -3.32 -1.61 32.32
N ASP B 53 -2.57 -1.86 33.41
CA ASP B 53 -1.20 -1.35 33.56
C ASP B 53 -0.27 -1.94 32.49
N GLY B 54 0.81 -1.18 32.18
CA GLY B 54 1.81 -1.59 31.21
C GLY B 54 2.77 -2.62 31.78
N VAL B 55 2.21 -3.80 32.10
CA VAL B 55 2.95 -4.92 32.67
C VAL B 55 3.61 -5.73 31.53
N PRO B 56 4.96 -5.81 31.48
CA PRO B 56 5.69 -6.70 30.56
C PRO B 56 6.05 -8.04 31.20
N GLN B 57 6.90 -8.81 30.52
CA GLN B 57 7.55 -9.99 31.12
C GLN B 57 8.99 -9.59 31.52
N PRO B 58 9.24 -9.32 32.85
CA PRO B 58 10.56 -8.83 33.35
C PRO B 58 11.69 -9.86 33.11
N GLU B 59 11.41 -11.12 33.47
CA GLU B 59 12.38 -12.21 33.40
C GLU B 59 12.24 -12.95 32.06
N ALA B 60 11.09 -13.62 31.87
CA ALA B 60 10.83 -14.53 30.73
C ALA B 60 11.88 -15.68 30.67
N LEU B 61 12.58 -15.91 31.79
CA LEU B 61 13.68 -16.87 31.89
C LEU B 61 13.14 -18.14 32.56
N GLU B 62 13.09 -19.24 31.81
CA GLU B 62 12.53 -20.52 32.26
C GLU B 62 13.55 -21.67 31.98
N MET A 1 14.91 12.37 9.25
CA MET A 1 14.24 12.83 8.01
C MET A 1 12.83 13.38 8.34
N GLU A 2 11.91 12.49 8.76
CA GLU A 2 10.49 12.84 9.01
C GLU A 2 10.05 12.51 10.45
N GLU A 3 11.01 12.21 11.33
CA GLU A 3 10.75 11.82 12.73
C GLU A 3 9.96 12.92 13.51
N LEU A 4 8.70 12.59 13.92
CA LEU A 4 7.87 13.47 14.76
C LEU A 4 8.39 13.45 16.21
N SER A 5 8.23 14.59 16.91
CA SER A 5 8.55 14.73 18.35
C SER A 5 7.42 14.13 19.24
N GLY A 6 6.42 13.50 18.58
CA GLY A 6 5.37 12.76 19.27
C GLY A 6 4.03 13.46 19.27
N LYS A 7 3.93 14.62 18.58
CA LYS A 7 2.65 15.34 18.38
C LYS A 7 1.68 14.45 17.55
N PRO A 8 0.34 14.50 17.81
CA PRO A 8 -0.65 13.71 17.05
C PRO A 8 -0.80 14.28 15.62
N LEU A 9 -1.03 13.40 14.63
CA LEU A 9 -1.28 13.84 13.25
C LEU A 9 -2.56 14.69 13.21
N SER A 10 -2.51 15.81 12.46
CA SER A 10 -3.62 16.77 12.32
C SER A 10 -4.80 16.13 11.54
N TYR A 11 -5.92 16.89 11.40
CA TYR A 11 -7.13 16.41 10.69
C TYR A 11 -6.78 16.03 9.25
N ALA A 12 -6.17 16.99 8.53
CA ALA A 12 -5.78 16.82 7.12
C ALA A 12 -4.75 15.69 6.93
N GLU A 13 -3.90 15.48 7.96
CA GLU A 13 -2.90 14.39 7.97
C GLU A 13 -3.61 13.03 8.11
N LYS A 14 -4.64 12.99 8.97
CA LYS A 14 -5.45 11.79 9.20
C LYS A 14 -6.30 11.46 7.95
N GLU A 15 -6.73 12.52 7.23
CA GLU A 15 -7.52 12.36 6.01
C GLU A 15 -6.68 11.70 4.92
N LYS A 16 -5.50 12.31 4.63
CA LYS A 16 -4.58 11.79 3.60
C LYS A 16 -4.07 10.40 3.96
N LEU A 17 -3.96 10.10 5.27
CA LEU A 17 -3.46 8.83 5.78
C LEU A 17 -4.50 7.71 5.61
N LYS A 18 -5.78 7.98 5.94
CA LYS A 18 -6.85 6.96 5.87
C LYS A 18 -7.13 6.58 4.40
N GLU A 19 -7.12 7.59 3.51
CA GLU A 19 -7.33 7.38 2.07
C GLU A 19 -6.06 6.80 1.42
N LYS A 20 -4.87 7.05 2.05
CA LYS A 20 -3.61 6.36 1.68
C LYS A 20 -3.75 4.84 1.91
N LEU A 21 -4.19 4.47 3.14
CA LEU A 21 -4.34 3.06 3.54
C LEU A 21 -5.29 2.33 2.57
N ALA A 22 -6.41 3.00 2.25
CA ALA A 22 -7.44 2.48 1.32
C ALA A 22 -6.92 2.37 -0.12
N PHE A 23 -6.15 3.39 -0.55
CA PHE A 23 -5.61 3.50 -1.93
C PHE A 23 -4.59 2.37 -2.21
N LEU A 24 -3.58 2.27 -1.33
CA LEU A 24 -2.53 1.27 -1.46
C LEU A 24 -3.09 -0.16 -1.25
N LYS A 25 -4.16 -0.27 -0.40
CA LYS A 25 -4.86 -1.55 -0.14
C LYS A 25 -5.57 -2.10 -1.39
N LYS A 26 -6.40 -1.24 -2.02
CA LYS A 26 -7.22 -1.66 -3.17
C LYS A 26 -6.31 -2.05 -4.34
N GLU A 27 -5.26 -1.22 -4.59
CA GLU A 27 -4.32 -1.46 -5.69
C GLU A 27 -3.45 -2.68 -5.38
N TYR A 28 -3.11 -2.89 -4.08
CA TYR A 28 -2.33 -4.06 -3.62
C TYR A 28 -3.05 -5.36 -4.02
N SER A 29 -4.34 -5.44 -3.64
CA SER A 29 -5.17 -6.64 -3.89
C SER A 29 -5.27 -6.94 -5.39
N ARG A 30 -5.57 -5.88 -6.18
CA ARG A 30 -5.76 -5.97 -7.64
C ARG A 30 -4.45 -6.31 -8.38
N THR A 31 -3.40 -5.55 -8.08
CA THR A 31 -2.12 -5.61 -8.82
C THR A 31 -1.30 -6.86 -8.43
N LEU A 32 -1.46 -7.33 -7.17
CA LEU A 32 -0.90 -8.61 -6.74
C LEU A 32 -1.63 -9.74 -7.48
N ALA A 33 -2.98 -9.65 -7.53
CA ALA A 33 -3.83 -10.64 -8.21
C ALA A 33 -3.41 -10.83 -9.68
N ARG A 34 -3.23 -9.70 -10.40
CA ARG A 34 -2.87 -9.70 -11.83
C ARG A 34 -1.40 -10.11 -12.05
N LEU A 35 -0.53 -9.77 -11.07
CA LEU A 35 0.87 -10.25 -11.01
C LEU A 35 0.88 -11.79 -11.00
N GLN A 36 -0.03 -12.37 -10.19
CA GLN A 36 -0.20 -13.83 -10.09
C GLN A 36 -0.77 -14.38 -11.41
N ARG A 37 -1.81 -13.72 -11.97
CA ARG A 37 -2.47 -14.17 -13.23
C ARG A 37 -1.46 -14.19 -14.40
N ALA A 38 -0.46 -13.30 -14.34
CA ALA A 38 0.62 -13.21 -15.31
C ALA A 38 1.59 -14.41 -15.19
N LYS A 39 2.14 -14.60 -13.97
CA LYS A 39 3.20 -15.61 -13.69
C LYS A 39 2.65 -17.06 -13.55
N ARG A 40 1.39 -17.20 -13.14
CA ARG A 40 0.74 -18.52 -12.93
C ARG A 40 0.24 -19.12 -14.26
N ALA A 41 -0.41 -18.27 -15.08
CA ALA A 41 -0.96 -18.70 -16.39
C ALA A 41 0.17 -18.77 -17.44
N GLU A 42 0.90 -17.64 -17.61
CA GLU A 42 2.01 -17.47 -18.59
C GLU A 42 1.58 -17.75 -20.05
N LYS A 43 0.25 -17.70 -20.32
CA LYS A 43 -0.34 -18.07 -21.63
C LYS A 43 0.27 -17.25 -22.80
N ALA A 44 0.75 -16.04 -22.50
CA ALA A 44 1.25 -15.08 -23.49
C ALA A 44 2.59 -14.48 -23.05
N LYS A 45 3.34 -15.21 -22.19
CA LYS A 45 4.57 -14.69 -21.57
C LYS A 45 5.65 -14.43 -22.63
N ASN A 46 5.90 -15.46 -23.48
CA ASN A 46 6.82 -15.43 -24.63
C ASN A 46 8.16 -14.74 -24.27
N SER A 47 9.04 -15.51 -23.61
CA SER A 47 10.29 -15.01 -23.03
C SER A 47 11.27 -14.52 -24.13
N LYS A 48 11.39 -13.20 -24.29
CA LYS A 48 12.27 -12.53 -25.27
C LYS A 48 13.40 -11.79 -24.53
N LYS A 49 14.59 -11.77 -25.16
CA LYS A 49 15.77 -11.07 -24.61
C LYS A 49 15.73 -9.58 -25.03
N ALA A 50 15.76 -8.69 -24.03
CA ALA A 50 15.84 -7.23 -24.25
C ALA A 50 17.27 -6.83 -24.62
N ILE A 51 17.43 -6.10 -25.74
CA ILE A 51 18.73 -5.59 -26.19
C ILE A 51 19.06 -4.26 -25.47
N GLU A 52 18.07 -3.73 -24.75
CA GLU A 52 18.21 -2.50 -23.97
C GLU A 52 18.83 -2.87 -22.61
N ASP A 53 20.16 -2.99 -22.58
CA ASP A 53 20.91 -3.28 -21.35
C ASP A 53 20.90 -2.05 -20.44
N GLY A 54 20.24 -2.19 -19.28
CA GLY A 54 20.17 -1.13 -18.26
C GLY A 54 21.40 -1.12 -17.37
N VAL A 55 22.56 -0.93 -18.01
CA VAL A 55 23.88 -0.98 -17.35
C VAL A 55 24.01 0.15 -16.28
N PRO A 56 24.37 -0.18 -15.00
CA PRO A 56 24.61 0.83 -13.95
C PRO A 56 25.99 1.50 -14.10
N GLN A 57 26.15 2.66 -13.44
CA GLN A 57 27.38 3.46 -13.51
C GLN A 57 28.48 2.79 -12.64
N PRO A 58 29.77 2.73 -13.13
CA PRO A 58 30.85 1.86 -12.55
C PRO A 58 31.17 2.15 -11.07
N GLU A 59 31.30 3.44 -10.71
CA GLU A 59 31.61 3.84 -9.33
C GLU A 59 30.71 5.01 -8.90
N ALA A 60 30.72 6.08 -9.71
CA ALA A 60 29.86 7.24 -9.50
C ALA A 60 28.43 6.93 -9.99
N LEU A 61 27.70 6.14 -9.22
CA LEU A 61 26.33 5.72 -9.54
C LEU A 61 25.34 6.78 -9.02
N GLU A 62 25.52 7.15 -7.74
CA GLU A 62 24.71 8.16 -7.07
C GLU A 62 25.65 9.30 -6.54
N MET B 1 -6.05 4.41 -21.33
CA MET B 1 -4.65 4.76 -21.74
C MET B 1 -3.63 3.80 -21.10
N GLU B 2 -4.01 3.09 -20.02
CA GLU B 2 -3.10 2.21 -19.24
C GLU B 2 -3.49 0.73 -19.34
N GLU B 3 -4.76 0.45 -19.73
CA GLU B 3 -5.30 -0.93 -19.81
C GLU B 3 -4.44 -1.83 -20.73
N LEU B 4 -4.10 -3.04 -20.25
CA LEU B 4 -3.20 -3.98 -20.98
C LEU B 4 -3.98 -4.75 -22.06
N SER B 5 -3.27 -5.08 -23.16
CA SER B 5 -3.82 -5.82 -24.33
C SER B 5 -4.15 -7.28 -23.97
N GLY B 6 -3.47 -7.81 -22.93
CA GLY B 6 -3.64 -9.20 -22.50
C GLY B 6 -2.31 -9.89 -22.23
N LYS B 7 -1.22 -9.26 -22.69
CA LYS B 7 0.15 -9.73 -22.44
C LYS B 7 0.51 -9.46 -20.96
N PRO B 8 1.34 -10.34 -20.32
CA PRO B 8 1.82 -10.14 -18.93
C PRO B 8 2.75 -8.90 -18.80
N LEU B 9 2.96 -8.46 -17.56
CA LEU B 9 3.91 -7.38 -17.24
C LEU B 9 5.36 -7.84 -17.53
N SER B 10 6.21 -6.91 -18.03
CA SER B 10 7.63 -7.15 -18.34
C SER B 10 8.46 -7.34 -17.04
N TYR B 11 9.78 -7.64 -17.20
CA TYR B 11 10.69 -7.86 -16.07
C TYR B 11 10.73 -6.63 -15.15
N ALA B 12 11.02 -5.46 -15.76
CA ALA B 12 11.12 -4.18 -15.05
C ALA B 12 9.78 -3.78 -14.37
N GLU B 13 8.66 -4.17 -15.01
CA GLU B 13 7.30 -3.95 -14.48
C GLU B 13 7.06 -4.83 -13.24
N LYS B 14 7.54 -6.07 -13.30
CA LYS B 14 7.44 -7.04 -12.19
C LYS B 14 8.33 -6.61 -11.02
N GLU B 15 9.49 -5.99 -11.34
CA GLU B 15 10.42 -5.50 -10.33
C GLU B 15 9.78 -4.37 -9.54
N LYS B 16 9.32 -3.33 -10.27
CA LYS B 16 8.69 -2.15 -9.66
C LYS B 16 7.41 -2.54 -8.89
N LEU B 17 6.73 -3.60 -9.36
CA LEU B 17 5.48 -4.08 -8.77
C LEU B 17 5.73 -4.82 -7.44
N LYS B 18 6.75 -5.71 -7.40
CA LYS B 18 7.02 -6.51 -6.19
C LYS B 18 7.54 -5.61 -5.05
N GLU B 19 8.38 -4.61 -5.40
CA GLU B 19 8.90 -3.63 -4.44
C GLU B 19 7.84 -2.59 -4.08
N LYS B 20 6.85 -2.37 -5.00
CA LYS B 20 5.64 -1.59 -4.68
C LYS B 20 4.85 -2.25 -3.56
N LEU B 21 4.57 -3.57 -3.72
CA LEU B 21 3.78 -4.36 -2.76
C LEU B 21 4.44 -4.31 -1.37
N ALA B 22 5.78 -4.47 -1.36
CA ALA B 22 6.59 -4.45 -0.13
C ALA B 22 6.64 -3.05 0.50
N PHE B 23 6.74 -2.01 -0.34
CA PHE B 23 6.88 -0.60 0.10
C PHE B 23 5.58 -0.13 0.79
N LEU B 24 4.45 -0.30 0.09
CA LEU B 24 3.14 0.10 0.60
C LEU B 24 2.73 -0.76 1.81
N LYS B 25 3.20 -2.05 1.83
CA LYS B 25 2.95 -3.00 2.93
C LYS B 25 3.62 -2.54 4.24
N LYS B 26 4.93 -2.27 4.17
CA LYS B 26 5.73 -1.93 5.35
C LYS B 26 5.24 -0.61 5.95
N GLU B 27 4.96 0.39 5.07
CA GLU B 27 4.48 1.71 5.51
C GLU B 27 3.03 1.61 6.03
N TYR B 28 2.22 0.70 5.43
CA TYR B 28 0.82 0.45 5.86
C TYR B 28 0.82 0.00 7.32
N SER B 29 1.64 -1.01 7.63
CA SER B 29 1.71 -1.60 8.98
C SER B 29 2.17 -0.55 10.02
N ARG B 30 3.21 0.22 9.67
CA ARG B 30 3.81 1.24 10.54
C ARG B 30 2.87 2.44 10.75
N THR B 31 2.36 3.00 9.64
CA THR B 31 1.60 4.25 9.66
C THR B 31 0.16 4.04 10.16
N LEU B 32 -0.40 2.83 9.96
CA LEU B 32 -1.68 2.44 10.57
C LEU B 32 -1.46 2.31 12.09
N ALA B 33 -0.36 1.64 12.49
CA ALA B 33 0.00 1.46 13.91
C ALA B 33 0.07 2.80 14.66
N ARG B 34 0.79 3.78 14.07
CA ARG B 34 1.01 5.10 14.68
C ARG B 34 -0.26 5.97 14.62
N LEU B 35 -1.09 5.76 13.57
CA LEU B 35 -2.44 6.36 13.45
C LEU B 35 -3.28 5.94 14.66
N GLN B 36 -3.19 4.64 15.01
CA GLN B 36 -3.89 4.08 16.17
C GLN B 36 -3.30 4.65 17.47
N ARG B 37 -1.96 4.69 17.58
CA ARG B 37 -1.26 5.21 18.80
C ARG B 37 -1.63 6.69 19.09
N ALA B 38 -1.93 7.42 18.01
CA ALA B 38 -2.38 8.82 18.09
C ALA B 38 -3.83 8.91 18.66
N LYS B 39 -4.76 8.20 18.00
CA LYS B 39 -6.21 8.28 18.31
C LYS B 39 -6.64 7.48 19.56
N ARG B 40 -5.89 6.41 19.88
CA ARG B 40 -6.17 5.52 21.02
C ARG B 40 -5.66 6.12 22.34
N ALA B 41 -4.43 6.64 22.32
CA ALA B 41 -3.80 7.26 23.50
C ALA B 41 -4.35 8.67 23.74
N GLU B 42 -4.24 9.53 22.69
CA GLU B 42 -4.63 10.96 22.72
C GLU B 42 -3.90 11.74 23.85
N LYS B 43 -2.72 11.20 24.24
CA LYS B 43 -1.81 11.76 25.29
C LYS B 43 -1.60 13.28 25.13
N ALA B 44 -1.53 13.69 23.87
CA ALA B 44 -1.46 15.07 23.45
C ALA B 44 -2.69 15.29 22.57
N LYS B 45 -3.80 15.68 23.22
CA LYS B 45 -5.07 15.99 22.55
C LYS B 45 -4.87 17.07 21.44
N ASN B 46 -4.11 18.12 21.82
CA ASN B 46 -3.78 19.27 20.95
C ASN B 46 -5.02 19.84 20.24
N SER B 47 -6.13 19.89 20.99
CA SER B 47 -7.39 20.49 20.53
C SER B 47 -7.21 22.02 20.43
N LYS B 48 -6.73 22.45 19.26
CA LYS B 48 -6.37 23.82 18.94
C LYS B 48 -6.61 24.03 17.45
N LYS B 49 -7.54 24.94 17.14
CA LYS B 49 -8.05 25.15 15.79
C LYS B 49 -7.05 25.93 14.94
N ALA B 50 -6.77 25.42 13.73
CA ALA B 50 -5.85 26.05 12.78
C ALA B 50 -6.57 27.24 12.11
N ILE B 51 -5.99 28.44 12.24
CA ILE B 51 -6.58 29.70 11.73
C ILE B 51 -6.52 29.80 10.18
N GLU B 52 -5.81 28.86 9.57
CA GLU B 52 -5.69 28.73 8.10
C GLU B 52 -6.88 27.92 7.53
N ASP B 53 -7.24 28.20 6.27
CA ASP B 53 -8.26 27.43 5.51
C ASP B 53 -7.65 26.96 4.18
N GLY B 54 -8.04 25.75 3.74
CA GLY B 54 -7.64 25.19 2.45
C GLY B 54 -8.84 24.96 1.54
N VAL B 55 -9.79 25.93 1.58
CA VAL B 55 -11.05 25.86 0.83
C VAL B 55 -10.78 25.84 -0.70
N PRO B 56 -11.33 24.82 -1.45
CA PRO B 56 -11.17 24.74 -2.92
C PRO B 56 -12.13 25.67 -3.67
N GLN B 57 -11.95 25.78 -4.99
CA GLN B 57 -12.87 26.48 -5.88
C GLN B 57 -14.07 25.54 -6.15
N PRO B 58 -15.33 25.95 -5.81
CA PRO B 58 -16.55 25.10 -5.98
C PRO B 58 -16.76 24.61 -7.42
N GLU B 59 -16.39 25.46 -8.40
CA GLU B 59 -16.49 25.12 -9.83
C GLU B 59 -15.40 25.86 -10.64
N ALA B 60 -15.55 27.20 -10.75
CA ALA B 60 -14.68 28.08 -11.58
C ALA B 60 -14.62 27.59 -13.04
N LEU B 61 -15.73 27.80 -13.78
CA LEU B 61 -15.89 27.31 -15.17
C LEU B 61 -16.16 28.49 -16.12
N GLU B 62 -15.89 28.26 -17.43
CA GLU B 62 -16.19 29.21 -18.50
C GLU B 62 -17.71 29.59 -18.54
N MET A 1 10.03 13.67 7.79
CA MET A 1 8.80 14.06 7.05
C MET A 1 7.85 14.84 7.98
N GLU A 2 6.64 15.18 7.47
CA GLU A 2 5.58 15.83 8.27
C GLU A 2 5.00 14.81 9.26
N GLU A 3 5.61 14.75 10.43
CA GLU A 3 5.33 13.73 11.47
C GLU A 3 5.08 14.42 12.82
N LEU A 4 4.32 13.73 13.68
CA LEU A 4 3.76 14.30 14.92
C LEU A 4 4.89 14.51 15.94
N SER A 5 5.25 15.77 16.16
CA SER A 5 6.26 16.17 17.16
C SER A 5 5.54 16.74 18.39
N GLY A 6 5.39 15.91 19.44
CA GLY A 6 4.73 16.31 20.68
C GLY A 6 3.21 16.21 20.60
N LYS A 7 2.62 17.03 19.71
CA LYS A 7 1.17 17.10 19.48
C LYS A 7 0.71 15.91 18.59
N PRO A 8 -0.61 15.51 18.63
CA PRO A 8 -1.13 14.43 17.77
C PRO A 8 -1.34 14.89 16.31
N LEU A 9 -2.02 14.04 15.53
CA LEU A 9 -2.38 14.36 14.13
C LEU A 9 -3.57 15.29 14.08
N SER A 10 -3.65 16.09 13.02
CA SER A 10 -4.81 16.93 12.74
C SER A 10 -5.82 16.15 11.91
N TYR A 11 -6.99 16.77 11.67
CA TYR A 11 -8.06 16.20 10.83
C TYR A 11 -7.53 15.96 9.40
N ALA A 12 -6.69 16.90 8.93
CA ALA A 12 -6.05 16.85 7.61
C ALA A 12 -5.15 15.61 7.49
N GLU A 13 -4.27 15.42 8.49
CA GLU A 13 -3.34 14.28 8.56
C GLU A 13 -4.10 12.95 8.64
N LYS A 14 -5.20 12.94 9.41
CA LYS A 14 -6.01 11.75 9.66
C LYS A 14 -6.67 11.27 8.35
N GLU A 15 -7.27 12.22 7.60
CA GLU A 15 -8.03 11.88 6.38
C GLU A 15 -7.09 11.47 5.24
N LYS A 16 -5.94 12.18 5.09
CA LYS A 16 -4.96 11.88 4.03
C LYS A 16 -4.29 10.52 4.29
N LEU A 17 -4.16 10.16 5.58
CA LEU A 17 -3.53 8.91 6.00
C LEU A 17 -4.49 7.72 5.74
N LYS A 18 -5.76 7.83 6.15
CA LYS A 18 -6.74 6.72 6.00
C LYS A 18 -7.05 6.47 4.52
N GLU A 19 -7.07 7.55 3.69
CA GLU A 19 -7.32 7.44 2.24
C GLU A 19 -6.07 6.86 1.57
N LYS A 20 -4.87 7.17 2.13
CA LYS A 20 -3.60 6.55 1.73
C LYS A 20 -3.67 5.03 1.90
N LEU A 21 -4.12 4.59 3.10
CA LEU A 21 -4.22 3.16 3.45
C LEU A 21 -5.15 2.44 2.48
N ALA A 22 -6.31 3.07 2.20
CA ALA A 22 -7.34 2.54 1.28
C ALA A 22 -6.86 2.55 -0.18
N PHE A 23 -6.02 3.55 -0.53
CA PHE A 23 -5.52 3.74 -1.91
C PHE A 23 -4.48 2.68 -2.24
N LEU A 24 -3.45 2.58 -1.39
CA LEU A 24 -2.37 1.62 -1.57
C LEU A 24 -2.91 0.19 -1.44
N LYS A 25 -3.97 0.00 -0.61
CA LYS A 25 -4.64 -1.30 -0.41
C LYS A 25 -5.46 -1.73 -1.64
N LYS A 26 -6.18 -0.77 -2.27
CA LYS A 26 -7.06 -1.10 -3.41
C LYS A 26 -6.20 -1.54 -4.61
N GLU A 27 -5.11 -0.78 -4.87
CA GLU A 27 -4.18 -1.10 -5.95
C GLU A 27 -3.34 -2.32 -5.59
N TYR A 28 -3.00 -2.49 -4.28
CA TYR A 28 -2.26 -3.68 -3.78
C TYR A 28 -2.98 -4.97 -4.15
N SER A 29 -4.28 -5.02 -3.78
CA SER A 29 -5.11 -6.21 -3.95
C SER A 29 -5.27 -6.55 -5.44
N ARG A 30 -5.58 -5.53 -6.26
CA ARG A 30 -5.81 -5.69 -7.70
C ARG A 30 -4.51 -6.05 -8.45
N THR A 31 -3.44 -5.30 -8.16
CA THR A 31 -2.17 -5.44 -8.90
C THR A 31 -1.39 -6.70 -8.48
N LEU A 32 -1.58 -7.12 -7.22
CA LEU A 32 -1.08 -8.43 -6.74
C LEU A 32 -1.86 -9.55 -7.44
N ALA A 33 -3.19 -9.36 -7.61
CA ALA A 33 -4.06 -10.34 -8.29
C ALA A 33 -3.58 -10.62 -9.72
N ARG A 34 -3.35 -9.54 -10.51
CA ARG A 34 -2.90 -9.63 -11.93
C ARG A 34 -1.45 -10.18 -12.00
N LEU A 35 -0.63 -9.82 -10.98
CA LEU A 35 0.74 -10.34 -10.81
C LEU A 35 0.69 -11.88 -10.67
N GLN A 36 -0.26 -12.38 -9.84
CA GLN A 36 -0.43 -13.82 -9.59
C GLN A 36 -0.98 -14.52 -10.84
N ARG A 37 -1.88 -13.85 -11.57
CA ARG A 37 -2.48 -14.41 -12.81
C ARG A 37 -1.42 -14.54 -13.93
N ALA A 38 -0.36 -13.69 -13.86
CA ALA A 38 0.80 -13.80 -14.75
C ALA A 38 1.73 -14.95 -14.30
N LYS A 39 2.27 -14.83 -13.08
CA LYS A 39 3.40 -15.65 -12.58
C LYS A 39 2.98 -17.08 -12.14
N ARG A 40 1.77 -17.22 -11.58
CA ARG A 40 1.22 -18.53 -11.16
C ARG A 40 0.66 -19.31 -12.35
N ALA A 41 -0.23 -18.67 -13.13
CA ALA A 41 -0.93 -19.34 -14.25
C ALA A 41 0.04 -19.80 -15.34
N GLU A 42 0.97 -18.87 -15.74
CA GLU A 42 2.01 -19.12 -16.78
C GLU A 42 1.38 -19.66 -18.08
N LYS A 43 0.18 -19.13 -18.38
CA LYS A 43 -0.55 -19.33 -19.66
C LYS A 43 0.31 -19.02 -20.89
N ALA A 44 1.21 -18.02 -20.75
CA ALA A 44 2.10 -17.58 -21.85
C ALA A 44 3.47 -18.31 -21.82
N LYS A 45 3.59 -19.34 -20.97
CA LYS A 45 4.78 -20.22 -20.91
C LYS A 45 4.53 -21.48 -21.78
N ASN A 46 3.24 -21.89 -21.87
CA ASN A 46 2.78 -23.16 -22.47
C ASN A 46 3.09 -24.34 -21.54
N SER A 47 4.38 -24.72 -21.45
CA SER A 47 4.85 -25.82 -20.57
C SER A 47 4.70 -25.38 -19.10
N LYS A 48 3.58 -25.78 -18.48
CA LYS A 48 3.19 -25.37 -17.13
C LYS A 48 3.32 -26.55 -16.14
N LYS A 49 3.92 -26.27 -14.97
CA LYS A 49 4.10 -27.23 -13.86
C LYS A 49 3.00 -27.03 -12.81
N ALA A 50 2.32 -28.12 -12.44
CA ALA A 50 1.36 -28.14 -11.34
C ALA A 50 2.09 -27.89 -10.01
N ILE A 51 1.82 -26.72 -9.40
CA ILE A 51 2.48 -26.30 -8.12
C ILE A 51 1.86 -27.04 -6.91
N GLU A 52 0.75 -27.75 -7.15
CA GLU A 52 0.00 -28.45 -6.10
C GLU A 52 0.65 -29.79 -5.71
N ASP A 53 0.94 -29.95 -4.41
CA ASP A 53 1.41 -31.19 -3.82
C ASP A 53 0.36 -31.65 -2.81
N GLY A 54 -0.32 -32.76 -3.10
CA GLY A 54 -1.46 -33.23 -2.30
C GLY A 54 -1.04 -34.08 -1.10
N VAL A 55 -0.22 -33.51 -0.20
CA VAL A 55 0.23 -34.23 1.01
C VAL A 55 -0.88 -34.19 2.09
N PRO A 56 -1.31 -35.39 2.63
CA PRO A 56 -2.28 -35.45 3.74
C PRO A 56 -1.61 -35.11 5.10
N GLN A 57 -2.39 -35.27 6.19
CA GLN A 57 -1.92 -34.98 7.56
C GLN A 57 -0.89 -36.06 7.99
N PRO A 58 0.15 -35.70 8.81
CA PRO A 58 1.21 -36.66 9.27
C PRO A 58 0.60 -37.88 10.01
N GLU A 59 -0.22 -37.62 11.03
CA GLU A 59 -0.98 -38.65 11.76
C GLU A 59 -2.24 -38.02 12.39
N ALA A 60 -2.00 -37.01 13.25
CA ALA A 60 -3.04 -36.29 13.97
C ALA A 60 -2.51 -34.93 14.44
N LEU A 61 -3.42 -34.05 14.89
CA LEU A 61 -3.06 -32.70 15.39
C LEU A 61 -4.01 -32.25 16.52
N GLU A 62 -4.80 -33.18 17.08
CA GLU A 62 -5.73 -32.88 18.18
C GLU A 62 -4.98 -33.05 19.53
N MET B 1 -2.59 2.99 -15.35
CA MET B 1 -1.58 1.95 -15.65
C MET B 1 -1.63 1.59 -17.15
N GLU B 2 -0.61 0.86 -17.62
CA GLU B 2 -0.55 0.37 -19.00
C GLU B 2 -0.71 -1.16 -19.00
N GLU B 3 -1.83 -1.61 -19.55
CA GLU B 3 -2.10 -3.03 -19.79
C GLU B 3 -1.51 -3.40 -21.16
N LEU B 4 -0.74 -4.50 -21.24
CA LEU B 4 -0.10 -4.95 -22.50
C LEU B 4 -1.14 -5.58 -23.46
N SER B 5 -0.69 -5.98 -24.67
CA SER B 5 -1.57 -6.51 -25.74
C SER B 5 -2.01 -7.98 -25.51
N GLY B 6 -1.81 -8.50 -24.28
CA GLY B 6 -2.15 -9.88 -23.92
C GLY B 6 -0.95 -10.62 -23.37
N LYS B 7 0.25 -10.07 -23.64
CA LYS B 7 1.52 -10.63 -23.13
C LYS B 7 1.63 -10.39 -21.60
N PRO B 8 2.36 -11.29 -20.86
CA PRO B 8 2.63 -11.10 -19.43
C PRO B 8 3.63 -9.94 -19.22
N LEU B 9 3.68 -9.43 -17.99
CA LEU B 9 4.58 -8.33 -17.62
C LEU B 9 6.07 -8.73 -17.80
N SER B 10 6.91 -7.75 -18.15
CA SER B 10 8.35 -7.95 -18.31
C SER B 10 9.03 -8.08 -16.93
N TYR B 11 10.33 -8.41 -16.94
CA TYR B 11 11.15 -8.52 -15.72
C TYR B 11 11.14 -7.18 -14.95
N ALA B 12 11.16 -6.07 -15.73
CA ALA B 12 11.12 -4.70 -15.22
C ALA B 12 9.81 -4.44 -14.47
N GLU B 13 8.68 -4.76 -15.14
CA GLU B 13 7.33 -4.60 -14.56
C GLU B 13 7.16 -5.47 -13.31
N LYS B 14 7.72 -6.69 -13.33
CA LYS B 14 7.60 -7.66 -12.24
C LYS B 14 8.30 -7.14 -10.97
N GLU B 15 9.54 -6.65 -11.14
CA GLU B 15 10.37 -6.19 -10.01
C GLU B 15 9.83 -4.88 -9.42
N LYS B 16 9.40 -3.93 -10.28
CA LYS B 16 8.87 -2.63 -9.83
C LYS B 16 7.52 -2.83 -9.11
N LEU B 17 6.78 -3.87 -9.52
CA LEU B 17 5.47 -4.18 -8.95
C LEU B 17 5.61 -4.83 -7.56
N LYS B 18 6.50 -5.85 -7.44
CA LYS B 18 6.67 -6.57 -6.16
C LYS B 18 7.32 -5.65 -5.08
N GLU B 19 8.21 -4.72 -5.53
CA GLU B 19 8.85 -3.76 -4.61
C GLU B 19 7.83 -2.68 -4.23
N LYS B 20 6.88 -2.37 -5.16
CA LYS B 20 5.72 -1.52 -4.87
C LYS B 20 4.90 -2.11 -3.73
N LEU B 21 4.57 -3.42 -3.85
CA LEU B 21 3.75 -4.14 -2.86
C LEU B 21 4.41 -4.10 -1.48
N ALA B 22 5.72 -4.35 -1.46
CA ALA B 22 6.54 -4.37 -0.22
C ALA B 22 6.71 -2.95 0.35
N PHE B 23 6.73 -1.93 -0.54
CA PHE B 23 6.93 -0.52 -0.15
C PHE B 23 5.67 0.03 0.52
N LEU B 24 4.54 -0.07 -0.19
CA LEU B 24 3.26 0.41 0.31
C LEU B 24 2.85 -0.38 1.56
N LYS B 25 3.24 -1.68 1.63
CA LYS B 25 2.98 -2.56 2.78
C LYS B 25 3.80 -2.17 4.01
N LYS B 26 5.10 -1.82 3.82
CA LYS B 26 6.00 -1.51 4.95
C LYS B 26 5.52 -0.21 5.64
N GLU B 27 5.21 0.82 4.80
CA GLU B 27 4.71 2.09 5.30
C GLU B 27 3.27 1.95 5.81
N TYR B 28 2.46 1.07 5.17
CA TYR B 28 1.06 0.77 5.62
C TYR B 28 1.04 0.31 7.06
N SER B 29 1.85 -0.73 7.36
CA SER B 29 1.90 -1.38 8.66
C SER B 29 2.37 -0.40 9.75
N ARG B 30 3.45 0.36 9.45
CA ARG B 30 4.05 1.32 10.40
C ARG B 30 3.14 2.55 10.63
N THR B 31 2.61 3.11 9.53
CA THR B 31 1.83 4.36 9.59
C THR B 31 0.41 4.12 10.13
N LEU B 32 -0.12 2.90 9.89
CA LEU B 32 -1.38 2.45 10.51
C LEU B 32 -1.15 2.26 12.00
N ALA B 33 0.02 1.70 12.38
CA ALA B 33 0.40 1.47 13.78
C ALA B 33 0.39 2.79 14.59
N ARG B 34 1.08 3.83 14.05
CA ARG B 34 1.18 5.16 14.70
C ARG B 34 -0.19 5.87 14.71
N LEU B 35 -0.99 5.63 13.63
CA LEU B 35 -2.36 6.12 13.49
C LEU B 35 -3.22 5.58 14.65
N GLN B 36 -3.06 4.26 14.95
CA GLN B 36 -3.80 3.58 16.02
C GLN B 36 -3.33 4.06 17.40
N ARG B 37 -2.01 4.31 17.55
CA ARG B 37 -1.43 4.79 18.82
C ARG B 37 -1.91 6.23 19.15
N ALA B 38 -2.28 6.98 18.10
CA ALA B 38 -2.91 8.31 18.26
C ALA B 38 -4.40 8.16 18.64
N LYS B 39 -5.18 7.54 17.72
CA LYS B 39 -6.66 7.55 17.75
C LYS B 39 -7.28 6.58 18.78
N ARG B 40 -6.63 5.44 19.02
CA ARG B 40 -7.09 4.44 20.02
C ARG B 40 -6.68 4.83 21.45
N ALA B 41 -5.38 5.15 21.63
CA ALA B 41 -4.80 5.43 22.95
C ALA B 41 -5.39 6.73 23.55
N GLU B 42 -5.44 7.80 22.70
CA GLU B 42 -6.00 9.13 23.05
C GLU B 42 -5.37 9.71 24.32
N LYS B 43 -4.06 9.47 24.46
CA LYS B 43 -3.19 10.09 25.49
C LYS B 43 -3.31 11.65 25.47
N ALA B 44 -3.51 12.20 24.26
CA ALA B 44 -3.64 13.65 24.04
C ALA B 44 -4.98 14.18 24.59
N LYS B 45 -6.06 13.39 24.41
CA LYS B 45 -7.39 13.75 24.93
C LYS B 45 -7.45 13.49 26.45
N ASN B 46 -7.29 12.19 26.81
CA ASN B 46 -7.18 11.68 28.20
C ASN B 46 -8.56 11.61 28.91
N SER B 47 -9.56 12.36 28.40
CA SER B 47 -10.93 12.38 28.96
C SER B 47 -11.82 11.32 28.29
N LYS B 48 -11.21 10.40 27.51
CA LYS B 48 -11.94 9.29 26.88
C LYS B 48 -11.94 8.06 27.80
N LYS B 49 -13.05 7.32 27.76
CA LYS B 49 -13.24 6.06 28.48
C LYS B 49 -12.49 4.91 27.75
N ALA B 50 -12.58 3.67 28.29
CA ALA B 50 -11.98 2.49 27.65
C ALA B 50 -12.67 2.22 26.30
N ILE B 51 -11.88 2.24 25.20
CA ILE B 51 -12.38 2.06 23.81
C ILE B 51 -12.51 0.57 23.42
N GLU B 52 -12.62 -0.28 24.44
CA GLU B 52 -12.67 -1.74 24.31
C GLU B 52 -13.89 -2.29 25.09
N ASP B 53 -14.06 -3.61 25.05
CA ASP B 53 -15.14 -4.33 25.75
C ASP B 53 -14.82 -5.83 25.75
N GLY B 54 -15.22 -6.53 26.83
CA GLY B 54 -14.94 -7.96 26.98
C GLY B 54 -16.09 -8.70 27.63
N VAL B 55 -17.31 -8.51 27.09
CA VAL B 55 -18.51 -9.25 27.54
C VAL B 55 -18.40 -10.73 27.08
N PRO B 56 -18.69 -11.75 27.96
CA PRO B 56 -18.67 -13.19 27.59
C PRO B 56 -19.81 -13.57 26.62
N GLN B 57 -20.00 -14.89 26.42
CA GLN B 57 -21.06 -15.44 25.57
C GLN B 57 -22.42 -15.17 26.26
N PRO B 58 -23.48 -14.69 25.52
CA PRO B 58 -24.83 -14.45 26.11
C PRO B 58 -25.35 -15.68 26.88
N GLU B 59 -25.17 -16.87 26.27
CA GLU B 59 -25.38 -18.16 26.93
C GLU B 59 -24.14 -19.04 26.68
N ALA B 60 -24.05 -19.59 25.45
CA ALA B 60 -22.98 -20.49 24.99
C ALA B 60 -23.39 -21.04 23.62
N LEU B 61 -22.42 -21.22 22.72
CA LEU B 61 -22.66 -21.79 21.38
C LEU B 61 -21.46 -22.62 20.91
N GLU B 62 -20.59 -23.01 21.86
CA GLU B 62 -19.41 -23.85 21.60
C GLU B 62 -19.78 -25.33 21.84
N MET A 1 6.43 25.72 14.14
CA MET A 1 7.42 25.62 13.03
C MET A 1 8.71 24.97 13.55
N GLU A 2 8.68 23.63 13.60
CA GLU A 2 9.80 22.79 14.07
C GLU A 2 9.89 21.53 13.17
N GLU A 3 9.25 20.44 13.59
CA GLU A 3 9.33 19.13 12.95
C GLU A 3 8.30 18.19 13.60
N LEU A 4 7.61 17.37 12.80
CA LEU A 4 6.64 16.38 13.29
C LEU A 4 7.38 15.13 13.84
N SER A 5 8.05 15.34 14.98
CA SER A 5 8.94 14.34 15.61
C SER A 5 8.15 13.49 16.63
N GLY A 6 7.69 14.13 17.72
CA GLY A 6 7.06 13.45 18.85
C GLY A 6 5.73 14.05 19.26
N LYS A 7 4.99 14.55 18.26
CA LYS A 7 3.62 15.08 18.45
C LYS A 7 2.65 14.33 17.51
N PRO A 8 1.32 14.32 17.82
CA PRO A 8 0.29 13.68 16.95
C PRO A 8 0.19 14.34 15.56
N LEU A 9 -0.36 13.58 14.61
CA LEU A 9 -0.65 14.07 13.26
C LEU A 9 -1.84 15.03 13.27
N SER A 10 -1.86 15.99 12.34
CA SER A 10 -2.96 16.95 12.18
C SER A 10 -4.16 16.27 11.49
N TYR A 11 -5.28 17.01 11.37
CA TYR A 11 -6.51 16.50 10.76
C TYR A 11 -6.26 16.10 9.29
N ALA A 12 -5.69 17.04 8.51
CA ALA A 12 -5.38 16.84 7.08
C ALA A 12 -4.37 15.70 6.87
N GLU A 13 -3.45 15.53 7.85
CA GLU A 13 -2.46 14.44 7.85
C GLU A 13 -3.17 13.08 8.02
N LYS A 14 -4.14 13.04 8.94
CA LYS A 14 -4.96 11.83 9.21
C LYS A 14 -5.80 11.45 7.97
N GLU A 15 -6.31 12.48 7.26
CA GLU A 15 -7.16 12.29 6.07
C GLU A 15 -6.37 11.70 4.90
N LYS A 16 -5.21 12.31 4.61
CA LYS A 16 -4.30 11.81 3.55
C LYS A 16 -3.76 10.42 3.91
N LEU A 17 -3.66 10.15 5.22
CA LEU A 17 -3.15 8.86 5.74
C LEU A 17 -4.19 7.74 5.55
N LYS A 18 -5.46 8.00 5.93
CA LYS A 18 -6.52 6.97 5.89
C LYS A 18 -6.89 6.63 4.42
N GLU A 19 -6.87 7.67 3.54
CA GLU A 19 -7.10 7.48 2.10
C GLU A 19 -5.92 6.74 1.48
N LYS A 20 -4.70 6.99 2.02
CA LYS A 20 -3.47 6.25 1.67
C LYS A 20 -3.66 4.74 1.94
N LEU A 21 -4.12 4.40 3.16
CA LEU A 21 -4.30 3.01 3.62
C LEU A 21 -5.24 2.25 2.66
N ALA A 22 -6.41 2.86 2.38
CA ALA A 22 -7.44 2.29 1.50
C ALA A 22 -6.95 2.19 0.03
N PHE A 23 -6.23 3.23 -0.42
CA PHE A 23 -5.74 3.34 -1.81
C PHE A 23 -4.72 2.24 -2.11
N LEU A 24 -3.67 2.17 -1.29
CA LEU A 24 -2.61 1.17 -1.44
C LEU A 24 -3.15 -0.25 -1.24
N LYS A 25 -4.18 -0.38 -0.37
CA LYS A 25 -4.84 -1.67 -0.07
C LYS A 25 -5.53 -2.27 -1.31
N LYS A 26 -6.39 -1.47 -1.96
CA LYS A 26 -7.20 -1.95 -3.10
C LYS A 26 -6.33 -2.24 -4.32
N GLU A 27 -5.33 -1.35 -4.57
CA GLU A 27 -4.37 -1.57 -5.66
C GLU A 27 -3.55 -2.82 -5.35
N TYR A 28 -3.09 -2.98 -4.08
CA TYR A 28 -2.24 -4.11 -3.63
C TYR A 28 -2.89 -5.45 -3.99
N SER A 29 -4.16 -5.60 -3.59
CA SER A 29 -4.90 -6.86 -3.78
C SER A 29 -5.04 -7.19 -5.28
N ARG A 30 -5.49 -6.20 -6.08
CA ARG A 30 -5.73 -6.40 -7.53
C ARG A 30 -4.43 -6.52 -8.35
N THR A 31 -3.43 -5.72 -8.00
CA THR A 31 -2.15 -5.63 -8.75
C THR A 31 -1.24 -6.82 -8.44
N LEU A 32 -1.30 -7.30 -7.18
CA LEU A 32 -0.62 -8.53 -6.77
C LEU A 32 -1.29 -9.70 -7.50
N ALA A 33 -2.65 -9.66 -7.54
CA ALA A 33 -3.47 -10.68 -8.21
C ALA A 33 -3.03 -10.88 -9.67
N ARG A 34 -2.99 -9.76 -10.43
CA ARG A 34 -2.67 -9.77 -11.87
C ARG A 34 -1.20 -10.12 -12.14
N LEU A 35 -0.30 -9.75 -11.19
CA LEU A 35 1.12 -10.17 -11.23
C LEU A 35 1.20 -11.71 -11.15
N GLN A 36 0.44 -12.29 -10.18
CA GLN A 36 0.40 -13.75 -9.97
C GLN A 36 -0.26 -14.47 -11.16
N ARG A 37 -1.27 -13.82 -11.77
CA ARG A 37 -1.98 -14.36 -12.95
C ARG A 37 -1.06 -14.42 -14.17
N ALA A 38 -0.23 -13.39 -14.33
CA ALA A 38 0.72 -13.27 -15.46
C ALA A 38 1.82 -14.34 -15.39
N LYS A 39 2.41 -14.48 -14.19
CA LYS A 39 3.54 -15.41 -13.96
C LYS A 39 3.06 -16.87 -13.91
N ARG A 40 1.82 -17.12 -13.42
CA ARG A 40 1.21 -18.46 -13.39
C ARG A 40 0.62 -18.87 -14.75
N ALA A 41 0.23 -17.89 -15.57
CA ALA A 41 -0.25 -18.13 -16.94
C ALA A 41 0.90 -18.66 -17.81
N GLU A 42 2.08 -18.06 -17.60
CA GLU A 42 3.39 -18.56 -18.11
C GLU A 42 3.59 -18.39 -19.64
N LYS A 43 2.50 -18.19 -20.41
CA LYS A 43 2.52 -18.08 -21.91
C LYS A 43 3.53 -17.02 -22.42
N ALA A 44 3.85 -16.04 -21.53
CA ALA A 44 4.85 -14.98 -21.79
C ALA A 44 6.28 -15.52 -22.02
N LYS A 45 6.49 -16.86 -21.83
CA LYS A 45 7.77 -17.55 -22.11
C LYS A 45 8.13 -17.57 -23.61
N ASN A 46 7.19 -17.11 -24.45
CA ASN A 46 7.28 -17.17 -25.93
C ASN A 46 7.10 -18.63 -26.37
N SER A 47 5.82 -19.02 -26.49
CA SER A 47 5.40 -20.33 -27.03
C SER A 47 5.80 -20.49 -28.52
N LYS A 48 5.27 -21.54 -29.18
CA LYS A 48 5.59 -21.85 -30.58
C LYS A 48 5.13 -20.71 -31.52
N LYS A 49 6.06 -19.77 -31.74
CA LYS A 49 5.92 -18.63 -32.65
C LYS A 49 7.00 -18.71 -33.72
N ALA A 50 6.69 -18.15 -34.91
CA ALA A 50 7.67 -18.06 -36.01
C ALA A 50 8.67 -16.92 -35.73
N ILE A 51 9.72 -16.82 -36.57
CA ILE A 51 10.84 -15.85 -36.39
C ILE A 51 10.34 -14.38 -36.46
N GLU A 52 9.20 -14.18 -37.13
CA GLU A 52 8.37 -12.96 -37.05
C GLU A 52 6.89 -13.36 -37.30
N ASP A 53 5.98 -12.38 -37.42
CA ASP A 53 4.56 -12.66 -37.72
C ASP A 53 3.96 -11.54 -38.59
N GLY A 54 4.20 -11.64 -39.92
CA GLY A 54 3.57 -10.77 -40.93
C GLY A 54 3.76 -9.27 -40.70
N VAL A 55 4.81 -8.92 -39.95
CA VAL A 55 5.01 -7.56 -39.42
C VAL A 55 5.68 -6.65 -40.48
N PRO A 56 5.01 -5.52 -40.88
CA PRO A 56 5.59 -4.54 -41.80
C PRO A 56 6.32 -3.40 -41.05
N GLN A 57 6.64 -2.32 -41.78
CA GLN A 57 7.20 -1.09 -41.20
C GLN A 57 6.03 -0.24 -40.65
N PRO A 58 5.93 -0.08 -39.29
CA PRO A 58 4.75 0.55 -38.62
C PRO A 58 4.58 2.05 -38.94
N GLU A 59 5.64 2.83 -38.73
CA GLU A 59 5.59 4.31 -38.81
C GLU A 59 6.29 4.81 -40.08
N ALA A 60 7.62 4.74 -40.11
CA ALA A 60 8.44 5.32 -41.19
C ALA A 60 9.00 4.21 -42.10
N LEU A 61 8.49 4.16 -43.34
CA LEU A 61 8.93 3.21 -44.37
C LEU A 61 10.15 3.81 -45.10
N GLU A 62 9.96 5.04 -45.60
CA GLU A 62 10.96 5.76 -46.38
C GLU A 62 10.70 7.28 -46.27
N MET B 1 5.40 -2.01 -28.62
CA MET B 1 4.53 -1.12 -27.83
C MET B 1 3.12 -1.70 -27.79
N GLU B 2 2.77 -2.31 -26.65
CA GLU B 2 1.44 -2.89 -26.44
C GLU B 2 0.65 -1.95 -25.53
N GLU B 3 -0.57 -1.61 -25.97
CA GLU B 3 -1.47 -0.70 -25.24
C GLU B 3 -2.05 -1.42 -24.00
N LEU B 4 -2.61 -0.65 -23.04
CA LEU B 4 -3.23 -1.20 -21.81
C LEU B 4 -4.33 -2.22 -22.17
N SER B 5 -4.04 -3.50 -21.91
CA SER B 5 -4.87 -4.63 -22.35
C SER B 5 -4.56 -5.87 -21.49
N GLY B 6 -5.08 -7.05 -21.88
CA GLY B 6 -4.81 -8.31 -21.18
C GLY B 6 -3.49 -8.98 -21.60
N LYS B 7 -2.43 -8.16 -21.71
CA LYS B 7 -1.06 -8.62 -22.08
C LYS B 7 -0.23 -8.78 -20.78
N PRO B 8 0.83 -9.64 -20.76
CA PRO B 8 1.69 -9.80 -19.57
C PRO B 8 2.57 -8.56 -19.34
N LEU B 9 2.87 -8.27 -18.06
CA LEU B 9 3.77 -7.16 -17.67
C LEU B 9 5.24 -7.51 -18.00
N SER B 10 6.05 -6.48 -18.29
CA SER B 10 7.49 -6.65 -18.58
C SER B 10 8.27 -6.94 -17.29
N TYR B 11 9.58 -7.24 -17.43
CA TYR B 11 10.46 -7.55 -16.29
C TYR B 11 10.53 -6.35 -15.33
N ALA B 12 10.87 -5.17 -15.87
CA ALA B 12 10.99 -3.92 -15.11
C ALA B 12 9.65 -3.52 -14.43
N GLU B 13 8.53 -3.87 -15.12
CA GLU B 13 7.18 -3.65 -14.58
C GLU B 13 6.92 -4.53 -13.36
N LYS B 14 7.35 -5.79 -13.46
CA LYS B 14 7.22 -6.78 -12.36
C LYS B 14 8.08 -6.35 -11.15
N GLU B 15 9.26 -5.77 -11.42
CA GLU B 15 10.21 -5.33 -10.39
C GLU B 15 9.66 -4.13 -9.60
N LYS B 16 9.19 -3.11 -10.34
CA LYS B 16 8.56 -1.91 -9.71
C LYS B 16 7.28 -2.29 -8.98
N LEU B 17 6.62 -3.37 -9.45
CA LEU B 17 5.36 -3.86 -8.87
C LEU B 17 5.63 -4.58 -7.54
N LYS B 18 6.61 -5.50 -7.49
CA LYS B 18 6.89 -6.30 -6.29
C LYS B 18 7.48 -5.43 -5.16
N GLU B 19 8.31 -4.43 -5.55
CA GLU B 19 8.88 -3.46 -4.58
C GLU B 19 7.75 -2.54 -4.09
N LYS B 20 6.77 -2.23 -4.99
CA LYS B 20 5.55 -1.50 -4.64
C LYS B 20 4.78 -2.22 -3.51
N LEU B 21 4.55 -3.54 -3.71
CA LEU B 21 3.78 -4.38 -2.77
C LEU B 21 4.41 -4.35 -1.36
N ALA B 22 5.74 -4.56 -1.32
CA ALA B 22 6.52 -4.58 -0.06
C ALA B 22 6.58 -3.18 0.60
N PHE B 23 6.72 -2.15 -0.25
CA PHE B 23 6.87 -0.75 0.19
C PHE B 23 5.60 -0.25 0.88
N LEU B 24 4.46 -0.37 0.14
CA LEU B 24 3.16 0.05 0.65
C LEU B 24 2.73 -0.80 1.85
N LYS B 25 3.17 -2.08 1.88
CA LYS B 25 2.88 -3.02 2.98
C LYS B 25 3.49 -2.57 4.32
N LYS B 26 4.81 -2.30 4.31
CA LYS B 26 5.55 -1.97 5.55
C LYS B 26 5.13 -0.60 6.08
N GLU B 27 4.92 0.38 5.15
CA GLU B 27 4.42 1.70 5.54
C GLU B 27 3.01 1.56 6.09
N TYR B 28 2.15 0.75 5.42
CA TYR B 28 0.73 0.54 5.82
C TYR B 28 0.63 0.11 7.28
N SER B 29 1.40 -0.92 7.63
CA SER B 29 1.35 -1.52 8.96
C SER B 29 1.78 -0.50 10.05
N ARG B 30 2.92 0.19 9.82
CA ARG B 30 3.49 1.14 10.79
C ARG B 30 2.68 2.46 10.86
N THR B 31 2.23 2.95 9.70
CA THR B 31 1.55 4.25 9.58
C THR B 31 0.08 4.16 10.04
N LEU B 32 -0.55 2.99 9.80
CA LEU B 32 -1.89 2.70 10.35
C LEU B 32 -1.76 2.58 11.87
N ALA B 33 -0.67 1.90 12.33
CA ALA B 33 -0.38 1.72 13.76
C ALA B 33 -0.33 3.07 14.51
N ARG B 34 0.50 4.00 13.99
CA ARG B 34 0.72 5.32 14.61
C ARG B 34 -0.52 6.21 14.53
N LEU B 35 -1.32 6.05 13.44
CA LEU B 35 -2.63 6.72 13.30
C LEU B 35 -3.55 6.28 14.46
N GLN B 36 -3.60 4.93 14.70
CA GLN B 36 -4.44 4.34 15.76
C GLN B 36 -3.93 4.75 17.15
N ARG B 37 -2.60 4.87 17.29
CA ARG B 37 -1.96 5.27 18.57
C ARG B 37 -2.30 6.72 18.91
N ALA B 38 -2.33 7.59 17.89
CA ALA B 38 -2.61 9.03 18.05
C ALA B 38 -4.08 9.26 18.48
N LYS B 39 -5.00 8.59 17.79
CA LYS B 39 -6.44 8.75 18.02
C LYS B 39 -6.91 8.05 19.32
N ARG B 40 -6.23 6.94 19.68
CA ARG B 40 -6.50 6.21 20.95
C ARG B 40 -5.83 6.88 22.16
N ALA B 41 -4.70 7.58 21.93
CA ALA B 41 -3.99 8.35 22.99
C ALA B 41 -4.88 9.50 23.47
N GLU B 42 -5.53 10.16 22.49
CA GLU B 42 -6.66 11.12 22.70
C GLU B 42 -6.25 12.48 23.29
N LYS B 43 -5.08 12.61 23.96
CA LYS B 43 -4.59 13.89 24.56
C LYS B 43 -4.52 15.02 23.50
N ALA B 44 -4.36 14.60 22.21
CA ALA B 44 -4.32 15.51 21.05
C ALA B 44 -5.59 16.37 20.90
N LYS B 45 -6.72 15.92 21.51
CA LYS B 45 -8.04 16.59 21.41
C LYS B 45 -7.92 18.09 21.72
N ASN B 46 -7.24 18.37 22.85
CA ASN B 46 -6.96 19.69 23.41
C ASN B 46 -6.69 19.49 24.91
N SER B 47 -5.56 18.85 25.21
CA SER B 47 -5.06 18.70 26.60
C SER B 47 -4.81 20.08 27.22
N LYS B 48 -5.26 20.29 28.47
CA LYS B 48 -5.11 21.57 29.16
C LYS B 48 -3.60 21.85 29.40
N LYS B 49 -3.17 23.04 28.97
CA LYS B 49 -1.76 23.43 28.91
C LYS B 49 -1.63 24.95 28.94
N ALA B 50 -0.48 25.46 29.42
CA ALA B 50 -0.13 26.87 29.31
C ALA B 50 0.12 27.21 27.83
N ILE B 51 -0.90 27.80 27.18
CA ILE B 51 -0.91 28.04 25.72
C ILE B 51 0.19 29.01 25.26
N GLU B 52 0.67 29.85 26.21
CA GLU B 52 1.80 30.75 26.00
C GLU B 52 3.03 30.21 26.75
N ASP B 53 4.15 30.06 26.03
CA ASP B 53 5.41 29.47 26.57
C ASP B 53 6.45 30.55 26.92
N GLY B 54 6.05 31.83 26.86
CA GLY B 54 7.01 32.95 26.95
C GLY B 54 7.75 33.15 25.63
N VAL B 55 7.20 32.55 24.57
CA VAL B 55 7.79 32.55 23.22
C VAL B 55 7.64 33.96 22.58
N PRO B 56 8.74 34.56 22.02
CA PRO B 56 8.67 35.86 21.28
C PRO B 56 7.88 35.74 19.96
N GLN B 57 7.89 36.84 19.18
CA GLN B 57 7.31 36.85 17.83
C GLN B 57 8.09 35.87 16.92
N PRO B 58 7.37 35.05 16.07
CA PRO B 58 7.99 33.91 15.31
C PRO B 58 9.20 34.33 14.46
N GLU B 59 9.11 35.54 13.89
CA GLU B 59 10.24 36.15 13.14
C GLU B 59 10.29 37.69 13.35
N ALA B 60 9.12 38.31 13.62
CA ALA B 60 8.98 39.78 13.68
C ALA B 60 9.67 40.36 14.95
N LEU B 61 11.00 40.52 14.87
CA LEU B 61 11.83 41.05 15.96
C LEU B 61 12.94 41.90 15.34
N GLU B 62 12.62 43.19 15.12
CA GLU B 62 13.52 44.18 14.51
C GLU B 62 12.88 45.59 14.65
N MET A 1 6.66 16.39 7.74
CA MET A 1 6.58 15.07 8.42
C MET A 1 7.50 15.04 9.64
N GLU A 2 8.80 15.34 9.45
CA GLU A 2 9.76 15.48 10.55
C GLU A 2 9.39 16.74 11.37
N GLU A 3 9.04 16.52 12.65
CA GLU A 3 8.58 17.59 13.55
C GLU A 3 8.60 17.08 15.01
N LEU A 4 8.57 18.03 15.98
CA LEU A 4 8.55 17.72 17.41
C LEU A 4 7.25 16.99 17.81
N SER A 5 7.31 15.65 17.83
CA SER A 5 6.15 14.80 18.21
C SER A 5 5.92 14.86 19.74
N GLY A 6 4.74 14.41 20.16
CA GLY A 6 4.29 14.51 21.55
C GLY A 6 2.80 14.82 21.62
N LYS A 7 2.28 15.40 20.53
CA LYS A 7 0.83 15.67 20.34
C LYS A 7 0.28 14.71 19.26
N PRO A 8 -1.06 14.45 19.18
CA PRO A 8 -1.65 13.54 18.17
C PRO A 8 -1.69 14.19 16.77
N LEU A 9 -2.05 13.39 15.76
CA LEU A 9 -2.24 13.89 14.39
C LEU A 9 -3.56 14.70 14.31
N SER A 10 -3.55 15.76 13.48
CA SER A 10 -4.74 16.58 13.20
C SER A 10 -5.75 15.78 12.36
N TYR A 11 -6.97 16.31 12.21
CA TYR A 11 -8.01 15.68 11.37
C TYR A 11 -7.55 15.64 9.90
N ALA A 12 -6.85 16.72 9.47
CA ALA A 12 -6.26 16.82 8.13
C ALA A 12 -5.22 15.72 7.90
N GLU A 13 -4.41 15.45 8.94
CA GLU A 13 -3.35 14.43 8.90
C GLU A 13 -3.98 13.02 8.90
N LYS A 14 -5.07 12.87 9.66
CA LYS A 14 -5.82 11.61 9.79
C LYS A 14 -6.43 11.19 8.45
N GLU A 15 -7.15 12.15 7.83
CA GLU A 15 -7.90 11.93 6.59
C GLU A 15 -6.94 11.64 5.41
N LYS A 16 -5.80 12.38 5.33
CA LYS A 16 -4.81 12.15 4.27
C LYS A 16 -4.13 10.77 4.47
N LEU A 17 -4.02 10.35 5.75
CA LEU A 17 -3.40 9.09 6.14
C LEU A 17 -4.31 7.90 5.79
N LYS A 18 -5.62 8.01 6.09
CA LYS A 18 -6.57 6.89 5.87
C LYS A 18 -6.83 6.70 4.37
N GLU A 19 -6.81 7.82 3.58
CA GLU A 19 -6.98 7.76 2.12
C GLU A 19 -5.67 7.27 1.48
N LYS A 20 -4.52 7.54 2.15
CA LYS A 20 -3.21 6.93 1.80
C LYS A 20 -3.32 5.41 1.87
N LEU A 21 -3.78 4.90 3.04
CA LEU A 21 -3.92 3.47 3.34
C LEU A 21 -4.84 2.81 2.31
N ALA A 22 -6.03 3.45 2.12
CA ALA A 22 -7.09 2.96 1.22
C ALA A 22 -6.60 2.86 -0.24
N PHE A 23 -5.90 3.93 -0.68
CA PHE A 23 -5.38 4.06 -2.05
C PHE A 23 -4.37 2.95 -2.36
N LEU A 24 -3.32 2.86 -1.52
CA LEU A 24 -2.21 1.94 -1.76
C LEU A 24 -2.65 0.47 -1.58
N LYS A 25 -3.62 0.20 -0.68
CA LYS A 25 -4.06 -1.18 -0.38
C LYS A 25 -5.03 -1.71 -1.45
N LYS A 26 -5.84 -0.83 -2.08
CA LYS A 26 -6.80 -1.25 -3.12
C LYS A 26 -6.06 -1.59 -4.42
N GLU A 27 -5.06 -0.74 -4.79
CA GLU A 27 -4.20 -1.04 -5.94
C GLU A 27 -3.34 -2.27 -5.65
N TYR A 28 -2.88 -2.39 -4.37
CA TYR A 28 -2.09 -3.55 -3.88
C TYR A 28 -2.82 -4.85 -4.18
N SER A 29 -4.11 -4.91 -3.76
CA SER A 29 -4.94 -6.11 -3.91
C SER A 29 -5.11 -6.48 -5.39
N ARG A 30 -5.45 -5.49 -6.22
CA ARG A 30 -5.73 -5.68 -7.65
C ARG A 30 -4.47 -6.10 -8.45
N THR A 31 -3.37 -5.35 -8.24
CA THR A 31 -2.14 -5.51 -9.03
C THR A 31 -1.33 -6.75 -8.57
N LEU A 32 -1.44 -7.10 -7.27
CA LEU A 32 -0.89 -8.36 -6.75
C LEU A 32 -1.67 -9.53 -7.35
N ALA A 33 -3.01 -9.36 -7.47
CA ALA A 33 -3.91 -10.37 -8.04
C ALA A 33 -3.51 -10.75 -9.47
N ARG A 34 -3.31 -9.72 -10.33
CA ARG A 34 -2.98 -9.91 -11.76
C ARG A 34 -1.53 -10.43 -11.94
N LEU A 35 -0.61 -10.02 -11.04
CA LEU A 35 0.78 -10.54 -10.99
C LEU A 35 0.74 -12.04 -10.68
N GLN A 36 -0.08 -12.41 -9.68
CA GLN A 36 -0.27 -13.80 -9.27
C GLN A 36 -0.90 -14.62 -10.39
N ARG A 37 -1.93 -14.05 -11.05
CA ARG A 37 -2.63 -14.74 -12.16
C ARG A 37 -1.70 -15.02 -13.34
N ALA A 38 -0.71 -14.14 -13.54
CA ALA A 38 0.33 -14.31 -14.56
C ALA A 38 1.22 -15.54 -14.23
N LYS A 39 1.78 -15.55 -13.01
CA LYS A 39 2.75 -16.59 -12.59
C LYS A 39 2.08 -17.94 -12.23
N ARG A 40 0.79 -17.90 -11.82
CA ARG A 40 0.03 -19.12 -11.43
C ARG A 40 -0.47 -19.86 -12.69
N ALA A 41 -1.13 -19.10 -13.59
CA ALA A 41 -1.76 -19.67 -14.79
C ALA A 41 -0.71 -20.14 -15.80
N GLU A 42 0.39 -19.35 -15.97
CA GLU A 42 1.51 -19.63 -16.91
C GLU A 42 0.99 -19.95 -18.33
N LYS A 43 -0.04 -19.22 -18.75
CA LYS A 43 -0.68 -19.31 -20.09
C LYS A 43 0.35 -19.07 -21.22
N ALA A 44 1.38 -18.26 -20.91
CA ALA A 44 2.42 -17.83 -21.86
C ALA A 44 3.69 -18.70 -21.75
N LYS A 45 3.58 -19.83 -21.03
CA LYS A 45 4.68 -20.81 -20.87
C LYS A 45 5.00 -21.51 -22.20
N ASN A 46 3.93 -21.76 -23.01
CA ASN A 46 3.98 -22.54 -24.28
C ASN A 46 4.01 -24.05 -24.02
N SER A 47 4.85 -24.47 -23.05
CA SER A 47 4.89 -25.85 -22.55
C SER A 47 3.67 -26.14 -21.63
N LYS A 48 3.75 -27.19 -20.81
CA LYS A 48 2.59 -27.71 -20.06
C LYS A 48 2.97 -28.02 -18.60
N LYS A 49 1.94 -28.15 -17.75
CA LYS A 49 2.06 -28.50 -16.31
C LYS A 49 1.90 -30.01 -16.12
N ALA A 50 2.05 -30.45 -14.86
CA ALA A 50 1.67 -31.82 -14.42
C ALA A 50 0.19 -31.81 -13.99
N ILE A 51 -0.45 -32.99 -13.96
CA ILE A 51 -1.87 -33.12 -13.54
C ILE A 51 -2.02 -32.96 -12.01
N GLU A 52 -0.92 -33.22 -11.27
CA GLU A 52 -0.87 -33.16 -9.79
C GLU A 52 -1.15 -31.72 -9.30
N ASP A 53 -2.21 -31.58 -8.49
CA ASP A 53 -2.69 -30.29 -7.96
C ASP A 53 -1.85 -29.85 -6.73
N GLY A 54 -2.42 -29.00 -5.85
CA GLY A 54 -1.70 -28.45 -4.70
C GLY A 54 -2.30 -28.82 -3.36
N VAL A 55 -2.82 -30.05 -3.24
CA VAL A 55 -3.38 -30.54 -1.94
C VAL A 55 -2.26 -31.23 -1.11
N PRO A 56 -2.08 -30.85 0.19
CA PRO A 56 -1.23 -31.62 1.14
C PRO A 56 -1.92 -32.93 1.57
N GLN A 57 -1.24 -33.74 2.38
CA GLN A 57 -1.80 -34.99 2.91
C GLN A 57 -2.88 -34.69 3.98
N PRO A 58 -3.88 -35.59 4.18
CA PRO A 58 -4.85 -35.45 5.25
C PRO A 58 -4.38 -36.23 6.50
N GLU A 59 -5.33 -36.41 7.43
CA GLU A 59 -5.13 -37.25 8.64
C GLU A 59 -5.30 -38.72 8.26
N ALA A 60 -6.06 -38.97 7.17
CA ALA A 60 -6.29 -40.31 6.60
C ALA A 60 -5.03 -40.90 5.95
N LEU A 61 -3.92 -40.11 5.91
CA LEU A 61 -2.61 -40.58 5.42
C LEU A 61 -2.14 -41.79 6.24
N GLU A 62 -2.17 -41.64 7.59
CA GLU A 62 -1.73 -42.67 8.53
C GLU A 62 -2.74 -43.85 8.51
N MET B 1 -1.08 1.22 -19.73
CA MET B 1 -0.65 -0.15 -20.08
C MET B 1 -1.63 -0.81 -21.07
N GLU B 2 -2.50 0.00 -21.72
CA GLU B 2 -3.43 -0.47 -22.76
C GLU B 2 -2.64 -0.84 -24.03
N GLU B 3 -2.29 -2.13 -24.09
CA GLU B 3 -1.48 -2.73 -25.16
C GLU B 3 -1.84 -4.23 -25.24
N LEU B 4 -1.57 -4.89 -26.38
CA LEU B 4 -1.89 -6.31 -26.58
C LEU B 4 -1.22 -7.16 -25.46
N SER B 5 -2.04 -7.87 -24.67
CA SER B 5 -1.58 -8.61 -23.46
C SER B 5 -1.48 -10.12 -23.75
N GLY B 6 -1.00 -10.46 -24.97
CA GLY B 6 -0.75 -11.85 -25.37
C GLY B 6 0.41 -12.46 -24.59
N LYS B 7 1.52 -11.71 -24.51
CA LYS B 7 2.66 -12.05 -23.64
C LYS B 7 2.35 -11.61 -22.18
N PRO B 8 3.07 -12.14 -21.13
CA PRO B 8 2.83 -11.74 -19.72
C PRO B 8 3.54 -10.41 -19.39
N LEU B 9 3.62 -10.08 -18.10
CA LEU B 9 4.45 -8.96 -17.64
C LEU B 9 5.95 -9.32 -17.82
N SER B 10 6.76 -8.32 -18.19
CA SER B 10 8.22 -8.48 -18.29
C SER B 10 8.82 -8.59 -16.89
N TYR B 11 10.11 -9.01 -16.81
CA TYR B 11 10.84 -9.07 -15.52
C TYR B 11 10.95 -7.67 -14.91
N ALA B 12 11.14 -6.65 -15.77
CA ALA B 12 11.20 -5.24 -15.36
C ALA B 12 9.87 -4.80 -14.72
N GLU B 13 8.75 -5.26 -15.31
CA GLU B 13 7.39 -4.94 -14.83
C GLU B 13 7.11 -5.66 -13.51
N LYS B 14 7.62 -6.90 -13.41
CA LYS B 14 7.47 -7.76 -12.22
C LYS B 14 8.16 -7.14 -11.01
N GLU B 15 9.44 -6.78 -11.20
CA GLU B 15 10.30 -6.27 -10.13
C GLU B 15 9.82 -4.89 -9.64
N LYS B 16 9.38 -4.00 -10.57
CA LYS B 16 8.85 -2.69 -10.19
C LYS B 16 7.51 -2.84 -9.44
N LEU B 17 6.77 -3.92 -9.78
CA LEU B 17 5.48 -4.23 -9.18
C LEU B 17 5.66 -4.79 -7.75
N LYS B 18 6.63 -5.71 -7.55
CA LYS B 18 6.83 -6.36 -6.24
C LYS B 18 7.45 -5.35 -5.23
N GLU B 19 8.29 -4.41 -5.74
CA GLU B 19 8.88 -3.35 -4.90
C GLU B 19 7.83 -2.27 -4.60
N LYS B 20 6.85 -2.11 -5.55
CA LYS B 20 5.64 -1.30 -5.33
C LYS B 20 4.88 -1.82 -4.12
N LEU B 21 4.54 -3.15 -4.16
CA LEU B 21 3.77 -3.84 -3.13
C LEU B 21 4.47 -3.71 -1.78
N ALA B 22 5.79 -4.03 -1.78
CA ALA B 22 6.64 -4.03 -0.58
C ALA B 22 6.71 -2.64 0.06
N PHE B 23 6.90 -1.62 -0.80
CA PHE B 23 7.04 -0.20 -0.38
C PHE B 23 5.77 0.28 0.33
N LEU B 24 4.63 0.17 -0.38
CA LEU B 24 3.37 0.71 0.10
C LEU B 24 2.83 -0.06 1.32
N LYS B 25 3.12 -1.39 1.40
CA LYS B 25 2.61 -2.25 2.50
C LYS B 25 3.43 -2.07 3.79
N LYS B 26 4.75 -1.78 3.67
CA LYS B 26 5.61 -1.60 4.86
C LYS B 26 5.30 -0.26 5.55
N GLU B 27 5.13 0.82 4.72
CA GLU B 27 4.70 2.12 5.24
C GLU B 27 3.27 2.01 5.78
N TYR B 28 2.41 1.23 5.07
CA TYR B 28 1.00 0.96 5.48
C TYR B 28 0.97 0.43 6.92
N SER B 29 1.78 -0.61 7.18
CA SER B 29 1.83 -1.28 8.49
C SER B 29 2.26 -0.30 9.59
N ARG B 30 3.35 0.45 9.33
CA ARG B 30 3.95 1.38 10.31
C ARG B 30 3.02 2.58 10.62
N THR B 31 2.50 3.22 9.56
CA THR B 31 1.74 4.46 9.66
C THR B 31 0.29 4.19 10.14
N LEU B 32 -0.26 3.01 9.80
CA LEU B 32 -1.55 2.55 10.35
C LEU B 32 -1.38 2.28 11.85
N ALA B 33 -0.21 1.69 12.23
CA ALA B 33 0.11 1.37 13.62
C ALA B 33 0.11 2.64 14.51
N ARG B 34 0.80 3.70 14.05
CA ARG B 34 0.93 4.96 14.81
C ARG B 34 -0.40 5.75 14.84
N LEU B 35 -1.21 5.64 13.75
CA LEU B 35 -2.57 6.22 13.68
C LEU B 35 -3.47 5.53 14.73
N GLN B 36 -3.37 4.19 14.80
CA GLN B 36 -4.13 3.37 15.75
C GLN B 36 -3.70 3.71 17.18
N ARG B 37 -2.38 3.82 17.42
CA ARG B 37 -1.83 4.13 18.75
C ARG B 37 -2.27 5.51 19.25
N ALA B 38 -2.52 6.43 18.31
CA ALA B 38 -3.07 7.76 18.62
C ALA B 38 -4.52 7.65 19.14
N LYS B 39 -5.38 6.98 18.34
CA LYS B 39 -6.84 6.88 18.62
C LYS B 39 -7.17 5.87 19.74
N ARG B 40 -6.30 4.85 19.93
CA ARG B 40 -6.49 3.80 20.95
C ARG B 40 -6.07 4.30 22.33
N ALA B 41 -4.86 4.89 22.41
CA ALA B 41 -4.27 5.33 23.68
C ALA B 41 -4.96 6.59 24.23
N GLU B 42 -5.39 7.50 23.30
CA GLU B 42 -6.09 8.79 23.63
C GLU B 42 -5.37 9.59 24.75
N LYS B 43 -4.03 9.45 24.75
CA LYS B 43 -3.09 10.11 25.68
C LYS B 43 -3.27 11.63 25.72
N ALA B 44 -3.77 12.21 24.62
CA ALA B 44 -3.99 13.67 24.49
C ALA B 44 -5.23 14.14 25.25
N LYS B 45 -6.27 13.27 25.31
CA LYS B 45 -7.57 13.59 25.94
C LYS B 45 -7.43 13.85 27.45
N ASN B 46 -6.70 12.94 28.16
CA ASN B 46 -6.35 13.07 29.63
C ASN B 46 -7.57 12.90 30.57
N SER B 47 -8.81 12.94 30.03
CA SER B 47 -10.03 13.04 30.84
C SER B 47 -10.40 11.68 31.45
N LYS B 48 -10.81 10.71 30.61
CA LYS B 48 -11.23 9.38 31.07
C LYS B 48 -11.28 8.39 29.88
N LYS B 49 -10.87 7.14 30.14
CA LYS B 49 -10.99 5.99 29.23
C LYS B 49 -11.47 4.76 30.02
N ALA B 50 -11.75 3.68 29.30
CA ALA B 50 -12.25 2.41 29.87
C ALA B 50 -11.14 1.72 30.70
N ILE B 51 -11.28 1.79 32.05
CA ILE B 51 -10.34 1.15 33.00
C ILE B 51 -10.62 -0.37 33.11
N GLU B 52 -11.77 -0.79 32.58
CA GLU B 52 -12.18 -2.19 32.57
C GLU B 52 -11.40 -2.95 31.48
N ASP B 53 -11.25 -4.27 31.66
CA ASP B 53 -10.57 -5.14 30.68
C ASP B 53 -11.38 -5.20 29.37
N GLY B 54 -10.70 -5.53 28.26
CA GLY B 54 -11.31 -5.59 26.92
C GLY B 54 -11.12 -6.95 26.26
N VAL B 55 -11.63 -8.00 26.92
CA VAL B 55 -11.60 -9.38 26.39
C VAL B 55 -13.02 -9.99 26.51
N PRO B 56 -13.61 -10.54 25.38
CA PRO B 56 -14.89 -11.27 25.43
C PRO B 56 -14.71 -12.69 25.99
N GLN B 57 -15.80 -13.28 26.52
CA GLN B 57 -15.80 -14.65 27.05
C GLN B 57 -15.56 -15.66 25.87
N PRO B 58 -14.56 -16.58 25.97
CA PRO B 58 -14.30 -17.60 24.94
C PRO B 58 -15.55 -18.46 24.63
N GLU B 59 -16.00 -19.27 25.61
CA GLU B 59 -17.22 -20.09 25.49
C GLU B 59 -18.19 -19.76 26.63
N ALA B 60 -17.76 -20.09 27.88
CA ALA B 60 -18.57 -19.96 29.12
C ALA B 60 -19.81 -20.88 29.06
N LEU B 61 -19.74 -21.95 28.22
CA LEU B 61 -20.87 -22.86 27.97
C LEU B 61 -21.14 -23.74 29.21
N GLU B 62 -21.95 -23.20 30.15
CA GLU B 62 -22.25 -23.84 31.44
C GLU B 62 -23.77 -23.76 31.71
N MET A 1 13.31 7.50 11.64
CA MET A 1 13.31 8.13 10.30
C MET A 1 12.64 9.52 10.40
N GLU A 2 12.76 10.32 9.32
CA GLU A 2 12.03 11.60 9.13
C GLU A 2 10.50 11.38 9.23
N GLU A 3 10.00 11.44 10.47
CA GLU A 3 8.59 11.17 10.84
C GLU A 3 8.08 12.23 11.83
N LEU A 4 6.85 12.02 12.32
CA LEU A 4 6.23 12.83 13.37
C LEU A 4 6.96 12.60 14.70
N SER A 5 7.84 13.55 15.05
CA SER A 5 8.69 13.46 16.26
C SER A 5 8.07 14.27 17.38
N GLY A 6 7.45 13.58 18.36
CA GLY A 6 6.83 14.23 19.52
C GLY A 6 5.37 14.58 19.30
N LYS A 7 5.12 15.48 18.32
CA LYS A 7 3.76 15.93 17.99
C LYS A 7 2.95 14.82 17.30
N PRO A 8 1.59 14.77 17.51
CA PRO A 8 0.71 13.84 16.77
C PRO A 8 0.36 14.36 15.35
N LEU A 9 -0.42 13.56 14.62
CA LEU A 9 -0.91 13.94 13.29
C LEU A 9 -2.09 14.94 13.40
N SER A 10 -2.18 15.84 12.42
CA SER A 10 -3.29 16.80 12.29
C SER A 10 -4.50 16.12 11.60
N TYR A 11 -5.60 16.89 11.49
CA TYR A 11 -6.82 16.45 10.78
C TYR A 11 -6.51 16.12 9.31
N ALA A 12 -5.73 17.02 8.67
CA ALA A 12 -5.27 16.87 7.30
C ALA A 12 -4.45 15.59 7.11
N GLU A 13 -3.59 15.31 8.09
CA GLU A 13 -2.70 14.14 8.08
C GLU A 13 -3.49 12.83 8.22
N LYS A 14 -4.51 12.87 9.08
CA LYS A 14 -5.36 11.71 9.39
C LYS A 14 -6.21 11.30 8.17
N GLU A 15 -6.76 12.32 7.46
CA GLU A 15 -7.65 12.07 6.30
C GLU A 15 -6.84 11.62 5.06
N LYS A 16 -5.65 12.25 4.84
CA LYS A 16 -4.76 11.84 3.74
C LYS A 16 -4.18 10.45 4.02
N LEU A 17 -4.08 10.10 5.33
CA LEU A 17 -3.58 8.80 5.75
C LEU A 17 -4.61 7.69 5.48
N LYS A 18 -5.88 7.88 5.89
CA LYS A 18 -6.93 6.84 5.72
C LYS A 18 -7.20 6.56 4.23
N GLU A 19 -7.11 7.62 3.39
CA GLU A 19 -7.26 7.47 1.93
C GLU A 19 -6.01 6.81 1.32
N LYS A 20 -4.82 7.08 1.93
CA LYS A 20 -3.55 6.41 1.58
C LYS A 20 -3.66 4.90 1.80
N LEU A 21 -4.18 4.51 2.99
CA LEU A 21 -4.28 3.11 3.40
C LEU A 21 -5.25 2.35 2.50
N ALA A 22 -6.39 3.00 2.19
CA ALA A 22 -7.43 2.43 1.30
C ALA A 22 -6.94 2.35 -0.15
N PHE A 23 -6.13 3.36 -0.56
CA PHE A 23 -5.58 3.45 -1.93
C PHE A 23 -4.58 2.31 -2.18
N LEU A 24 -3.57 2.22 -1.29
CA LEU A 24 -2.51 1.21 -1.39
C LEU A 24 -3.08 -0.21 -1.23
N LYS A 25 -4.17 -0.32 -0.43
CA LYS A 25 -4.87 -1.60 -0.19
C LYS A 25 -5.56 -2.13 -1.47
N LYS A 26 -6.36 -1.26 -2.12
CA LYS A 26 -7.16 -1.67 -3.29
C LYS A 26 -6.27 -1.96 -4.50
N GLU A 27 -5.21 -1.12 -4.68
CA GLU A 27 -4.25 -1.32 -5.78
C GLU A 27 -3.49 -2.64 -5.55
N TYR A 28 -3.07 -2.87 -4.27
CA TYR A 28 -2.33 -4.08 -3.84
C TYR A 28 -3.08 -5.34 -4.23
N SER A 29 -4.38 -5.38 -3.88
CA SER A 29 -5.24 -6.53 -4.14
C SER A 29 -5.34 -6.84 -5.64
N ARG A 30 -5.65 -5.79 -6.44
CA ARG A 30 -5.82 -5.91 -7.90
C ARG A 30 -4.51 -6.33 -8.61
N THR A 31 -3.44 -5.60 -8.29
CA THR A 31 -2.16 -5.70 -9.00
C THR A 31 -1.37 -6.96 -8.60
N LEU A 32 -1.55 -7.41 -7.34
CA LEU A 32 -0.97 -8.69 -6.87
C LEU A 32 -1.71 -9.84 -7.56
N ALA A 33 -3.05 -9.72 -7.67
CA ALA A 33 -3.90 -10.73 -8.32
C ALA A 33 -3.47 -11.00 -9.77
N ARG A 34 -3.24 -9.91 -10.52
CA ARG A 34 -2.85 -9.96 -11.95
C ARG A 34 -1.39 -10.43 -12.08
N LEU A 35 -0.57 -10.06 -11.07
CA LEU A 35 0.84 -10.53 -10.94
C LEU A 35 0.87 -12.06 -10.83
N GLN A 36 -0.12 -12.62 -10.08
CA GLN A 36 -0.28 -14.07 -9.93
C GLN A 36 -0.70 -14.69 -11.26
N ARG A 37 -1.64 -14.04 -11.96
CA ARG A 37 -2.11 -14.51 -13.28
C ARG A 37 -0.95 -14.57 -14.30
N ALA A 38 0.02 -13.67 -14.13
CA ALA A 38 1.23 -13.62 -14.96
C ALA A 38 2.18 -14.80 -14.66
N LYS A 39 2.65 -14.87 -13.40
CA LYS A 39 3.73 -15.78 -12.96
C LYS A 39 3.26 -17.25 -12.79
N ARG A 40 2.00 -17.44 -12.38
CA ARG A 40 1.41 -18.78 -12.12
C ARG A 40 1.02 -19.46 -13.43
N ALA A 41 0.31 -18.72 -14.30
CA ALA A 41 -0.15 -19.24 -15.61
C ALA A 41 1.03 -19.37 -16.59
N GLU A 42 2.08 -18.53 -16.38
CA GLU A 42 3.39 -18.62 -17.07
C GLU A 42 3.30 -18.27 -18.57
N LYS A 43 2.14 -17.74 -19.00
CA LYS A 43 1.93 -17.24 -20.36
C LYS A 43 2.69 -15.90 -20.56
N ALA A 44 2.89 -15.19 -19.44
CA ALA A 44 3.62 -13.92 -19.38
C ALA A 44 5.13 -14.09 -19.60
N LYS A 45 5.61 -15.34 -19.52
CA LYS A 45 7.03 -15.68 -19.61
C LYS A 45 7.56 -15.43 -21.04
N ASN A 46 6.87 -16.03 -22.03
CA ASN A 46 7.15 -15.86 -23.48
C ASN A 46 8.62 -16.22 -23.83
N SER A 47 9.17 -17.20 -23.11
CA SER A 47 10.55 -17.67 -23.31
C SER A 47 10.60 -18.75 -24.40
N LYS A 48 10.12 -18.39 -25.61
CA LYS A 48 10.22 -19.24 -26.81
C LYS A 48 11.69 -19.32 -27.22
N LYS A 49 12.27 -18.13 -27.39
CA LYS A 49 13.74 -17.92 -27.48
C LYS A 49 14.05 -16.47 -27.06
N ALA A 50 15.32 -16.06 -27.21
CA ALA A 50 15.77 -14.72 -26.81
C ALA A 50 15.30 -13.67 -27.84
N ILE A 51 14.11 -13.09 -27.57
CA ILE A 51 13.53 -11.98 -28.37
C ILE A 51 14.33 -10.68 -28.17
N GLU A 52 15.13 -10.67 -27.09
CA GLU A 52 16.11 -9.62 -26.77
C GLU A 52 17.52 -10.23 -26.70
N ASP A 53 18.52 -9.43 -26.30
CA ASP A 53 19.92 -9.87 -26.16
C ASP A 53 20.44 -9.41 -24.80
N GLY A 54 21.52 -10.07 -24.31
CA GLY A 54 22.18 -9.70 -23.08
C GLY A 54 23.11 -8.50 -23.29
N VAL A 55 22.48 -7.33 -23.50
CA VAL A 55 23.20 -6.07 -23.79
C VAL A 55 23.79 -5.47 -22.49
N PRO A 56 25.14 -5.24 -22.42
CA PRO A 56 25.80 -4.64 -21.24
C PRO A 56 25.84 -3.09 -21.30
N GLN A 57 26.46 -2.50 -20.29
CA GLN A 57 26.64 -1.03 -20.18
C GLN A 57 28.14 -0.69 -20.33
N PRO A 58 28.49 0.32 -21.19
CA PRO A 58 29.91 0.73 -21.44
C PRO A 58 30.62 1.28 -20.18
N GLU A 59 29.88 2.04 -19.36
CA GLU A 59 30.44 2.72 -18.17
C GLU A 59 29.47 2.70 -16.98
N ALA A 60 28.32 3.38 -17.12
CA ALA A 60 27.37 3.64 -16.02
C ALA A 60 26.83 2.32 -15.40
N LEU A 61 27.45 1.93 -14.28
CA LEU A 61 27.09 0.72 -13.53
C LEU A 61 27.15 1.09 -12.03
N GLU A 62 28.37 1.44 -11.56
CA GLU A 62 28.61 1.82 -10.17
C GLU A 62 28.17 3.30 -9.96
N MET B 1 -11.15 3.03 -13.89
CA MET B 1 -11.05 3.83 -15.14
C MET B 1 -10.12 3.10 -16.12
N GLU B 2 -8.79 3.20 -15.87
CA GLU B 2 -7.75 2.62 -16.72
C GLU B 2 -7.37 1.23 -16.19
N GLU B 3 -7.67 0.20 -17.00
CA GLU B 3 -7.52 -1.22 -16.61
C GLU B 3 -7.61 -2.10 -17.86
N LEU B 4 -6.71 -3.10 -17.94
CA LEU B 4 -6.56 -3.98 -19.11
C LEU B 4 -6.60 -5.45 -18.65
N SER B 5 -7.26 -6.31 -19.45
CA SER B 5 -7.35 -7.75 -19.20
C SER B 5 -6.99 -8.48 -20.51
N GLY B 6 -5.73 -8.97 -20.60
CA GLY B 6 -5.23 -9.62 -21.81
C GLY B 6 -3.73 -9.75 -21.79
N LYS B 7 -3.04 -8.61 -21.93
CA LYS B 7 -1.58 -8.54 -21.96
C LYS B 7 -0.96 -8.78 -20.56
N PRO B 8 0.29 -9.30 -20.49
CA PRO B 8 1.04 -9.42 -19.22
C PRO B 8 1.81 -8.13 -18.85
N LEU B 9 2.75 -8.28 -17.90
CA LEU B 9 3.69 -7.22 -17.50
C LEU B 9 5.12 -7.64 -17.91
N SER B 10 6.00 -6.64 -18.12
CA SER B 10 7.43 -6.89 -18.45
C SER B 10 8.24 -7.18 -17.17
N TYR B 11 9.53 -7.49 -17.34
CA TYR B 11 10.48 -7.72 -16.23
C TYR B 11 10.57 -6.47 -15.33
N ALA B 12 10.70 -5.30 -16.00
CA ALA B 12 10.73 -3.98 -15.34
C ALA B 12 9.47 -3.74 -14.51
N GLU B 13 8.32 -4.14 -15.06
CA GLU B 13 7.01 -3.96 -14.43
C GLU B 13 6.85 -4.87 -13.20
N LYS B 14 7.36 -6.11 -13.32
CA LYS B 14 7.26 -7.14 -12.27
C LYS B 14 8.12 -6.75 -11.05
N GLU B 15 9.33 -6.22 -11.31
CA GLU B 15 10.28 -5.86 -10.23
C GLU B 15 9.83 -4.56 -9.51
N LYS B 16 9.35 -3.55 -10.28
CA LYS B 16 8.82 -2.31 -9.70
C LYS B 16 7.53 -2.59 -8.93
N LEU B 17 6.82 -3.66 -9.36
CA LEU B 17 5.59 -4.09 -8.70
C LEU B 17 5.86 -4.75 -7.34
N LYS B 18 6.81 -5.71 -7.28
CA LYS B 18 7.10 -6.45 -6.03
C LYS B 18 7.67 -5.50 -4.95
N GLU B 19 8.46 -4.49 -5.39
CA GLU B 19 8.99 -3.46 -4.46
C GLU B 19 7.89 -2.47 -4.06
N LYS B 20 6.91 -2.23 -4.99
CA LYS B 20 5.69 -1.44 -4.71
C LYS B 20 4.88 -2.08 -3.58
N LEU B 21 4.65 -3.40 -3.70
CA LEU B 21 3.81 -4.16 -2.77
C LEU B 21 4.45 -4.20 -1.38
N ALA B 22 5.79 -4.40 -1.34
CA ALA B 22 6.58 -4.42 -0.10
C ALA B 22 6.64 -3.03 0.54
N PHE B 23 6.75 -1.99 -0.31
CA PHE B 23 6.83 -0.57 0.12
C PHE B 23 5.54 -0.14 0.81
N LEU B 24 4.41 -0.31 0.09
CA LEU B 24 3.08 0.08 0.58
C LEU B 24 2.69 -0.76 1.81
N LYS B 25 3.17 -2.02 1.86
CA LYS B 25 2.93 -2.94 3.00
C LYS B 25 3.61 -2.45 4.28
N LYS B 26 4.92 -2.16 4.20
CA LYS B 26 5.73 -1.80 5.39
C LYS B 26 5.30 -0.41 5.94
N GLU B 27 5.00 0.54 5.01
CA GLU B 27 4.54 1.88 5.40
C GLU B 27 3.17 1.76 6.07
N TYR B 28 2.28 0.91 5.47
CA TYR B 28 0.90 0.65 5.97
C TYR B 28 0.92 0.20 7.42
N SER B 29 1.78 -0.79 7.71
CA SER B 29 1.89 -1.38 9.05
C SER B 29 2.32 -0.33 10.08
N ARG B 30 3.40 0.41 9.76
CA ARG B 30 3.98 1.44 10.65
C ARG B 30 2.99 2.60 10.90
N THR B 31 2.44 3.14 9.80
CA THR B 31 1.66 4.39 9.82
C THR B 31 0.24 4.15 10.34
N LEU B 32 -0.32 2.93 10.12
CA LEU B 32 -1.61 2.53 10.70
C LEU B 32 -1.43 2.36 12.21
N ALA B 33 -0.31 1.73 12.62
CA ALA B 33 0.02 1.50 14.03
C ALA B 33 0.04 2.81 14.83
N ARG B 34 0.73 3.83 14.28
CA ARG B 34 0.88 5.16 14.92
C ARG B 34 -0.45 5.94 14.87
N LEU B 35 -1.24 5.69 13.79
CA LEU B 35 -2.60 6.22 13.62
C LEU B 35 -3.49 5.73 14.78
N GLN B 36 -3.30 4.46 15.18
CA GLN B 36 -4.01 3.86 16.32
C GLN B 36 -3.55 4.51 17.63
N ARG B 37 -2.24 4.74 17.76
CA ARG B 37 -1.66 5.41 18.96
C ARG B 37 -2.22 6.84 19.13
N ALA B 38 -2.59 7.46 18.00
CA ALA B 38 -3.20 8.80 17.98
C ALA B 38 -4.68 8.76 18.43
N LYS B 39 -5.50 7.99 17.68
CA LYS B 39 -6.97 7.99 17.82
C LYS B 39 -7.47 7.21 19.06
N ARG B 40 -6.75 6.13 19.43
CA ARG B 40 -7.10 5.25 20.56
C ARG B 40 -6.73 5.88 21.90
N ALA B 41 -5.48 6.41 21.98
CA ALA B 41 -4.96 7.04 23.22
C ALA B 41 -5.58 8.43 23.45
N GLU B 42 -6.00 9.07 22.34
CA GLU B 42 -6.83 10.29 22.33
C GLU B 42 -6.09 11.56 22.88
N LYS B 43 -4.76 11.49 23.02
CA LYS B 43 -3.94 12.67 23.45
C LYS B 43 -4.02 13.81 22.40
N ALA B 44 -4.24 13.42 21.14
CA ALA B 44 -4.32 14.34 19.99
C ALA B 44 -5.65 15.10 19.93
N LYS B 45 -6.62 14.71 20.80
CA LYS B 45 -7.97 15.30 20.85
C LYS B 45 -7.93 16.77 21.30
N ASN B 46 -7.31 16.99 22.49
CA ASN B 46 -7.28 18.28 23.19
C ASN B 46 -8.72 18.75 23.51
N SER B 47 -9.34 18.09 24.50
CA SER B 47 -10.69 18.43 24.98
C SER B 47 -10.63 19.74 25.80
N LYS B 48 -10.62 20.86 25.06
CA LYS B 48 -10.48 22.22 25.60
C LYS B 48 -11.18 23.20 24.63
N LYS B 49 -11.12 24.52 24.90
CA LYS B 49 -11.75 25.58 24.07
C LYS B 49 -11.22 25.58 22.61
N ALA B 50 -11.82 26.47 21.79
CA ALA B 50 -11.46 26.64 20.36
C ALA B 50 -9.98 27.06 20.21
N ILE B 51 -9.22 26.29 19.41
CA ILE B 51 -7.77 26.48 19.22
C ILE B 51 -7.43 27.19 17.88
N GLU B 52 -8.46 27.44 17.04
CA GLU B 52 -8.30 28.15 15.76
C GLU B 52 -9.65 28.71 15.27
N ASP B 53 -9.58 29.51 14.19
CA ASP B 53 -10.74 30.15 13.54
C ASP B 53 -11.54 29.13 12.68
N GLY B 54 -12.88 29.32 12.65
CA GLY B 54 -13.78 28.48 11.86
C GLY B 54 -14.05 29.10 10.50
N VAL B 55 -13.03 29.02 9.62
CA VAL B 55 -13.06 29.67 8.29
C VAL B 55 -13.96 28.90 7.29
N PRO B 56 -14.96 29.60 6.63
CA PRO B 56 -15.80 29.00 5.55
C PRO B 56 -15.01 28.86 4.22
N GLN B 57 -15.67 28.27 3.19
CA GLN B 57 -15.09 28.14 1.84
C GLN B 57 -14.78 29.56 1.25
N PRO B 58 -13.47 29.86 0.93
CA PRO B 58 -13.01 31.20 0.48
C PRO B 58 -13.83 31.78 -0.70
N GLU B 59 -14.10 30.93 -1.72
CA GLU B 59 -14.87 31.33 -2.90
C GLU B 59 -15.78 30.17 -3.37
N ALA B 60 -15.13 29.07 -3.82
CA ALA B 60 -15.80 27.81 -4.22
C ALA B 60 -16.85 28.07 -5.34
N LEU B 61 -16.40 28.60 -6.48
CA LEU B 61 -17.27 29.01 -7.60
C LEU B 61 -16.73 28.41 -8.91
N GLU B 62 -17.67 27.91 -9.74
CA GLU B 62 -17.38 27.39 -11.08
C GLU B 62 -18.63 27.65 -11.98
N MET A 1 4.68 15.88 3.53
CA MET A 1 3.42 16.60 3.80
C MET A 1 2.73 16.05 5.06
N GLU A 2 2.98 14.77 5.36
CA GLU A 2 2.52 14.11 6.59
C GLU A 2 3.48 14.49 7.74
N GLU A 3 3.17 15.56 8.47
CA GLU A 3 4.02 16.04 9.58
C GLU A 3 3.60 15.32 10.87
N LEU A 4 4.14 14.09 11.00
CA LEU A 4 3.88 13.20 12.13
C LEU A 4 5.22 12.87 12.82
N SER A 5 5.57 13.70 13.82
CA SER A 5 6.75 13.49 14.69
C SER A 5 6.81 14.63 15.72
N GLY A 6 6.98 14.26 17.01
CA GLY A 6 6.96 15.22 18.11
C GLY A 6 5.53 15.57 18.54
N LYS A 7 4.77 16.20 17.62
CA LYS A 7 3.35 16.50 17.82
C LYS A 7 2.49 15.27 17.48
N PRO A 8 1.21 15.20 17.98
CA PRO A 8 0.22 14.21 17.50
C PRO A 8 -0.39 14.59 16.13
N LEU A 9 -1.20 13.68 15.56
CA LEU A 9 -1.87 13.94 14.28
C LEU A 9 -3.12 14.80 14.49
N SER A 10 -3.37 15.70 13.53
CA SER A 10 -4.59 16.51 13.44
C SER A 10 -5.60 15.80 12.51
N TYR A 11 -6.80 16.41 12.32
CA TYR A 11 -7.83 15.86 11.42
C TYR A 11 -7.30 15.72 9.97
N ALA A 12 -6.61 16.76 9.49
CA ALA A 12 -6.04 16.79 8.13
C ALA A 12 -4.96 15.71 7.94
N GLU A 13 -4.15 15.47 9.00
CA GLU A 13 -3.10 14.44 8.99
C GLU A 13 -3.74 13.03 8.99
N LYS A 14 -4.82 12.89 9.76
CA LYS A 14 -5.54 11.62 9.93
C LYS A 14 -6.33 11.25 8.66
N GLU A 15 -6.85 12.27 7.94
CA GLU A 15 -7.67 12.03 6.73
C GLU A 15 -6.75 11.69 5.54
N LYS A 16 -5.60 12.40 5.41
CA LYS A 16 -4.63 12.11 4.34
C LYS A 16 -4.03 10.70 4.56
N LEU A 17 -3.95 10.31 5.84
CA LEU A 17 -3.43 9.00 6.24
C LEU A 17 -4.42 7.87 5.85
N LYS A 18 -5.71 8.01 6.24
CA LYS A 18 -6.72 6.96 6.02
C LYS A 18 -6.98 6.73 4.51
N GLU A 19 -6.89 7.82 3.70
CA GLU A 19 -7.08 7.75 2.23
C GLU A 19 -5.81 7.17 1.58
N LYS A 20 -4.63 7.40 2.21
CA LYS A 20 -3.38 6.71 1.84
C LYS A 20 -3.56 5.19 1.95
N LEU A 21 -4.04 4.74 3.14
CA LEU A 21 -4.17 3.32 3.49
C LEU A 21 -5.10 2.59 2.49
N ALA A 22 -6.26 3.21 2.21
CA ALA A 22 -7.30 2.66 1.32
C ALA A 22 -6.84 2.62 -0.16
N PHE A 23 -6.12 3.67 -0.59
CA PHE A 23 -5.61 3.82 -1.97
C PHE A 23 -4.58 2.73 -2.29
N LEU A 24 -3.51 2.66 -1.46
CA LEU A 24 -2.44 1.68 -1.65
C LEU A 24 -2.96 0.25 -1.47
N LYS A 25 -4.00 0.08 -0.62
CA LYS A 25 -4.65 -1.23 -0.36
C LYS A 25 -5.38 -1.77 -1.61
N LYS A 26 -6.25 -0.93 -2.21
CA LYS A 26 -7.11 -1.36 -3.34
C LYS A 26 -6.26 -1.68 -4.58
N GLU A 27 -5.23 -0.83 -4.84
CA GLU A 27 -4.30 -1.07 -5.96
C GLU A 27 -3.48 -2.34 -5.69
N TYR A 28 -3.02 -2.52 -4.42
CA TYR A 28 -2.22 -3.68 -3.97
C TYR A 28 -2.95 -4.99 -4.25
N SER A 29 -4.23 -5.05 -3.87
CA SER A 29 -5.06 -6.26 -3.99
C SER A 29 -5.24 -6.64 -5.48
N ARG A 30 -5.58 -5.63 -6.30
CA ARG A 30 -5.81 -5.82 -7.75
C ARG A 30 -4.50 -6.23 -8.49
N THR A 31 -3.44 -5.45 -8.24
CA THR A 31 -2.18 -5.53 -9.02
C THR A 31 -1.34 -6.75 -8.59
N LEU A 32 -1.46 -7.15 -7.31
CA LEU A 32 -0.87 -8.41 -6.80
C LEU A 32 -1.60 -9.61 -7.43
N ALA A 33 -2.95 -9.52 -7.46
CA ALA A 33 -3.81 -10.59 -8.02
C ALA A 33 -3.42 -10.94 -9.47
N ARG A 34 -3.34 -9.90 -10.33
CA ARG A 34 -3.01 -10.04 -11.76
C ARG A 34 -1.53 -10.49 -11.96
N LEU A 35 -0.63 -10.00 -11.05
CA LEU A 35 0.80 -10.38 -11.01
C LEU A 35 0.89 -11.89 -10.85
N GLN A 36 0.13 -12.42 -9.88
CA GLN A 36 0.09 -13.84 -9.56
C GLN A 36 -0.41 -14.65 -10.75
N ARG A 37 -1.56 -14.26 -11.31
CA ARG A 37 -2.23 -15.00 -12.42
C ARG A 37 -1.28 -15.17 -13.63
N ALA A 38 -0.43 -14.16 -13.86
CA ALA A 38 0.59 -14.18 -14.91
C ALA A 38 1.73 -15.19 -14.58
N LYS A 39 2.32 -15.06 -13.38
CA LYS A 39 3.51 -15.83 -12.96
C LYS A 39 3.20 -17.28 -12.53
N ARG A 40 1.91 -17.56 -12.20
CA ARG A 40 1.46 -18.92 -11.81
C ARG A 40 1.23 -19.77 -13.07
N ALA A 41 0.48 -19.18 -14.02
CA ALA A 41 0.18 -19.82 -15.32
C ALA A 41 1.47 -19.99 -16.15
N GLU A 42 2.32 -18.95 -16.13
CA GLU A 42 3.60 -18.89 -16.90
C GLU A 42 3.36 -19.08 -18.41
N LYS A 43 2.16 -18.69 -18.87
CA LYS A 43 1.78 -18.68 -20.31
C LYS A 43 2.67 -17.70 -21.10
N ALA A 44 3.18 -16.68 -20.39
CA ALA A 44 4.07 -15.64 -20.93
C ALA A 44 5.47 -16.18 -21.28
N LYS A 45 5.78 -17.41 -20.81
CA LYS A 45 7.09 -18.06 -21.00
C LYS A 45 7.49 -18.06 -22.49
N ASN A 46 6.57 -18.61 -23.33
CA ASN A 46 6.68 -18.64 -24.81
C ASN A 46 8.00 -19.32 -25.25
N SER A 47 8.51 -20.26 -24.43
CA SER A 47 9.81 -20.93 -24.63
C SER A 47 9.69 -21.94 -25.79
N LYS A 48 9.76 -21.40 -27.00
CA LYS A 48 9.65 -22.14 -28.27
C LYS A 48 10.69 -21.57 -29.23
N LYS A 49 10.49 -20.30 -29.57
CA LYS A 49 11.37 -19.50 -30.44
C LYS A 49 11.15 -18.00 -30.15
N ALA A 50 11.75 -17.14 -30.99
CA ALA A 50 11.48 -15.70 -30.97
C ALA A 50 10.05 -15.45 -31.51
N ILE A 51 9.09 -15.39 -30.56
CA ILE A 51 7.68 -15.05 -30.86
C ILE A 51 7.56 -13.59 -31.32
N GLU A 52 8.55 -12.78 -30.87
CA GLU A 52 8.74 -11.40 -31.31
C GLU A 52 9.41 -11.40 -32.70
N ASP A 53 8.61 -11.16 -33.74
CA ASP A 53 9.08 -11.11 -35.12
C ASP A 53 9.83 -9.78 -35.38
N GLY A 54 10.72 -9.80 -36.36
CA GLY A 54 11.49 -8.63 -36.76
C GLY A 54 11.12 -8.17 -38.17
N VAL A 55 9.89 -7.65 -38.31
CA VAL A 55 9.36 -7.18 -39.61
C VAL A 55 10.18 -5.97 -40.14
N PRO A 56 10.60 -5.94 -41.44
CA PRO A 56 11.19 -4.75 -42.08
C PRO A 56 10.19 -3.57 -42.18
N GLN A 57 10.69 -2.39 -42.56
CA GLN A 57 9.87 -1.18 -42.78
C GLN A 57 9.22 -1.29 -44.19
N PRO A 58 7.86 -1.14 -44.32
CA PRO A 58 7.15 -1.29 -45.61
C PRO A 58 7.53 -0.19 -46.65
N GLU A 59 6.90 1.00 -46.59
CA GLU A 59 7.14 2.08 -47.58
C GLU A 59 8.02 3.19 -46.97
N ALA A 60 7.91 3.36 -45.64
CA ALA A 60 8.67 4.38 -44.90
C ALA A 60 10.16 3.97 -44.75
N LEU A 61 10.94 4.26 -45.79
CA LEU A 61 12.41 3.98 -45.83
C LEU A 61 13.21 5.29 -45.99
N GLU A 62 12.52 6.40 -46.24
CA GLU A 62 13.14 7.73 -46.47
C GLU A 62 12.57 8.74 -45.44
N MET B 1 3.42 4.96 -16.63
CA MET B 1 4.14 3.98 -17.48
C MET B 1 3.59 2.56 -17.23
N GLU B 2 3.35 2.22 -15.93
CA GLU B 2 2.82 0.91 -15.49
C GLU B 2 1.48 0.61 -16.19
N GLU B 3 1.50 -0.35 -17.13
CA GLU B 3 0.35 -0.68 -17.97
C GLU B 3 0.51 -2.12 -18.50
N LEU B 4 -0.53 -2.95 -18.28
CA LEU B 4 -0.60 -4.33 -18.78
C LEU B 4 -1.97 -4.50 -19.47
N SER B 5 -2.00 -4.41 -20.81
CA SER B 5 -3.23 -4.57 -21.61
C SER B 5 -2.87 -5.12 -23.00
N GLY B 6 -3.34 -6.34 -23.30
CA GLY B 6 -3.01 -7.05 -24.54
C GLY B 6 -1.79 -7.95 -24.38
N LYS B 7 -0.80 -7.48 -23.61
CA LYS B 7 0.47 -8.20 -23.36
C LYS B 7 0.51 -8.67 -21.89
N PRO B 8 1.32 -9.74 -21.59
CA PRO B 8 1.64 -10.14 -20.19
C PRO B 8 2.77 -9.25 -19.60
N LEU B 9 3.13 -9.47 -18.33
CA LEU B 9 4.17 -8.66 -17.66
C LEU B 9 5.58 -9.23 -17.93
N SER B 10 6.53 -8.34 -18.18
CA SER B 10 7.95 -8.66 -18.35
C SER B 10 8.66 -8.67 -16.98
N TYR B 11 9.97 -8.98 -16.96
CA TYR B 11 10.78 -8.99 -15.72
C TYR B 11 10.78 -7.60 -15.05
N ALA B 12 10.97 -6.55 -15.87
CA ALA B 12 11.00 -5.15 -15.41
C ALA B 12 9.64 -4.72 -14.82
N GLU B 13 8.54 -5.17 -15.45
CA GLU B 13 7.17 -4.90 -14.97
C GLU B 13 6.91 -5.63 -13.63
N LYS B 14 7.41 -6.85 -13.54
CA LYS B 14 7.23 -7.73 -12.38
C LYS B 14 8.05 -7.24 -11.17
N GLU B 15 9.25 -6.67 -11.44
CA GLU B 15 10.16 -6.21 -10.37
C GLU B 15 9.68 -4.87 -9.80
N LYS B 16 9.22 -3.95 -10.69
CA LYS B 16 8.65 -2.65 -10.25
C LYS B 16 7.37 -2.90 -9.44
N LEU B 17 6.65 -3.97 -9.81
CA LEU B 17 5.41 -4.37 -9.14
C LEU B 17 5.70 -4.91 -7.73
N LYS B 18 6.63 -5.88 -7.60
CA LYS B 18 6.93 -6.54 -6.31
C LYS B 18 7.49 -5.55 -5.27
N GLU B 19 8.30 -4.57 -5.76
CA GLU B 19 8.88 -3.53 -4.88
C GLU B 19 7.82 -2.47 -4.52
N LYS B 20 6.84 -2.27 -5.43
CA LYS B 20 5.62 -1.49 -5.12
C LYS B 20 4.89 -2.08 -3.90
N LEU B 21 4.63 -3.40 -3.98
CA LEU B 21 3.85 -4.15 -2.98
C LEU B 21 4.50 -4.05 -1.58
N ALA B 22 5.82 -4.30 -1.54
CA ALA B 22 6.62 -4.29 -0.30
C ALA B 22 6.75 -2.88 0.32
N PHE B 23 6.89 -1.87 -0.54
CA PHE B 23 7.05 -0.46 -0.12
C PHE B 23 5.78 0.07 0.56
N LEU B 24 4.65 -0.05 -0.17
CA LEU B 24 3.34 0.42 0.33
C LEU B 24 2.91 -0.41 1.55
N LYS B 25 3.34 -1.69 1.61
CA LYS B 25 3.06 -2.61 2.74
C LYS B 25 3.75 -2.16 4.05
N LYS B 26 5.07 -1.91 3.97
CA LYS B 26 5.89 -1.59 5.17
C LYS B 26 5.47 -0.24 5.77
N GLU B 27 5.21 0.76 4.88
CA GLU B 27 4.74 2.08 5.32
C GLU B 27 3.34 1.96 5.92
N TYR B 28 2.46 1.15 5.26
CA TYR B 28 1.07 0.89 5.70
C TYR B 28 1.02 0.37 7.13
N SER B 29 1.85 -0.66 7.40
CA SER B 29 1.87 -1.34 8.70
C SER B 29 2.30 -0.36 9.82
N ARG B 30 3.38 0.40 9.55
CA ARG B 30 3.93 1.38 10.50
C ARG B 30 2.96 2.55 10.76
N THR B 31 2.48 3.16 9.65
CA THR B 31 1.73 4.42 9.68
C THR B 31 0.28 4.21 10.16
N LEU B 32 -0.29 3.01 9.86
CA LEU B 32 -1.60 2.60 10.42
C LEU B 32 -1.45 2.35 11.92
N ALA B 33 -0.35 1.67 12.32
CA ALA B 33 -0.07 1.36 13.74
C ALA B 33 -0.08 2.62 14.63
N ARG B 34 0.70 3.63 14.20
CA ARG B 34 0.86 4.91 14.94
C ARG B 34 -0.45 5.75 14.90
N LEU B 35 -1.19 5.64 13.74
CA LEU B 35 -2.51 6.28 13.54
C LEU B 35 -3.48 5.78 14.64
N GLN B 36 -3.48 4.45 14.82
CA GLN B 36 -4.34 3.78 15.81
C GLN B 36 -3.98 4.25 17.23
N ARG B 37 -2.68 4.19 17.59
CA ARG B 37 -2.21 4.52 18.97
C ARG B 37 -2.61 5.94 19.40
N ALA B 38 -2.64 6.85 18.42
CA ALA B 38 -3.09 8.24 18.62
C ALA B 38 -4.62 8.31 18.87
N LYS B 39 -5.41 7.70 17.95
CA LYS B 39 -6.89 7.79 17.95
C LYS B 39 -7.58 6.87 18.99
N ARG B 40 -6.84 5.85 19.48
CA ARG B 40 -7.36 4.92 20.51
C ARG B 40 -7.23 5.55 21.89
N ALA B 41 -6.02 6.07 22.17
CA ALA B 41 -5.71 6.75 23.44
C ALA B 41 -6.51 8.06 23.58
N GLU B 42 -6.60 8.81 22.45
CA GLU B 42 -7.28 10.13 22.37
C GLU B 42 -6.66 11.20 23.33
N LYS B 43 -5.39 10.96 23.73
CA LYS B 43 -4.56 11.96 24.45
C LYS B 43 -4.21 13.14 23.51
N ALA B 44 -4.18 12.80 22.19
CA ALA B 44 -3.78 13.70 21.11
C ALA B 44 -4.66 14.96 21.00
N LYS B 45 -5.92 14.83 21.46
CA LYS B 45 -6.90 15.92 21.53
C LYS B 45 -6.38 17.08 22.40
N ASN B 46 -5.81 16.71 23.58
CA ASN B 46 -5.36 17.65 24.63
C ASN B 46 -6.57 18.47 25.13
N SER B 47 -7.57 17.75 25.69
CA SER B 47 -8.81 18.35 26.20
C SER B 47 -8.52 19.20 27.47
N LYS B 48 -7.95 20.38 27.21
CA LYS B 48 -7.40 21.30 28.23
C LYS B 48 -7.63 22.74 27.73
N LYS B 49 -7.01 23.74 28.39
CA LYS B 49 -6.98 25.12 27.88
C LYS B 49 -6.17 25.16 26.57
N ALA B 50 -6.68 25.93 25.59
CA ALA B 50 -6.02 26.08 24.27
C ALA B 50 -4.60 26.66 24.44
N ILE B 51 -3.59 25.80 24.15
CA ILE B 51 -2.15 26.21 24.20
C ILE B 51 -1.86 27.31 23.16
N GLU B 52 -2.72 27.35 22.11
CA GLU B 52 -2.74 28.43 21.13
C GLU B 52 -3.26 29.71 21.82
N ASP B 53 -2.32 30.51 22.35
CA ASP B 53 -2.62 31.76 23.07
C ASP B 53 -2.80 32.92 22.08
N GLY B 54 -3.58 33.93 22.48
CA GLY B 54 -3.81 35.14 21.67
C GLY B 54 -2.67 36.16 21.80
N VAL B 55 -1.45 35.70 21.50
CA VAL B 55 -0.21 36.47 21.64
C VAL B 55 0.01 37.37 20.40
N PRO B 56 0.27 38.71 20.56
CA PRO B 56 0.63 39.59 19.43
C PRO B 56 2.11 39.42 19.01
N GLN B 57 2.50 40.12 17.94
CA GLN B 57 3.90 40.12 17.44
C GLN B 57 4.82 40.75 18.53
N PRO B 58 5.97 40.09 18.91
CA PRO B 58 6.83 40.53 20.05
C PRO B 58 7.26 42.02 19.98
N GLU B 59 7.81 42.43 18.83
CA GLU B 59 8.41 43.78 18.65
C GLU B 59 7.77 44.53 17.46
N ALA B 60 7.68 43.85 16.29
CA ALA B 60 7.09 44.42 15.05
C ALA B 60 7.91 45.64 14.54
N LEU B 61 9.24 45.58 14.75
CA LEU B 61 10.21 46.63 14.33
C LEU B 61 10.19 46.87 12.80
N GLU B 62 10.52 48.12 12.40
CA GLU B 62 10.63 48.53 10.99
C GLU B 62 11.79 47.77 10.30
N MET A 1 7.85 15.84 7.62
CA MET A 1 8.86 15.30 8.55
C MET A 1 8.53 15.68 10.01
N GLU A 2 7.23 15.90 10.29
CA GLU A 2 6.70 16.31 11.60
C GLU A 2 6.34 15.04 12.42
N GLU A 3 7.32 14.11 12.50
CA GLU A 3 7.14 12.76 13.04
C GLU A 3 6.95 12.79 14.57
N LEU A 4 8.03 13.20 15.28
CA LEU A 4 8.04 13.34 16.74
C LEU A 4 7.86 14.84 17.10
N SER A 5 6.64 15.34 16.86
CA SER A 5 6.25 16.71 17.25
C SER A 5 5.78 16.73 18.72
N GLY A 6 5.18 15.60 19.14
CA GLY A 6 4.64 15.43 20.49
C GLY A 6 3.14 15.65 20.57
N LYS A 7 2.52 15.92 19.41
CA LYS A 7 1.06 16.11 19.27
C LYS A 7 0.44 14.85 18.61
N PRO A 8 -0.92 14.68 18.62
CA PRO A 8 -1.58 13.72 17.73
C PRO A 8 -1.65 14.29 16.30
N LEU A 9 -1.86 13.42 15.29
CA LEU A 9 -2.06 13.88 13.91
C LEU A 9 -3.38 14.68 13.81
N SER A 10 -3.36 15.75 13.01
CA SER A 10 -4.51 16.65 12.84
C SER A 10 -5.63 15.95 12.04
N TYR A 11 -6.81 16.62 11.92
CA TYR A 11 -7.96 16.08 11.16
C TYR A 11 -7.58 15.88 9.68
N ALA A 12 -6.87 16.90 9.12
CA ALA A 12 -6.36 16.87 7.74
C ALA A 12 -5.34 15.72 7.54
N GLU A 13 -4.48 15.52 8.54
CA GLU A 13 -3.43 14.49 8.52
C GLU A 13 -4.05 13.09 8.60
N LYS A 14 -5.09 12.96 9.44
CA LYS A 14 -5.75 11.68 9.72
C LYS A 14 -6.59 11.21 8.51
N GLU A 15 -7.22 12.18 7.81
CA GLU A 15 -8.07 11.86 6.64
C GLU A 15 -7.21 11.47 5.43
N LYS A 16 -6.11 12.23 5.17
CA LYS A 16 -5.19 11.92 4.06
C LYS A 16 -4.47 10.58 4.31
N LEU A 17 -4.29 10.25 5.62
CA LEU A 17 -3.64 9.00 6.04
C LEU A 17 -4.58 7.79 5.82
N LYS A 18 -5.85 7.87 6.26
CA LYS A 18 -6.79 6.72 6.17
C LYS A 18 -7.14 6.41 4.69
N GLU A 19 -7.20 7.46 3.84
CA GLU A 19 -7.43 7.30 2.40
C GLU A 19 -6.15 6.81 1.69
N LYS A 20 -4.96 7.16 2.26
CA LYS A 20 -3.67 6.57 1.85
C LYS A 20 -3.70 5.05 2.02
N LEU A 21 -4.18 4.62 3.21
CA LEU A 21 -4.28 3.20 3.59
C LEU A 21 -5.21 2.46 2.61
N ALA A 22 -6.37 3.07 2.32
CA ALA A 22 -7.39 2.51 1.41
C ALA A 22 -6.89 2.46 -0.05
N PHE A 23 -6.12 3.48 -0.45
CA PHE A 23 -5.59 3.62 -1.82
C PHE A 23 -4.55 2.53 -2.13
N LEU A 24 -3.54 2.44 -1.24
CA LEU A 24 -2.44 1.48 -1.40
C LEU A 24 -2.95 0.03 -1.23
N LYS A 25 -4.00 -0.14 -0.39
CA LYS A 25 -4.65 -1.45 -0.14
C LYS A 25 -5.34 -1.99 -1.40
N LYS A 26 -6.20 -1.15 -2.03
CA LYS A 26 -7.00 -1.58 -3.19
C LYS A 26 -6.09 -1.85 -4.39
N GLU A 27 -5.08 -0.97 -4.61
CA GLU A 27 -4.14 -1.13 -5.73
C GLU A 27 -3.30 -2.41 -5.52
N TYR A 28 -2.88 -2.65 -4.25
CA TYR A 28 -2.12 -3.85 -3.84
C TYR A 28 -2.83 -5.14 -4.25
N SER A 29 -4.12 -5.21 -3.87
CA SER A 29 -4.95 -6.40 -4.10
C SER A 29 -5.06 -6.70 -5.61
N ARG A 30 -5.37 -5.65 -6.39
CA ARG A 30 -5.55 -5.75 -7.85
C ARG A 30 -4.23 -6.10 -8.58
N THR A 31 -3.17 -5.35 -8.25
CA THR A 31 -1.89 -5.39 -8.98
C THR A 31 -1.04 -6.62 -8.60
N LEU A 32 -1.19 -7.11 -7.36
CA LEU A 32 -0.61 -8.39 -6.92
C LEU A 32 -1.32 -9.53 -7.65
N ALA A 33 -2.68 -9.46 -7.66
CA ALA A 33 -3.52 -10.49 -8.31
C ALA A 33 -3.16 -10.70 -9.80
N ARG A 34 -3.01 -9.59 -10.54
CA ARG A 34 -2.70 -9.60 -11.99
C ARG A 34 -1.24 -10.05 -12.23
N LEU A 35 -0.33 -9.69 -11.28
CA LEU A 35 1.06 -10.21 -11.25
C LEU A 35 1.02 -11.75 -11.18
N GLN A 36 0.08 -12.28 -10.36
CA GLN A 36 -0.11 -13.75 -10.19
C GLN A 36 -0.71 -14.37 -11.47
N ARG A 37 -1.62 -13.65 -12.17
CA ARG A 37 -2.28 -14.18 -13.40
C ARG A 37 -1.26 -14.36 -14.53
N ALA A 38 -0.30 -13.44 -14.57
CA ALA A 38 0.81 -13.47 -15.54
C ALA A 38 1.77 -14.64 -15.25
N LYS A 39 2.28 -14.69 -14.00
CA LYS A 39 3.38 -15.60 -13.62
C LYS A 39 2.90 -17.06 -13.40
N ARG A 40 1.67 -17.24 -12.88
CA ARG A 40 1.14 -18.59 -12.53
C ARG A 40 0.57 -19.34 -13.76
N ALA A 41 -0.23 -18.63 -14.58
CA ALA A 41 -0.91 -19.22 -15.74
C ALA A 41 0.10 -19.62 -16.83
N GLU A 42 1.11 -18.75 -17.06
CA GLU A 42 2.29 -19.02 -17.93
C GLU A 42 1.92 -19.28 -19.41
N LYS A 43 0.66 -19.00 -19.77
CA LYS A 43 0.12 -19.24 -21.12
C LYS A 43 0.84 -18.40 -22.19
N ALA A 44 1.40 -17.26 -21.75
CA ALA A 44 2.11 -16.32 -22.61
C ALA A 44 3.55 -16.10 -22.09
N LYS A 45 4.16 -17.17 -21.53
CA LYS A 45 5.57 -17.15 -21.08
C LYS A 45 6.52 -17.05 -22.29
N ASN A 46 6.23 -17.92 -23.28
CA ASN A 46 7.12 -18.23 -24.42
C ASN A 46 8.36 -18.97 -23.88
N SER A 47 8.11 -20.19 -23.36
CA SER A 47 9.14 -21.06 -22.82
C SER A 47 10.08 -21.53 -23.95
N LYS A 48 11.16 -20.77 -24.13
CA LYS A 48 12.16 -21.01 -25.17
C LYS A 48 13.16 -22.09 -24.72
N LYS A 49 13.81 -22.76 -25.69
CA LYS A 49 14.89 -23.72 -25.43
C LYS A 49 16.08 -23.00 -24.75
N ALA A 50 16.82 -23.74 -23.89
CA ALA A 50 17.94 -23.19 -23.08
C ALA A 50 18.98 -22.47 -23.96
N ILE A 51 19.49 -21.33 -23.43
CA ILE A 51 20.41 -20.42 -24.16
C ILE A 51 21.81 -21.05 -24.42
N GLU A 52 22.08 -22.16 -23.73
CA GLU A 52 23.32 -22.94 -23.90
C GLU A 52 23.19 -23.93 -25.09
N ASP A 53 24.34 -24.40 -25.60
CA ASP A 53 24.42 -25.53 -26.56
C ASP A 53 24.16 -26.86 -25.83
N GLY A 54 24.66 -26.91 -24.61
CA GLY A 54 24.64 -28.12 -23.77
C GLY A 54 25.94 -28.24 -22.99
N VAL A 55 26.12 -27.39 -21.97
CA VAL A 55 27.29 -27.40 -21.08
C VAL A 55 26.82 -27.76 -19.64
N PRO A 56 27.50 -28.73 -18.95
CA PRO A 56 27.21 -29.02 -17.52
C PRO A 56 27.69 -27.85 -16.63
N GLN A 57 27.05 -27.69 -15.46
CA GLN A 57 27.48 -26.71 -14.46
C GLN A 57 28.87 -27.11 -13.88
N PRO A 58 29.80 -26.14 -13.57
CA PRO A 58 31.15 -26.46 -13.04
C PRO A 58 31.09 -27.40 -11.82
N GLU A 59 30.41 -26.96 -10.75
CA GLU A 59 30.07 -27.81 -9.59
C GLU A 59 28.60 -27.54 -9.20
N ALA A 60 28.34 -26.39 -8.52
CA ALA A 60 26.98 -25.97 -8.06
C ALA A 60 26.31 -27.04 -7.17
N LEU A 61 27.14 -27.85 -6.49
CA LEU A 61 26.69 -29.00 -5.68
C LEU A 61 27.25 -28.89 -4.25
N GLU A 62 28.43 -28.24 -4.12
CA GLU A 62 29.14 -28.00 -2.84
C GLU A 62 29.56 -29.34 -2.17
N MET B 1 -3.94 3.36 -18.09
CA MET B 1 -3.99 2.70 -19.43
C MET B 1 -3.05 1.47 -19.45
N GLU B 2 -2.53 1.09 -18.28
CA GLU B 2 -1.49 0.07 -18.11
C GLU B 2 -2.13 -1.31 -17.91
N GLU B 3 -2.76 -1.81 -18.99
CA GLU B 3 -3.52 -3.07 -18.97
C GLU B 3 -2.83 -4.16 -19.82
N LEU B 4 -2.93 -5.42 -19.36
CA LEU B 4 -2.29 -6.58 -20.01
C LEU B 4 -3.00 -6.87 -21.36
N SER B 5 -2.30 -6.54 -22.46
CA SER B 5 -2.84 -6.65 -23.83
C SER B 5 -2.55 -8.04 -24.44
N GLY B 6 -2.90 -9.10 -23.69
CA GLY B 6 -2.60 -10.48 -24.07
C GLY B 6 -1.24 -10.93 -23.54
N LYS B 7 -0.27 -10.02 -23.62
CA LYS B 7 1.12 -10.24 -23.16
C LYS B 7 1.20 -10.00 -21.62
N PRO B 8 2.06 -10.75 -20.88
CA PRO B 8 2.24 -10.56 -19.41
C PRO B 8 3.12 -9.34 -19.09
N LEU B 9 3.35 -9.09 -17.80
CA LEU B 9 4.32 -8.07 -17.36
C LEU B 9 5.76 -8.60 -17.59
N SER B 10 6.67 -7.70 -17.98
CA SER B 10 8.09 -7.99 -18.21
C SER B 10 8.83 -8.20 -16.87
N TYR B 11 10.13 -8.55 -16.95
CA TYR B 11 10.99 -8.73 -15.76
C TYR B 11 11.11 -7.42 -14.98
N ALA B 12 11.31 -6.32 -15.73
CA ALA B 12 11.38 -4.95 -15.17
C ALA B 12 10.06 -4.56 -14.50
N GLU B 13 8.94 -4.90 -15.17
CA GLU B 13 7.59 -4.59 -14.67
C GLU B 13 7.27 -5.40 -13.40
N LYS B 14 7.71 -6.66 -13.37
CA LYS B 14 7.42 -7.60 -12.29
C LYS B 14 8.22 -7.24 -11.02
N GLU B 15 9.48 -6.79 -11.22
CA GLU B 15 10.36 -6.43 -10.09
C GLU B 15 9.91 -5.10 -9.44
N LYS B 16 9.57 -4.08 -10.29
CA LYS B 16 9.08 -2.79 -9.79
C LYS B 16 7.72 -2.98 -9.09
N LEU B 17 6.94 -3.97 -9.57
CA LEU B 17 5.63 -4.29 -9.02
C LEU B 17 5.75 -4.95 -7.61
N LYS B 18 6.61 -5.99 -7.48
CA LYS B 18 6.73 -6.74 -6.21
C LYS B 18 7.34 -5.85 -5.08
N GLU B 19 8.25 -4.93 -5.46
CA GLU B 19 8.84 -3.97 -4.51
C GLU B 19 7.85 -2.83 -4.20
N LYS B 20 6.93 -2.53 -5.16
CA LYS B 20 5.76 -1.64 -4.94
C LYS B 20 4.90 -2.22 -3.81
N LEU B 21 4.62 -3.53 -3.90
CA LEU B 21 3.80 -4.28 -2.93
C LEU B 21 4.44 -4.21 -1.54
N ALA B 22 5.76 -4.47 -1.50
CA ALA B 22 6.56 -4.48 -0.25
C ALA B 22 6.64 -3.07 0.38
N PHE B 23 6.74 -2.04 -0.48
CA PHE B 23 6.90 -0.63 -0.06
C PHE B 23 5.61 -0.11 0.60
N LEU B 24 4.48 -0.27 -0.12
CA LEU B 24 3.18 0.19 0.36
C LEU B 24 2.72 -0.63 1.58
N LYS B 25 3.15 -1.91 1.64
CA LYS B 25 2.84 -2.83 2.76
C LYS B 25 3.50 -2.37 4.07
N LYS B 26 4.81 -2.10 4.01
CA LYS B 26 5.60 -1.75 5.20
C LYS B 26 5.17 -0.37 5.74
N GLU B 27 4.96 0.61 4.82
CA GLU B 27 4.55 1.97 5.21
C GLU B 27 3.14 1.91 5.82
N TYR B 28 2.25 1.07 5.23
CA TYR B 28 0.87 0.85 5.71
C TYR B 28 0.86 0.42 7.18
N SER B 29 1.66 -0.61 7.49
CA SER B 29 1.73 -1.22 8.82
C SER B 29 2.18 -0.18 9.86
N ARG B 30 3.25 0.57 9.52
CA ARG B 30 3.84 1.58 10.41
C ARG B 30 2.89 2.79 10.62
N THR B 31 2.38 3.32 9.50
CA THR B 31 1.64 4.60 9.47
C THR B 31 0.20 4.43 9.98
N LEU B 32 -0.39 3.23 9.78
CA LEU B 32 -1.68 2.85 10.38
C LEU B 32 -1.51 2.72 11.89
N ALA B 33 -0.43 2.01 12.31
CA ALA B 33 -0.13 1.76 13.72
C ALA B 33 0.00 3.08 14.53
N ARG B 34 0.76 4.05 13.97
CA ARG B 34 1.01 5.35 14.62
C ARG B 34 -0.26 6.23 14.61
N LEU B 35 -1.09 6.09 13.55
CA LEU B 35 -2.44 6.69 13.48
C LEU B 35 -3.27 6.20 14.69
N GLN B 36 -3.15 4.88 14.99
CA GLN B 36 -3.84 4.25 16.12
C GLN B 36 -3.30 4.75 17.48
N ARG B 37 -1.96 4.98 17.57
CA ARG B 37 -1.33 5.44 18.83
C ARG B 37 -1.80 6.86 19.22
N ALA B 38 -2.04 7.68 18.18
CA ALA B 38 -2.55 9.04 18.34
C ALA B 38 -4.02 9.03 18.80
N LYS B 39 -4.88 8.33 18.03
CA LYS B 39 -6.34 8.38 18.20
C LYS B 39 -6.85 7.54 19.40
N ARG B 40 -6.18 6.39 19.69
CA ARG B 40 -6.63 5.44 20.74
C ARG B 40 -6.18 5.89 22.15
N ALA B 41 -4.89 6.27 22.27
CA ALA B 41 -4.30 6.63 23.57
C ALA B 41 -4.91 7.93 24.10
N GLU B 42 -5.10 8.92 23.17
CA GLU B 42 -5.81 10.20 23.46
C GLU B 42 -5.10 11.07 24.54
N LYS B 43 -3.85 10.70 24.83
CA LYS B 43 -2.94 11.35 25.81
C LYS B 43 -2.80 12.89 25.55
N ALA B 44 -2.79 13.26 24.26
CA ALA B 44 -2.54 14.64 23.82
C ALA B 44 -3.74 15.17 23.02
N LYS B 45 -4.88 14.46 23.09
CA LYS B 45 -6.15 14.89 22.47
C LYS B 45 -6.69 16.10 23.27
N ASN B 46 -6.86 15.86 24.60
CA ASN B 46 -7.49 16.81 25.55
C ASN B 46 -8.96 17.05 25.19
N SER B 47 -9.87 16.45 25.98
CA SER B 47 -11.31 16.64 25.81
C SER B 47 -11.69 18.09 26.15
N LYS B 48 -11.68 18.94 25.11
CA LYS B 48 -12.00 20.38 25.20
C LYS B 48 -13.49 20.58 25.56
N LYS B 49 -13.80 21.69 26.25
CA LYS B 49 -15.18 22.05 26.64
C LYS B 49 -16.10 22.11 25.40
N ALA B 50 -17.38 21.75 25.60
CA ALA B 50 -18.40 21.77 24.56
C ALA B 50 -18.61 23.21 24.04
N ILE B 51 -18.38 23.40 22.73
CA ILE B 51 -18.54 24.71 22.07
C ILE B 51 -20.02 25.18 22.06
N GLU B 52 -20.93 24.22 22.29
CA GLU B 52 -22.38 24.46 22.38
C GLU B 52 -22.81 24.64 23.85
N ASP B 53 -24.09 25.02 24.03
CA ASP B 53 -24.69 25.27 25.36
C ASP B 53 -25.44 24.03 25.86
N GLY B 54 -25.10 22.85 25.32
CA GLY B 54 -25.87 21.62 25.56
C GLY B 54 -27.23 21.71 24.88
N VAL B 55 -27.20 21.85 23.54
CA VAL B 55 -28.40 22.07 22.73
C VAL B 55 -29.28 20.79 22.72
N PRO B 56 -30.57 20.85 23.20
CA PRO B 56 -31.47 19.69 23.19
C PRO B 56 -31.85 19.32 21.74
N GLN B 57 -31.77 18.03 21.44
CA GLN B 57 -32.06 17.52 20.09
C GLN B 57 -33.59 17.65 19.80
N PRO B 58 -34.00 18.48 18.78
CA PRO B 58 -35.42 18.64 18.40
C PRO B 58 -36.03 17.30 17.91
N GLU B 59 -35.24 16.59 17.09
CA GLU B 59 -35.63 15.29 16.51
C GLU B 59 -34.45 14.30 16.64
N ALA B 60 -33.42 14.49 15.77
CA ALA B 60 -32.20 13.63 15.68
C ALA B 60 -32.55 12.19 15.23
N LEU B 61 -33.14 11.40 16.15
CA LEU B 61 -33.53 9.98 15.93
C LEU B 61 -34.42 9.84 14.67
N GLU B 62 -33.99 8.96 13.75
CA GLU B 62 -34.61 8.77 12.43
C GLU B 62 -35.60 7.56 12.47
N MET A 1 10.32 15.68 5.98
CA MET A 1 11.00 15.78 7.29
C MET A 1 10.08 15.18 8.36
N GLU A 2 10.17 13.86 8.51
CA GLU A 2 9.34 13.09 9.44
C GLU A 2 10.03 13.05 10.80
N GLU A 3 10.09 14.22 11.46
CA GLU A 3 10.60 14.34 12.82
C GLU A 3 9.55 13.76 13.78
N LEU A 4 9.76 12.49 14.15
CA LEU A 4 8.83 11.70 14.97
C LEU A 4 8.83 12.23 16.41
N SER A 5 8.00 13.26 16.63
CA SER A 5 7.80 13.88 17.93
C SER A 5 6.63 13.17 18.66
N GLY A 6 6.39 13.50 19.94
CA GLY A 6 5.37 12.81 20.76
C GLY A 6 3.93 13.26 20.49
N LYS A 7 3.71 13.93 19.34
CA LYS A 7 2.39 14.44 18.93
C LYS A 7 1.60 13.34 18.20
N PRO A 8 0.24 13.32 18.34
CA PRO A 8 -0.63 12.46 17.52
C PRO A 8 -0.94 13.14 16.17
N LEU A 9 -1.60 12.42 15.26
CA LEU A 9 -2.07 13.01 14.00
C LEU A 9 -3.29 13.93 14.26
N SER A 10 -3.32 15.07 13.54
CA SER A 10 -4.44 16.03 13.55
C SER A 10 -5.61 15.47 12.71
N TYR A 11 -6.73 16.21 12.64
CA TYR A 11 -7.89 15.86 11.80
C TYR A 11 -7.47 15.73 10.31
N ALA A 12 -6.70 16.72 9.85
CA ALA A 12 -6.15 16.77 8.49
C ALA A 12 -5.18 15.60 8.22
N GLU A 13 -4.36 15.28 9.23
CA GLU A 13 -3.34 14.21 9.13
C GLU A 13 -4.01 12.82 9.14
N LYS A 14 -5.09 12.71 9.93
CA LYS A 14 -5.86 11.45 10.09
C LYS A 14 -6.56 11.09 8.77
N GLU A 15 -7.17 12.11 8.14
CA GLU A 15 -7.95 11.91 6.90
C GLU A 15 -7.02 11.64 5.69
N LYS A 16 -5.87 12.34 5.62
CA LYS A 16 -4.89 12.10 4.53
C LYS A 16 -4.23 10.71 4.70
N LEU A 17 -4.14 10.26 5.97
CA LEU A 17 -3.54 8.97 6.33
C LEU A 17 -4.48 7.81 5.93
N LYS A 18 -5.77 7.92 6.27
CA LYS A 18 -6.75 6.84 5.99
C LYS A 18 -6.97 6.68 4.47
N GLU A 19 -6.92 7.81 3.72
CA GLU A 19 -7.07 7.77 2.24
C GLU A 19 -5.77 7.27 1.58
N LYS A 20 -4.62 7.52 2.24
CA LYS A 20 -3.32 6.90 1.89
C LYS A 20 -3.45 5.37 1.93
N LEU A 21 -3.93 4.87 3.09
CA LEU A 21 -4.10 3.44 3.36
C LEU A 21 -5.02 2.81 2.31
N ALA A 22 -6.19 3.47 2.11
CA ALA A 22 -7.25 3.02 1.19
C ALA A 22 -6.74 2.87 -0.26
N PHE A 23 -5.99 3.89 -0.71
CA PHE A 23 -5.46 3.96 -2.07
C PHE A 23 -4.40 2.86 -2.33
N LEU A 24 -3.39 2.80 -1.45
CA LEU A 24 -2.28 1.85 -1.62
C LEU A 24 -2.72 0.38 -1.42
N LYS A 25 -3.74 0.14 -0.55
CA LYS A 25 -4.20 -1.24 -0.24
C LYS A 25 -5.11 -1.78 -1.37
N LYS A 26 -5.92 -0.89 -2.00
CA LYS A 26 -6.83 -1.29 -3.09
C LYS A 26 -6.01 -1.60 -4.35
N GLU A 27 -4.96 -0.78 -4.61
CA GLU A 27 -4.06 -1.02 -5.74
C GLU A 27 -3.23 -2.29 -5.46
N TYR A 28 -2.82 -2.47 -4.17
CA TYR A 28 -2.05 -3.64 -3.70
C TYR A 28 -2.76 -4.94 -4.06
N SER A 29 -4.04 -5.03 -3.66
CA SER A 29 -4.84 -6.24 -3.85
C SER A 29 -5.09 -6.52 -5.35
N ARG A 30 -5.47 -5.48 -6.11
CA ARG A 30 -5.79 -5.62 -7.55
C ARG A 30 -4.55 -6.03 -8.38
N THR A 31 -3.45 -5.29 -8.17
CA THR A 31 -2.22 -5.44 -8.96
C THR A 31 -1.44 -6.71 -8.53
N LEU A 32 -1.59 -7.14 -7.26
CA LEU A 32 -1.02 -8.42 -6.78
C LEU A 32 -1.82 -9.59 -7.38
N ALA A 33 -3.15 -9.41 -7.50
CA ALA A 33 -4.06 -10.43 -8.06
C ALA A 33 -3.65 -10.79 -9.50
N ARG A 34 -3.50 -9.73 -10.34
CA ARG A 34 -3.09 -9.86 -11.74
C ARG A 34 -1.62 -10.32 -11.85
N LEU A 35 -0.76 -9.92 -10.86
CA LEU A 35 0.64 -10.39 -10.75
C LEU A 35 0.67 -11.92 -10.68
N GLN A 36 -0.17 -12.48 -9.78
CA GLN A 36 -0.25 -13.92 -9.55
C GLN A 36 -0.79 -14.64 -10.81
N ARG A 37 -1.82 -14.06 -11.43
CA ARG A 37 -2.46 -14.63 -12.64
C ARG A 37 -1.48 -14.66 -13.83
N ALA A 38 -0.62 -13.64 -13.89
CA ALA A 38 0.38 -13.51 -14.96
C ALA A 38 1.50 -14.57 -14.81
N LYS A 39 2.04 -14.68 -13.58
CA LYS A 39 3.19 -15.56 -13.29
C LYS A 39 2.80 -17.05 -13.19
N ARG A 40 1.55 -17.32 -12.75
CA ARG A 40 1.04 -18.71 -12.60
C ARG A 40 0.55 -19.30 -13.94
N ALA A 41 0.15 -18.42 -14.87
CA ALA A 41 -0.30 -18.83 -16.21
C ALA A 41 0.92 -19.06 -17.11
N GLU A 42 1.75 -17.99 -17.26
CA GLU A 42 2.92 -17.95 -18.17
C GLU A 42 2.57 -18.37 -19.61
N LYS A 43 1.31 -18.09 -19.99
CA LYS A 43 0.73 -18.40 -21.32
C LYS A 43 1.56 -17.81 -22.48
N ALA A 44 2.27 -16.70 -22.22
CA ALA A 44 3.03 -15.97 -23.24
C ALA A 44 4.55 -16.15 -23.05
N LYS A 45 4.98 -17.24 -22.36
CA LYS A 45 6.41 -17.61 -22.28
C LYS A 45 6.90 -17.99 -23.68
N ASN A 46 6.13 -18.88 -24.33
CA ASN A 46 6.44 -19.49 -25.63
C ASN A 46 7.75 -20.30 -25.52
N SER A 47 7.61 -21.55 -25.01
CA SER A 47 8.72 -22.44 -24.68
C SER A 47 9.45 -22.92 -25.96
N LYS A 48 10.35 -22.06 -26.48
CA LYS A 48 11.17 -22.32 -27.67
C LYS A 48 12.63 -21.94 -27.35
N LYS A 49 13.49 -21.85 -28.39
CA LYS A 49 14.92 -21.58 -28.22
C LYS A 49 15.16 -20.08 -27.95
N ALA A 50 15.81 -19.79 -26.81
CA ALA A 50 16.11 -18.41 -26.38
C ALA A 50 17.14 -17.74 -27.31
N ILE A 51 16.77 -16.56 -27.84
CA ILE A 51 17.54 -15.81 -28.86
C ILE A 51 18.74 -15.01 -28.27
N GLU A 52 18.89 -15.02 -26.93
CA GLU A 52 19.93 -14.25 -26.22
C GLU A 52 21.17 -15.11 -25.96
N ASP A 53 22.27 -14.42 -25.56
CA ASP A 53 23.61 -15.04 -25.33
C ASP A 53 23.67 -15.79 -23.99
N GLY A 54 24.61 -16.73 -23.89
CA GLY A 54 24.89 -17.48 -22.68
C GLY A 54 26.22 -18.21 -22.78
N VAL A 55 27.27 -17.49 -23.23
CA VAL A 55 28.64 -18.06 -23.36
C VAL A 55 29.28 -18.25 -21.95
N PRO A 56 29.81 -19.48 -21.61
CA PRO A 56 30.57 -19.71 -20.36
C PRO A 56 32.07 -19.33 -20.50
N GLN A 57 32.84 -19.63 -19.45
CA GLN A 57 34.31 -19.39 -19.44
C GLN A 57 35.03 -20.45 -20.32
N PRO A 58 35.86 -20.02 -21.35
CA PRO A 58 36.56 -20.95 -22.27
C PRO A 58 37.54 -21.90 -21.53
N GLU A 59 38.57 -21.33 -20.89
CA GLU A 59 39.53 -22.11 -20.06
C GLU A 59 38.98 -22.19 -18.62
N ALA A 60 39.12 -21.08 -17.87
CA ALA A 60 38.73 -20.98 -16.45
C ALA A 60 38.97 -19.54 -15.95
N LEU A 61 37.89 -18.73 -15.90
CA LEU A 61 37.96 -17.34 -15.41
C LEU A 61 37.52 -17.31 -13.92
N GLU A 62 36.23 -17.62 -13.67
CA GLU A 62 35.64 -17.62 -12.33
C GLU A 62 34.79 -18.91 -12.16
N MET B 1 -0.60 6.42 -20.63
CA MET B 1 -0.38 5.42 -21.70
C MET B 1 -0.05 4.05 -21.07
N GLU B 2 -1.06 3.16 -21.00
CA GLU B 2 -0.93 1.82 -20.41
C GLU B 2 -1.94 0.88 -21.08
N GLU B 3 -1.45 -0.04 -21.90
CA GLU B 3 -2.29 -0.97 -22.66
C GLU B 3 -2.76 -2.14 -21.77
N LEU B 4 -4.06 -2.17 -21.46
CA LEU B 4 -4.70 -3.31 -20.78
C LEU B 4 -4.99 -4.41 -21.82
N SER B 5 -3.97 -5.24 -22.09
CA SER B 5 -4.05 -6.32 -23.10
C SER B 5 -3.91 -7.71 -22.44
N GLY B 6 -4.02 -8.78 -23.25
CA GLY B 6 -3.87 -10.17 -22.77
C GLY B 6 -2.41 -10.58 -22.53
N LYS B 7 -1.49 -9.60 -22.57
CA LYS B 7 -0.08 -9.79 -22.21
C LYS B 7 0.07 -9.90 -20.67
N PRO B 8 1.02 -10.73 -20.16
CA PRO B 8 1.36 -10.78 -18.72
C PRO B 8 2.39 -9.68 -18.36
N LEU B 9 2.93 -9.74 -17.15
CA LEU B 9 4.05 -8.88 -16.76
C LEU B 9 5.36 -9.41 -17.38
N SER B 10 6.25 -8.48 -17.74
CA SER B 10 7.64 -8.79 -18.11
C SER B 10 8.49 -8.92 -16.84
N TYR B 11 9.79 -9.23 -17.00
CA TYR B 11 10.76 -9.29 -15.88
C TYR B 11 10.85 -7.93 -15.17
N ALA B 12 10.95 -6.85 -15.98
CA ALA B 12 11.01 -5.46 -15.51
C ALA B 12 9.72 -5.06 -14.79
N GLU B 13 8.57 -5.51 -15.33
CA GLU B 13 7.24 -5.19 -14.78
C GLU B 13 7.01 -5.94 -13.45
N LYS B 14 7.51 -7.18 -13.39
CA LYS B 14 7.37 -8.07 -12.22
C LYS B 14 8.15 -7.49 -11.03
N GLU B 15 9.38 -7.03 -11.30
CA GLU B 15 10.30 -6.53 -10.26
C GLU B 15 9.85 -5.14 -9.74
N LYS B 16 9.37 -4.27 -10.65
CA LYS B 16 8.84 -2.94 -10.26
C LYS B 16 7.52 -3.11 -9.46
N LEU B 17 6.77 -4.19 -9.77
CA LEU B 17 5.49 -4.49 -9.14
C LEU B 17 5.72 -5.01 -7.69
N LYS B 18 6.66 -5.95 -7.51
CA LYS B 18 6.93 -6.55 -6.19
C LYS B 18 7.52 -5.51 -5.22
N GLU B 19 8.35 -4.57 -5.74
CA GLU B 19 8.94 -3.48 -4.93
C GLU B 19 7.88 -2.40 -4.63
N LYS B 20 6.92 -2.22 -5.56
CA LYS B 20 5.70 -1.42 -5.33
C LYS B 20 4.96 -1.94 -4.09
N LEU B 21 4.67 -3.27 -4.11
CA LEU B 21 3.93 -3.96 -3.05
C LEU B 21 4.65 -3.79 -1.71
N ALA B 22 5.98 -4.08 -1.74
CA ALA B 22 6.87 -4.03 -0.56
C ALA B 22 6.86 -2.65 0.11
N PHE B 23 7.00 -1.60 -0.71
CA PHE B 23 7.07 -0.21 -0.26
C PHE B 23 5.75 0.24 0.38
N LEU B 24 4.64 0.08 -0.36
CA LEU B 24 3.33 0.55 0.09
C LEU B 24 2.81 -0.26 1.31
N LYS B 25 3.16 -1.55 1.41
CA LYS B 25 2.67 -2.43 2.52
C LYS B 25 3.46 -2.18 3.81
N LYS B 26 4.77 -1.88 3.70
CA LYS B 26 5.61 -1.62 4.90
C LYS B 26 5.24 -0.26 5.50
N GLU B 27 4.96 0.74 4.62
CA GLU B 27 4.52 2.06 5.08
C GLU B 27 3.10 1.92 5.65
N TYR B 28 2.25 1.08 5.00
CA TYR B 28 0.86 0.81 5.43
C TYR B 28 0.83 0.35 6.89
N SER B 29 1.62 -0.68 7.20
CA SER B 29 1.63 -1.30 8.54
C SER B 29 2.18 -0.33 9.60
N ARG B 30 3.30 0.36 9.28
CA ARG B 30 3.96 1.30 10.22
C ARG B 30 3.06 2.52 10.54
N THR B 31 2.54 3.16 9.48
CA THR B 31 1.78 4.41 9.58
C THR B 31 0.34 4.15 10.10
N LEU B 32 -0.20 2.93 9.84
CA LEU B 32 -1.49 2.49 10.42
C LEU B 32 -1.30 2.23 11.93
N ALA B 33 -0.15 1.65 12.31
CA ALA B 33 0.18 1.34 13.71
C ALA B 33 0.16 2.61 14.58
N ARG B 34 0.90 3.64 14.12
CA ARG B 34 0.99 4.95 14.80
C ARG B 34 -0.36 5.70 14.71
N LEU B 35 -1.13 5.48 13.59
CA LEU B 35 -2.51 6.03 13.44
C LEU B 35 -3.38 5.56 14.60
N GLN B 36 -3.34 4.23 14.88
CA GLN B 36 -4.14 3.61 15.93
C GLN B 36 -3.70 4.11 17.31
N ARG B 37 -2.39 4.21 17.53
CA ARG B 37 -1.81 4.67 18.82
C ARG B 37 -2.18 6.15 19.09
N ALA B 38 -2.29 6.94 18.02
CA ALA B 38 -2.64 8.37 18.09
C ALA B 38 -4.11 8.55 18.50
N LYS B 39 -5.01 7.85 17.78
CA LYS B 39 -6.48 7.99 17.95
C LYS B 39 -7.00 7.28 19.22
N ARG B 40 -6.34 6.19 19.63
CA ARG B 40 -6.73 5.41 20.82
C ARG B 40 -6.21 6.04 22.12
N ALA B 41 -5.11 6.81 22.03
CA ALA B 41 -4.56 7.51 23.20
C ALA B 41 -5.31 8.84 23.41
N GLU B 42 -5.32 9.69 22.35
CA GLU B 42 -5.86 11.09 22.40
C GLU B 42 -5.25 11.91 23.56
N LYS B 43 -4.02 11.50 23.95
CA LYS B 43 -3.26 12.03 25.10
C LYS B 43 -3.04 13.55 25.03
N ALA B 44 -2.98 14.10 23.81
CA ALA B 44 -2.68 15.53 23.58
C ALA B 44 -3.86 16.44 23.96
N LYS B 45 -5.06 15.85 24.11
CA LYS B 45 -6.24 16.58 24.60
C LYS B 45 -6.15 16.72 26.13
N ASN B 46 -6.40 15.60 26.86
CA ASN B 46 -6.50 15.56 28.32
C ASN B 46 -7.42 16.69 28.87
N SER B 47 -8.72 16.57 28.51
CA SER B 47 -9.82 17.44 29.01
C SER B 47 -9.55 18.96 28.77
N LYS B 48 -9.87 19.44 27.57
CA LYS B 48 -9.74 20.88 27.21
C LYS B 48 -11.06 21.39 26.61
N LYS B 49 -11.41 22.63 26.97
CA LYS B 49 -12.45 23.40 26.27
C LYS B 49 -11.82 23.85 24.95
N ALA B 50 -12.38 23.40 23.81
CA ALA B 50 -11.82 23.66 22.48
C ALA B 50 -11.72 25.16 22.18
N ILE B 51 -10.59 25.59 21.57
CA ILE B 51 -10.37 27.00 21.19
C ILE B 51 -11.34 27.41 20.06
N GLU B 52 -11.85 26.39 19.35
CA GLU B 52 -12.89 26.55 18.32
C GLU B 52 -14.31 26.49 18.95
N ASP B 53 -15.32 26.78 18.12
CA ASP B 53 -16.74 26.70 18.50
C ASP B 53 -17.58 26.55 17.23
N GLY B 54 -18.78 26.00 17.39
CA GLY B 54 -19.73 25.85 16.31
C GLY B 54 -21.13 26.23 16.74
N VAL B 55 -21.35 27.55 16.95
CA VAL B 55 -22.69 28.12 17.22
C VAL B 55 -23.66 27.75 16.07
N PRO B 56 -24.90 27.22 16.36
CA PRO B 56 -25.90 26.93 15.31
C PRO B 56 -26.57 28.20 14.79
N GLN B 57 -27.53 28.02 13.89
CA GLN B 57 -28.26 29.13 13.25
C GLN B 57 -29.15 29.88 14.28
N PRO B 58 -29.17 31.27 14.25
CA PRO B 58 -29.85 32.09 15.29
C PRO B 58 -31.38 31.87 15.36
N GLU B 59 -32.05 31.90 14.21
CA GLU B 59 -33.53 31.83 14.12
C GLU B 59 -34.00 30.36 14.06
N ALA B 60 -33.49 29.64 13.04
CA ALA B 60 -33.88 28.24 12.72
C ALA B 60 -35.32 28.12 12.14
N LEU B 61 -35.90 29.26 11.71
CA LEU B 61 -37.21 29.31 11.02
C LEU B 61 -37.03 29.07 9.51
N GLU B 62 -38.17 28.92 8.80
CA GLU B 62 -38.21 28.77 7.34
C GLU B 62 -39.59 29.24 6.79
N MET A 1 -1.27 27.31 23.62
CA MET A 1 -0.61 26.06 23.18
C MET A 1 0.75 26.39 22.54
N GLU A 2 1.81 26.34 23.35
CA GLU A 2 3.20 26.57 22.90
C GLU A 2 4.18 25.57 23.55
N GLU A 3 3.68 24.79 24.55
CA GLU A 3 4.48 23.77 25.24
C GLU A 3 4.68 22.54 24.34
N LEU A 4 5.92 22.02 24.30
CA LEU A 4 6.24 20.77 23.58
C LEU A 4 5.62 19.59 24.35
N SER A 5 4.67 18.91 23.69
CA SER A 5 3.89 17.83 24.29
C SER A 5 3.37 16.90 23.18
N GLY A 6 2.87 15.72 23.56
CA GLY A 6 2.45 14.67 22.62
C GLY A 6 1.06 14.90 22.05
N LYS A 7 0.91 16.01 21.30
CA LYS A 7 -0.31 16.33 20.53
C LYS A 7 -0.42 15.37 19.32
N PRO A 8 -1.67 14.99 18.90
CA PRO A 8 -1.87 14.06 17.79
C PRO A 8 -1.79 14.77 16.43
N LEU A 9 -1.92 13.99 15.36
CA LEU A 9 -2.02 14.52 13.99
C LEU A 9 -3.32 15.35 13.80
N SER A 10 -3.31 16.26 12.83
CA SER A 10 -4.45 17.13 12.51
C SER A 10 -5.56 16.32 11.79
N TYR A 11 -6.71 16.98 11.59
CA TYR A 11 -7.85 16.41 10.86
C TYR A 11 -7.41 16.05 9.44
N ALA A 12 -6.79 17.03 8.76
CA ALA A 12 -6.30 16.88 7.38
C ALA A 12 -5.21 15.79 7.25
N GLU A 13 -4.39 15.64 8.32
CA GLU A 13 -3.34 14.61 8.37
C GLU A 13 -3.97 13.20 8.53
N LYS A 14 -5.02 13.11 9.34
CA LYS A 14 -5.78 11.86 9.55
C LYS A 14 -6.48 11.44 8.26
N GLU A 15 -7.04 12.42 7.53
CA GLU A 15 -7.80 12.19 6.29
C GLU A 15 -6.90 11.68 5.18
N LYS A 16 -5.76 12.38 4.97
CA LYS A 16 -4.77 11.96 3.97
C LYS A 16 -4.16 10.58 4.33
N LEU A 17 -4.08 10.28 5.64
CA LEU A 17 -3.50 9.02 6.13
C LEU A 17 -4.47 7.84 5.89
N LYS A 18 -5.74 8.01 6.26
CA LYS A 18 -6.75 6.93 6.15
C LYS A 18 -7.06 6.62 4.67
N GLU A 19 -7.01 7.67 3.81
CA GLU A 19 -7.22 7.50 2.36
C GLU A 19 -5.95 6.91 1.73
N LYS A 20 -4.77 7.19 2.33
CA LYS A 20 -3.50 6.52 1.95
C LYS A 20 -3.65 5.01 2.12
N LEU A 21 -4.16 4.61 3.30
CA LEU A 21 -4.36 3.19 3.67
C LEU A 21 -5.29 2.51 2.65
N ALA A 22 -6.43 3.17 2.36
CA ALA A 22 -7.47 2.65 1.43
C ALA A 22 -6.96 2.58 -0.02
N PHE A 23 -6.15 3.57 -0.42
CA PHE A 23 -5.64 3.71 -1.80
C PHE A 23 -4.62 2.61 -2.12
N LEU A 24 -3.57 2.51 -1.28
CA LEU A 24 -2.52 1.50 -1.44
C LEU A 24 -3.09 0.08 -1.24
N LYS A 25 -4.12 -0.05 -0.37
CA LYS A 25 -4.83 -1.33 -0.09
C LYS A 25 -5.53 -1.88 -1.35
N LYS A 26 -6.36 -1.03 -1.97
CA LYS A 26 -7.20 -1.45 -3.10
C LYS A 26 -6.31 -1.78 -4.31
N GLU A 27 -5.29 -0.93 -4.56
CA GLU A 27 -4.38 -1.11 -5.70
C GLU A 27 -3.51 -2.36 -5.47
N TYR A 28 -3.11 -2.60 -4.20
CA TYR A 28 -2.32 -3.78 -3.78
C TYR A 28 -3.05 -5.07 -4.17
N SER A 29 -4.34 -5.12 -3.82
CA SER A 29 -5.19 -6.29 -4.06
C SER A 29 -5.33 -6.56 -5.58
N ARG A 30 -5.60 -5.49 -6.36
CA ARG A 30 -5.79 -5.58 -7.82
C ARG A 30 -4.49 -5.98 -8.54
N THR A 31 -3.39 -5.31 -8.16
CA THR A 31 -2.10 -5.43 -8.84
C THR A 31 -1.36 -6.73 -8.47
N LEU A 32 -1.58 -7.22 -7.23
CA LEU A 32 -1.05 -8.53 -6.80
C LEU A 32 -1.84 -9.63 -7.51
N ALA A 33 -3.18 -9.43 -7.61
CA ALA A 33 -4.09 -10.36 -8.30
C ALA A 33 -3.64 -10.61 -9.75
N ARG A 34 -3.46 -9.52 -10.50
CA ARG A 34 -3.08 -9.57 -11.93
C ARG A 34 -1.63 -10.07 -12.11
N LEU A 35 -0.76 -9.72 -11.12
CA LEU A 35 0.64 -10.21 -11.07
C LEU A 35 0.64 -11.75 -11.00
N GLN A 36 -0.23 -12.31 -10.12
CA GLN A 36 -0.35 -13.76 -9.91
C GLN A 36 -0.96 -14.44 -11.15
N ARG A 37 -1.96 -13.78 -11.77
CA ARG A 37 -2.64 -14.34 -12.97
C ARG A 37 -1.69 -14.41 -14.18
N ALA A 38 -0.67 -13.52 -14.20
CA ALA A 38 0.40 -13.56 -15.20
C ALA A 38 1.41 -14.69 -14.88
N LYS A 39 2.01 -14.64 -13.68
CA LYS A 39 3.19 -15.47 -13.30
C LYS A 39 2.84 -16.94 -12.98
N ARG A 40 1.61 -17.19 -12.51
CA ARG A 40 1.15 -18.55 -12.18
C ARG A 40 0.65 -19.28 -13.43
N ALA A 41 -0.24 -18.62 -14.20
CA ALA A 41 -0.85 -19.20 -15.42
C ALA A 41 0.22 -19.41 -16.50
N GLU A 42 0.96 -18.31 -16.80
CA GLU A 42 2.04 -18.30 -17.82
C GLU A 42 1.52 -18.69 -19.23
N LYS A 43 0.23 -18.40 -19.47
CA LYS A 43 -0.47 -18.63 -20.76
C LYS A 43 0.26 -17.95 -21.94
N ALA A 44 0.86 -16.77 -21.66
CA ALA A 44 1.51 -15.93 -22.68
C ALA A 44 2.88 -16.50 -23.12
N LYS A 45 3.37 -17.53 -22.39
CA LYS A 45 4.55 -18.35 -22.79
C LYS A 45 4.20 -19.20 -24.05
N ASN A 46 2.88 -19.29 -24.33
CA ASN A 46 2.29 -20.12 -25.38
C ASN A 46 2.44 -21.59 -25.00
N SER A 47 2.02 -21.85 -23.75
CA SER A 47 1.96 -23.18 -23.13
C SER A 47 0.72 -23.95 -23.65
N LYS A 48 0.44 -25.13 -23.06
CA LYS A 48 -0.74 -25.94 -23.41
C LYS A 48 -2.02 -25.32 -22.82
N LYS A 49 -2.52 -24.28 -23.50
CA LYS A 49 -3.78 -23.59 -23.18
C LYS A 49 -4.84 -24.07 -24.21
N ALA A 50 -6.12 -23.93 -23.83
CA ALA A 50 -7.27 -24.22 -24.73
C ALA A 50 -7.15 -23.41 -26.05
N ILE A 51 -7.38 -24.10 -27.18
CA ILE A 51 -7.14 -23.54 -28.54
C ILE A 51 -8.27 -22.59 -29.01
N GLU A 52 -9.32 -22.44 -28.19
CA GLU A 52 -10.44 -21.51 -28.48
C GLU A 52 -10.23 -20.17 -27.75
N ASP A 53 -10.86 -19.10 -28.29
CA ASP A 53 -10.96 -17.77 -27.62
C ASP A 53 -12.13 -17.75 -26.64
N GLY A 54 -12.34 -16.61 -25.99
CA GLY A 54 -13.42 -16.43 -25.02
C GLY A 54 -14.19 -15.14 -25.25
N VAL A 55 -15.28 -15.23 -26.03
CA VAL A 55 -16.22 -14.10 -26.21
C VAL A 55 -17.61 -14.53 -25.64
N PRO A 56 -18.24 -13.66 -24.78
CA PRO A 56 -19.65 -13.84 -24.36
C PRO A 56 -20.63 -13.31 -25.43
N GLN A 57 -21.86 -12.93 -25.00
CA GLN A 57 -22.83 -12.22 -25.88
C GLN A 57 -22.18 -10.92 -26.40
N PRO A 58 -22.12 -10.71 -27.77
CA PRO A 58 -21.33 -9.61 -28.40
C PRO A 58 -21.55 -8.23 -27.73
N GLU A 59 -22.80 -7.73 -27.73
CA GLU A 59 -23.14 -6.43 -27.09
C GLU A 59 -24.34 -6.61 -26.14
N ALA A 60 -25.52 -6.92 -26.70
CA ALA A 60 -26.78 -7.09 -25.95
C ALA A 60 -27.54 -8.33 -26.41
N LEU A 61 -27.66 -9.30 -25.50
CA LEU A 61 -28.49 -10.53 -25.68
C LEU A 61 -28.76 -11.19 -24.29
N GLU A 62 -28.45 -10.45 -23.20
CA GLU A 62 -28.60 -10.92 -21.80
C GLU A 62 -28.50 -9.68 -20.87
N MET B 1 8.63 -7.82 -33.61
CA MET B 1 7.19 -7.86 -33.26
C MET B 1 6.52 -6.56 -33.72
N GLU B 2 5.28 -6.67 -34.22
CA GLU B 2 4.51 -5.53 -34.77
C GLU B 2 3.00 -5.79 -34.67
N GLU B 3 2.62 -7.08 -34.81
CA GLU B 3 1.21 -7.52 -34.70
C GLU B 3 0.72 -7.37 -33.26
N LEU B 4 -0.41 -6.68 -33.09
CA LEU B 4 -1.00 -6.37 -31.78
C LEU B 4 -1.51 -7.66 -31.11
N SER B 5 -0.72 -8.18 -30.15
CA SER B 5 -1.03 -9.44 -29.45
C SER B 5 -0.76 -9.27 -27.94
N GLY B 6 -1.27 -10.21 -27.13
CA GLY B 6 -1.19 -10.13 -25.67
C GLY B 6 0.16 -10.59 -25.13
N LYS B 7 1.09 -9.63 -24.99
CA LYS B 7 2.39 -9.85 -24.31
C LYS B 7 2.17 -9.91 -22.77
N PRO B 8 3.04 -10.67 -22.01
CA PRO B 8 3.03 -10.64 -20.53
C PRO B 8 3.84 -9.44 -19.99
N LEU B 9 3.94 -9.34 -18.66
CA LEU B 9 4.78 -8.33 -18.00
C LEU B 9 6.28 -8.63 -18.26
N SER B 10 7.09 -7.57 -18.31
CA SER B 10 8.54 -7.66 -18.45
C SER B 10 9.19 -7.92 -17.08
N TYR B 11 10.50 -8.21 -17.09
CA TYR B 11 11.31 -8.38 -15.87
C TYR B 11 11.23 -7.11 -15.02
N ALA B 12 11.52 -5.96 -15.67
CA ALA B 12 11.51 -4.63 -15.04
C ALA B 12 10.12 -4.28 -14.46
N GLU B 13 9.04 -4.72 -15.16
CA GLU B 13 7.65 -4.48 -14.71
C GLU B 13 7.35 -5.32 -13.45
N LYS B 14 7.85 -6.56 -13.43
CA LYS B 14 7.70 -7.48 -12.29
C LYS B 14 8.45 -6.95 -11.06
N GLU B 15 9.65 -6.41 -11.29
CA GLU B 15 10.53 -5.91 -10.22
C GLU B 15 9.94 -4.66 -9.56
N LYS B 16 9.49 -3.71 -10.39
CA LYS B 16 8.83 -2.48 -9.89
C LYS B 16 7.50 -2.82 -9.18
N LEU B 17 6.84 -3.90 -9.63
CA LEU B 17 5.54 -4.34 -9.07
C LEU B 17 5.73 -4.99 -7.69
N LYS B 18 6.68 -5.93 -7.57
CA LYS B 18 6.90 -6.67 -6.32
C LYS B 18 7.48 -5.74 -5.22
N GLU B 19 8.29 -4.75 -5.64
CA GLU B 19 8.84 -3.74 -4.72
C GLU B 19 7.76 -2.71 -4.35
N LYS B 20 6.79 -2.48 -5.28
CA LYS B 20 5.59 -1.66 -4.99
C LYS B 20 4.82 -2.30 -3.83
N LEU B 21 4.61 -3.63 -3.92
CA LEU B 21 3.87 -4.41 -2.92
C LEU B 21 4.56 -4.30 -1.55
N ALA B 22 5.89 -4.49 -1.53
CA ALA B 22 6.72 -4.46 -0.30
C ALA B 22 6.77 -3.05 0.33
N PHE B 23 6.81 -2.03 -0.54
CA PHE B 23 6.96 -0.61 -0.13
C PHE B 23 5.68 -0.11 0.57
N LEU B 24 4.54 -0.25 -0.13
CA LEU B 24 3.24 0.17 0.38
C LEU B 24 2.85 -0.68 1.60
N LYS B 25 3.29 -1.98 1.63
CA LYS B 25 3.05 -2.93 2.73
C LYS B 25 3.70 -2.46 4.04
N LYS B 26 5.01 -2.18 3.96
CA LYS B 26 5.81 -1.84 5.15
C LYS B 26 5.37 -0.49 5.71
N GLU B 27 5.12 0.49 4.82
CA GLU B 27 4.69 1.83 5.25
C GLU B 27 3.28 1.78 5.83
N TYR B 28 2.41 0.92 5.24
CA TYR B 28 1.03 0.68 5.70
C TYR B 28 1.02 0.23 7.16
N SER B 29 1.89 -0.76 7.46
CA SER B 29 1.97 -1.34 8.80
C SER B 29 2.45 -0.30 9.83
N ARG B 30 3.50 0.47 9.47
CA ARG B 30 4.08 1.50 10.35
C ARG B 30 3.10 2.67 10.58
N THR B 31 2.50 3.15 9.48
CA THR B 31 1.68 4.37 9.49
C THR B 31 0.28 4.12 10.08
N LEU B 32 -0.25 2.88 9.92
CA LEU B 32 -1.51 2.46 10.55
C LEU B 32 -1.27 2.29 12.06
N ALA B 33 -0.10 1.70 12.40
CA ALA B 33 0.33 1.49 13.80
C ALA B 33 0.33 2.82 14.58
N ARG B 34 1.05 3.81 14.04
CA ARG B 34 1.20 5.14 14.67
C ARG B 34 -0.12 5.93 14.66
N LEU B 35 -0.94 5.73 13.60
CA LEU B 35 -2.30 6.29 13.49
C LEU B 35 -3.15 5.80 14.67
N GLN B 36 -3.09 4.48 14.96
CA GLN B 36 -3.85 3.86 16.06
C GLN B 36 -3.32 4.32 17.42
N ARG B 37 -2.00 4.47 17.55
CA ARG B 37 -1.37 4.90 18.82
C ARG B 37 -1.75 6.37 19.16
N ALA B 38 -2.03 7.17 18.11
CA ALA B 38 -2.55 8.54 18.28
C ALA B 38 -4.05 8.54 18.68
N LYS B 39 -4.89 7.90 17.84
CA LYS B 39 -6.36 8.00 17.91
C LYS B 39 -7.00 7.14 19.05
N ARG B 40 -6.33 6.03 19.42
CA ARG B 40 -6.82 5.15 20.50
C ARG B 40 -6.42 5.68 21.88
N ALA B 41 -5.12 6.00 22.04
CA ALA B 41 -4.56 6.48 23.31
C ALA B 41 -5.14 7.87 23.65
N GLU B 42 -5.03 8.81 22.66
CA GLU B 42 -5.54 10.20 22.76
C GLU B 42 -4.94 10.97 23.96
N LYS B 43 -3.76 10.54 24.41
CA LYS B 43 -3.05 11.07 25.62
C LYS B 43 -3.01 12.62 25.72
N ALA B 44 -3.04 13.32 24.57
CA ALA B 44 -3.04 14.80 24.51
C ALA B 44 -4.31 15.46 25.10
N LYS B 45 -5.35 14.63 25.38
CA LYS B 45 -6.62 15.06 26.01
C LYS B 45 -6.46 15.23 27.54
N ASN B 46 -5.24 14.91 28.04
CA ASN B 46 -4.90 14.85 29.47
C ASN B 46 -5.61 13.64 30.10
N SER B 47 -5.16 12.45 29.68
CA SER B 47 -5.70 11.16 30.12
C SER B 47 -4.97 10.66 31.38
N LYS B 48 -5.55 9.65 32.06
CA LYS B 48 -4.99 9.09 33.30
C LYS B 48 -3.71 8.28 33.04
N LYS B 49 -2.57 8.95 33.22
CA LYS B 49 -1.22 8.35 33.13
C LYS B 49 -0.54 8.53 34.49
N ALA B 50 0.32 7.56 34.88
CA ALA B 50 1.22 7.71 36.05
C ALA B 50 2.14 8.91 35.79
N ILE B 51 2.33 9.77 36.82
CA ILE B 51 3.05 11.06 36.68
C ILE B 51 4.54 10.91 36.28
N GLU B 52 5.05 9.68 36.40
CA GLU B 52 6.41 9.30 35.92
C GLU B 52 6.37 8.98 34.40
N ASP B 53 7.51 9.23 33.73
CA ASP B 53 7.70 8.88 32.30
C ASP B 53 8.79 7.80 32.18
N GLY B 54 8.56 6.83 31.26
CA GLY B 54 9.47 5.70 31.03
C GLY B 54 10.67 6.08 30.18
N VAL B 55 11.52 6.97 30.74
CA VAL B 55 12.74 7.45 30.07
C VAL B 55 13.90 6.44 30.31
N PRO B 56 14.61 5.96 29.23
CA PRO B 56 15.77 5.04 29.37
C PRO B 56 17.05 5.79 29.81
N GLN B 57 18.16 5.05 29.90
CA GLN B 57 19.47 5.60 30.32
C GLN B 57 19.98 6.58 29.22
N PRO B 58 20.65 7.73 29.62
CA PRO B 58 21.10 8.79 28.65
C PRO B 58 21.90 8.22 27.47
N GLU B 59 23.06 7.58 27.76
CA GLU B 59 23.90 6.93 26.74
C GLU B 59 23.56 5.43 26.66
N ALA B 60 23.85 4.70 27.77
CA ALA B 60 23.66 3.24 27.88
C ALA B 60 24.61 2.46 26.94
N LEU B 61 25.70 3.11 26.49
CA LEU B 61 26.68 2.50 25.55
C LEU B 61 27.84 1.86 26.35
N GLU B 62 28.66 2.70 27.00
CA GLU B 62 29.89 2.28 27.69
C GLU B 62 30.29 3.34 28.74
N MET A 1 9.33 10.05 3.54
CA MET A 1 9.55 10.63 4.87
C MET A 1 8.27 10.55 5.70
N GLU A 2 8.42 10.10 6.96
CA GLU A 2 7.31 10.02 7.93
C GLU A 2 7.90 9.79 9.32
N GLU A 3 8.19 10.88 10.02
CA GLU A 3 8.84 10.88 11.34
C GLU A 3 7.80 10.86 12.49
N LEU A 4 8.31 10.78 13.73
CA LEU A 4 7.49 10.86 14.96
C LEU A 4 7.07 12.31 15.24
N SER A 5 6.19 12.46 16.23
CA SER A 5 5.66 13.77 16.67
C SER A 5 5.13 13.61 18.10
N GLY A 6 5.55 14.53 19.01
CA GLY A 6 5.12 14.50 20.42
C GLY A 6 3.60 14.65 20.55
N LYS A 7 3.06 15.57 19.76
CA LYS A 7 1.61 15.84 19.66
C LYS A 7 1.02 14.98 18.49
N PRO A 8 -0.33 14.72 18.45
CA PRO A 8 -0.95 13.90 17.38
C PRO A 8 -0.98 14.66 16.02
N LEU A 9 -1.19 13.92 14.93
CA LEU A 9 -1.25 14.51 13.56
C LEU A 9 -2.49 15.42 13.37
N SER A 10 -2.43 16.35 12.39
CA SER A 10 -3.55 17.27 12.05
C SER A 10 -4.74 16.49 11.44
N TYR A 11 -5.90 17.16 11.38
CA TYR A 11 -7.14 16.58 10.80
C TYR A 11 -6.92 16.23 9.32
N ALA A 12 -6.21 17.14 8.61
CA ALA A 12 -5.83 16.96 7.19
C ALA A 12 -4.88 15.75 7.04
N GLU A 13 -3.99 15.55 8.04
CA GLU A 13 -3.05 14.42 8.04
C GLU A 13 -3.78 13.09 8.29
N LYS A 14 -4.81 13.14 9.16
CA LYS A 14 -5.62 11.96 9.55
C LYS A 14 -6.44 11.45 8.35
N GLU A 15 -7.05 12.38 7.61
CA GLU A 15 -7.92 12.04 6.46
C GLU A 15 -7.08 11.54 5.28
N LYS A 16 -5.91 12.18 5.01
CA LYS A 16 -5.01 11.73 3.94
C LYS A 16 -4.39 10.36 4.29
N LEU A 17 -4.24 10.09 5.60
CA LEU A 17 -3.66 8.83 6.09
C LEU A 17 -4.65 7.66 5.89
N LYS A 18 -5.92 7.83 6.32
CA LYS A 18 -6.93 6.76 6.21
C LYS A 18 -7.24 6.43 4.73
N GLU A 19 -7.23 7.47 3.86
CA GLU A 19 -7.45 7.27 2.42
C GLU A 19 -6.19 6.69 1.77
N LYS A 20 -5.00 6.95 2.36
CA LYS A 20 -3.73 6.29 1.98
C LYS A 20 -3.85 4.78 2.18
N LEU A 21 -4.35 4.39 3.37
CA LEU A 21 -4.50 2.98 3.78
C LEU A 21 -5.37 2.23 2.77
N ALA A 22 -6.55 2.81 2.49
CA ALA A 22 -7.53 2.25 1.54
C ALA A 22 -6.99 2.23 0.09
N PHE A 23 -6.25 3.29 -0.30
CA PHE A 23 -5.74 3.46 -1.68
C PHE A 23 -4.69 2.40 -2.02
N LEU A 24 -3.65 2.32 -1.18
CA LEU A 24 -2.56 1.37 -1.38
C LEU A 24 -3.06 -0.07 -1.20
N LYS A 25 -4.08 -0.26 -0.33
CA LYS A 25 -4.70 -1.58 -0.07
C LYS A 25 -5.40 -2.14 -1.31
N LYS A 26 -6.27 -1.33 -1.93
CA LYS A 26 -7.07 -1.77 -3.08
C LYS A 26 -6.17 -2.05 -4.29
N GLU A 27 -5.18 -1.14 -4.53
CA GLU A 27 -4.23 -1.32 -5.65
C GLU A 27 -3.35 -2.55 -5.39
N TYR A 28 -2.96 -2.78 -4.10
CA TYR A 28 -2.13 -3.92 -3.66
C TYR A 28 -2.80 -5.24 -4.03
N SER A 29 -4.07 -5.36 -3.61
CA SER A 29 -4.84 -6.60 -3.77
C SER A 29 -5.02 -6.95 -5.26
N ARG A 30 -5.35 -5.91 -6.05
CA ARG A 30 -5.61 -6.05 -7.50
C ARG A 30 -4.29 -6.29 -8.28
N THR A 31 -3.23 -5.55 -7.93
CA THR A 31 -1.97 -5.55 -8.69
C THR A 31 -1.14 -6.81 -8.37
N LEU A 32 -1.26 -7.31 -7.12
CA LEU A 32 -0.66 -8.59 -6.71
C LEU A 32 -1.39 -9.71 -7.45
N ALA A 33 -2.74 -9.65 -7.44
CA ALA A 33 -3.60 -10.64 -8.09
C ALA A 33 -3.25 -10.80 -9.60
N ARG A 34 -3.20 -9.67 -10.32
CA ARG A 34 -2.94 -9.65 -11.76
C ARG A 34 -1.49 -10.03 -12.09
N LEU A 35 -0.56 -9.67 -11.16
CA LEU A 35 0.85 -10.10 -11.21
C LEU A 35 0.93 -11.64 -11.18
N GLN A 36 0.12 -12.25 -10.27
CA GLN A 36 0.05 -13.72 -10.13
C GLN A 36 -0.55 -14.35 -11.39
N ARG A 37 -1.61 -13.72 -11.93
CA ARG A 37 -2.30 -14.22 -13.15
C ARG A 37 -1.32 -14.24 -14.36
N ALA A 38 -0.45 -13.23 -14.42
CA ALA A 38 0.57 -13.12 -15.48
C ALA A 38 1.65 -14.21 -15.36
N LYS A 39 2.26 -14.29 -14.16
CA LYS A 39 3.44 -15.16 -13.91
C LYS A 39 3.10 -16.65 -13.70
N ARG A 40 1.85 -16.94 -13.26
CA ARG A 40 1.37 -18.33 -13.07
C ARG A 40 0.90 -18.96 -14.39
N ALA A 41 0.16 -18.16 -15.20
CA ALA A 41 -0.38 -18.61 -16.49
C ALA A 41 0.76 -18.76 -17.50
N GLU A 42 1.53 -17.66 -17.67
CA GLU A 42 2.64 -17.56 -18.66
C GLU A 42 2.14 -17.93 -20.08
N LYS A 43 0.84 -17.68 -20.33
CA LYS A 43 0.11 -18.05 -21.57
C LYS A 43 0.85 -17.64 -22.88
N ALA A 44 1.56 -16.49 -22.83
CA ALA A 44 2.28 -15.96 -23.99
C ALA A 44 3.72 -16.51 -24.08
N LYS A 45 3.99 -17.65 -23.40
CA LYS A 45 5.29 -18.37 -23.47
C LYS A 45 5.54 -18.91 -24.89
N ASN A 46 4.45 -18.98 -25.68
CA ASN A 46 4.44 -19.49 -27.05
C ASN A 46 4.95 -20.95 -27.05
N SER A 47 4.22 -21.80 -26.29
CA SER A 47 4.51 -23.22 -26.05
C SER A 47 5.99 -23.46 -25.68
N LYS A 48 6.31 -23.32 -24.39
CA LYS A 48 7.68 -23.55 -23.90
C LYS A 48 7.99 -25.05 -23.98
N LYS A 49 9.27 -25.38 -24.20
CA LYS A 49 9.75 -26.76 -24.40
C LYS A 49 9.28 -27.70 -23.27
N ALA A 50 8.44 -28.65 -23.66
CA ALA A 50 7.84 -29.66 -22.78
C ALA A 50 7.80 -30.99 -23.55
N ILE A 51 8.06 -32.12 -22.86
CA ILE A 51 8.12 -33.45 -23.51
C ILE A 51 6.73 -33.90 -24.03
N GLU A 52 5.68 -33.37 -23.39
CA GLU A 52 4.28 -33.52 -23.84
C GLU A 52 3.88 -32.34 -24.75
N ASP A 53 2.81 -32.56 -25.54
CA ASP A 53 2.26 -31.54 -26.46
C ASP A 53 1.74 -30.32 -25.71
N GLY A 54 2.61 -29.31 -25.55
CA GLY A 54 2.23 -27.98 -25.06
C GLY A 54 1.77 -27.06 -26.19
N VAL A 55 1.45 -27.67 -27.36
CA VAL A 55 1.06 -26.97 -28.60
C VAL A 55 -0.18 -26.05 -28.39
N PRO A 56 -0.09 -24.73 -28.79
CA PRO A 56 -1.23 -23.80 -28.74
C PRO A 56 -1.93 -23.78 -30.10
N GLN A 57 -2.47 -22.63 -30.52
CA GLN A 57 -2.88 -22.43 -31.91
C GLN A 57 -1.60 -22.38 -32.81
N PRO A 58 -1.60 -23.07 -34.02
CA PRO A 58 -0.41 -23.08 -34.91
C PRO A 58 -0.09 -21.68 -35.49
N GLU A 59 -1.14 -20.89 -35.65
CA GLU A 59 -1.03 -19.46 -35.97
C GLU A 59 -2.22 -18.71 -35.31
N ALA A 60 -3.44 -19.05 -35.76
CA ALA A 60 -4.71 -18.54 -35.17
C ALA A 60 -5.91 -19.19 -35.88
N LEU A 61 -6.83 -19.76 -35.07
CA LEU A 61 -8.14 -20.25 -35.57
C LEU A 61 -9.07 -19.04 -35.79
N GLU A 62 -8.94 -18.08 -34.85
CA GLU A 62 -9.60 -16.77 -34.90
C GLU A 62 -8.73 -15.77 -34.09
N MET B 1 -3.25 3.94 -12.54
CA MET B 1 -2.29 3.97 -13.67
C MET B 1 -2.02 2.53 -14.12
N GLU B 2 -2.67 2.12 -15.22
CA GLU B 2 -2.62 0.73 -15.73
C GLU B 2 -3.18 0.66 -17.17
N GLU B 3 -3.18 -0.56 -17.72
CA GLU B 3 -3.76 -0.88 -19.04
C GLU B 3 -3.98 -2.41 -19.15
N LEU B 4 -4.85 -2.80 -20.09
CA LEU B 4 -5.14 -4.22 -20.37
C LEU B 4 -4.18 -4.75 -21.45
N SER B 5 -3.16 -5.50 -21.01
CA SER B 5 -2.12 -6.04 -21.90
C SER B 5 -2.30 -7.56 -22.03
N GLY B 6 -2.45 -8.04 -23.30
CA GLY B 6 -2.57 -9.47 -23.60
C GLY B 6 -1.32 -10.26 -23.21
N LYS B 7 -0.15 -9.83 -23.72
CA LYS B 7 1.17 -10.42 -23.36
C LYS B 7 1.54 -10.02 -21.89
N PRO B 8 2.45 -10.78 -21.18
CA PRO B 8 2.77 -10.49 -19.75
C PRO B 8 3.63 -9.21 -19.63
N LEU B 9 3.68 -8.66 -18.40
CA LEU B 9 4.48 -7.46 -18.10
C LEU B 9 6.00 -7.74 -18.28
N SER B 10 6.78 -6.66 -18.48
CA SER B 10 8.25 -6.74 -18.62
C SER B 10 8.92 -7.11 -17.29
N TYR B 11 10.20 -7.49 -17.37
CA TYR B 11 11.01 -7.86 -16.19
C TYR B 11 11.14 -6.66 -15.23
N ALA B 12 11.30 -5.47 -15.83
CA ALA B 12 11.37 -4.19 -15.11
C ALA B 12 10.04 -3.90 -14.40
N GLU B 13 8.92 -4.26 -15.05
CA GLU B 13 7.57 -4.06 -14.49
C GLU B 13 7.33 -5.03 -13.31
N LYS B 14 7.86 -6.26 -13.44
CA LYS B 14 7.71 -7.32 -12.44
C LYS B 14 8.44 -6.95 -11.15
N GLU B 15 9.68 -6.44 -11.29
CA GLU B 15 10.54 -6.10 -10.15
C GLU B 15 10.03 -4.84 -9.44
N LYS B 16 9.57 -3.83 -10.21
CA LYS B 16 8.99 -2.61 -9.62
C LYS B 16 7.65 -2.92 -8.93
N LEU B 17 6.94 -3.96 -9.42
CA LEU B 17 5.65 -4.39 -8.87
C LEU B 17 5.84 -5.08 -7.50
N LYS B 18 6.76 -6.06 -7.42
CA LYS B 18 7.00 -6.82 -6.16
C LYS B 18 7.54 -5.90 -5.04
N GLU B 19 8.40 -4.92 -5.43
CA GLU B 19 8.94 -3.94 -4.48
C GLU B 19 7.86 -2.92 -4.09
N LYS B 20 6.90 -2.65 -5.04
CA LYS B 20 5.69 -1.84 -4.74
C LYS B 20 4.89 -2.48 -3.61
N LEU B 21 4.66 -3.81 -3.74
CA LEU B 21 3.86 -4.60 -2.79
C LEU B 21 4.46 -4.48 -1.38
N ALA B 22 5.77 -4.73 -1.29
CA ALA B 22 6.54 -4.66 -0.04
C ALA B 22 6.60 -3.22 0.53
N PHE B 23 6.75 -2.22 -0.36
CA PHE B 23 6.91 -0.81 0.04
C PHE B 23 5.64 -0.26 0.68
N LEU B 24 4.51 -0.39 -0.05
CA LEU B 24 3.21 0.09 0.43
C LEU B 24 2.76 -0.71 1.66
N LYS B 25 3.16 -2.01 1.72
CA LYS B 25 2.83 -2.91 2.85
C LYS B 25 3.47 -2.45 4.16
N LYS B 26 4.79 -2.20 4.12
CA LYS B 26 5.55 -1.83 5.33
C LYS B 26 5.09 -0.46 5.85
N GLU B 27 4.92 0.52 4.91
CA GLU B 27 4.46 1.86 5.28
C GLU B 27 3.02 1.78 5.83
N TYR B 28 2.17 0.92 5.22
CA TYR B 28 0.76 0.69 5.63
C TYR B 28 0.68 0.26 7.08
N SER B 29 1.43 -0.79 7.42
CA SER B 29 1.41 -1.41 8.74
C SER B 29 1.85 -0.42 9.82
N ARG B 30 2.94 0.31 9.52
CA ARG B 30 3.54 1.28 10.44
C ARG B 30 2.67 2.54 10.59
N THR B 31 2.14 3.04 9.46
CA THR B 31 1.40 4.31 9.43
C THR B 31 -0.02 4.16 9.98
N LEU B 32 -0.62 2.97 9.77
CA LEU B 32 -1.91 2.62 10.37
C LEU B 32 -1.72 2.51 11.88
N ALA B 33 -0.63 1.80 12.29
CA ALA B 33 -0.30 1.58 13.70
C ALA B 33 -0.15 2.91 14.46
N ARG B 34 0.65 3.83 13.91
CA ARG B 34 0.97 5.14 14.52
C ARG B 34 -0.26 6.07 14.50
N LEU B 35 -1.10 5.93 13.43
CA LEU B 35 -2.40 6.62 13.31
C LEU B 35 -3.30 6.22 14.48
N GLN B 36 -3.33 4.89 14.80
CA GLN B 36 -4.13 4.34 15.91
C GLN B 36 -3.58 4.85 17.25
N ARG B 37 -2.24 4.86 17.39
CA ARG B 37 -1.59 5.33 18.63
C ARG B 37 -1.94 6.80 18.93
N ALA B 38 -2.05 7.61 17.85
CA ALA B 38 -2.41 9.04 17.95
C ALA B 38 -3.88 9.22 18.38
N LYS B 39 -4.80 8.58 17.64
CA LYS B 39 -6.27 8.78 17.79
C LYS B 39 -6.87 8.03 18.99
N ARG B 40 -6.23 6.92 19.42
CA ARG B 40 -6.68 6.12 20.59
C ARG B 40 -6.21 6.75 21.91
N ALA B 41 -4.94 7.20 21.94
CA ALA B 41 -4.34 7.82 23.14
C ALA B 41 -4.97 9.21 23.38
N GLU B 42 -4.89 10.07 22.32
CA GLU B 42 -5.35 11.48 22.36
C GLU B 42 -4.69 12.23 23.52
N LYS B 43 -3.42 11.87 23.80
CA LYS B 43 -2.59 12.39 24.92
C LYS B 43 -2.57 13.95 24.97
N ALA B 44 -2.72 14.61 23.79
CA ALA B 44 -2.83 16.08 23.70
C ALA B 44 -4.32 16.51 23.53
N LYS B 45 -5.22 15.90 24.33
CA LYS B 45 -6.68 16.24 24.33
C LYS B 45 -6.98 17.51 25.14
N ASN B 46 -5.92 18.21 25.60
CA ASN B 46 -6.04 19.49 26.34
C ASN B 46 -6.82 19.26 27.65
N SER B 47 -6.55 18.08 28.27
CA SER B 47 -7.21 17.59 29.49
C SER B 47 -8.75 17.63 29.37
N LYS B 48 -9.30 16.58 28.72
CA LYS B 48 -10.75 16.50 28.42
C LYS B 48 -11.56 16.25 29.72
N LYS B 49 -12.89 16.43 29.64
CA LYS B 49 -13.77 16.31 30.82
C LYS B 49 -13.91 14.85 31.29
N ALA B 50 -14.20 14.68 32.59
CA ALA B 50 -14.24 13.36 33.25
C ALA B 50 -15.14 13.42 34.51
N ILE B 51 -15.50 12.24 35.04
CA ILE B 51 -16.32 12.14 36.28
C ILE B 51 -15.48 12.50 37.53
N GLU B 52 -14.15 12.47 37.35
CA GLU B 52 -13.17 12.93 38.35
C GLU B 52 -12.42 14.16 37.78
N ASP B 53 -11.41 14.64 38.51
CA ASP B 53 -10.55 15.74 38.06
C ASP B 53 -9.54 15.21 37.02
N GLY B 54 -9.92 15.28 35.73
CA GLY B 54 -9.02 14.90 34.63
C GLY B 54 -8.02 16.00 34.31
N VAL B 55 -7.19 16.38 35.31
CA VAL B 55 -6.27 17.53 35.24
C VAL B 55 -4.82 17.05 35.52
N PRO B 56 -3.86 17.26 34.56
CA PRO B 56 -2.44 17.00 34.79
C PRO B 56 -1.76 18.24 35.40
N GLN B 57 -0.42 18.30 35.33
CA GLN B 57 0.34 19.52 35.68
C GLN B 57 -0.04 20.69 34.70
N PRO B 58 -0.14 21.98 35.20
CA PRO B 58 -0.68 23.14 34.42
C PRO B 58 -0.10 23.25 33.00
N GLU B 59 1.25 23.26 32.89
CA GLU B 59 1.97 23.31 31.61
C GLU B 59 3.33 22.57 31.67
N ALA B 60 4.05 22.72 32.81
CA ALA B 60 5.42 22.19 33.01
C ALA B 60 6.39 22.72 31.92
N LEU B 61 6.14 23.96 31.48
CA LEU B 61 6.85 24.57 30.34
C LEU B 61 7.76 25.71 30.85
N GLU B 62 9.08 25.50 30.74
CA GLU B 62 10.09 26.52 31.05
C GLU B 62 10.52 27.22 29.72
N MET A 1 12.94 15.07 21.64
CA MET A 1 13.84 14.62 20.54
C MET A 1 13.20 14.93 19.18
N GLU A 2 11.97 14.42 18.99
CA GLU A 2 11.20 14.61 17.75
C GLU A 2 10.56 16.00 17.71
N GLU A 3 10.55 16.64 16.53
CA GLU A 3 9.92 17.94 16.31
C GLU A 3 8.43 17.75 15.92
N LEU A 4 7.60 18.78 16.17
CA LEU A 4 6.15 18.82 15.82
C LEU A 4 5.34 17.76 16.60
N SER A 5 5.95 17.25 17.70
CA SER A 5 5.39 16.19 18.54
C SER A 5 4.49 16.78 19.66
N GLY A 6 4.07 15.93 20.61
CA GLY A 6 3.25 16.35 21.76
C GLY A 6 1.77 16.24 21.47
N LYS A 7 1.23 17.21 20.71
CA LYS A 7 -0.17 17.17 20.24
C LYS A 7 -0.33 16.07 19.16
N PRO A 8 -1.56 15.49 18.92
CA PRO A 8 -1.71 14.33 18.00
C PRO A 8 -1.60 14.72 16.51
N LEU A 9 -1.91 13.75 15.62
CA LEU A 9 -2.05 14.02 14.19
C LEU A 9 -3.26 14.98 13.96
N SER A 10 -3.11 15.93 13.03
CA SER A 10 -4.18 16.87 12.68
C SER A 10 -5.28 16.17 11.86
N TYR A 11 -6.43 16.85 11.69
CA TYR A 11 -7.56 16.33 10.89
C TYR A 11 -7.10 16.06 9.44
N ALA A 12 -6.32 17.01 8.88
CA ALA A 12 -5.73 16.90 7.55
C ALA A 12 -4.84 15.66 7.44
N GLU A 13 -4.01 15.43 8.47
CA GLU A 13 -3.07 14.30 8.51
C GLU A 13 -3.82 12.96 8.59
N LYS A 14 -4.85 12.92 9.44
CA LYS A 14 -5.65 11.72 9.73
C LYS A 14 -6.45 11.29 8.49
N GLU A 15 -7.03 12.26 7.76
CA GLU A 15 -7.88 12.00 6.59
C GLU A 15 -7.04 11.55 5.38
N LYS A 16 -5.89 12.24 5.15
CA LYS A 16 -4.96 11.89 4.05
C LYS A 16 -4.34 10.51 4.31
N LEU A 17 -4.21 10.15 5.60
CA LEU A 17 -3.62 8.89 6.03
C LEU A 17 -4.58 7.71 5.75
N LYS A 18 -5.85 7.82 6.19
CA LYS A 18 -6.83 6.72 6.02
C LYS A 18 -7.15 6.47 4.53
N GLU A 19 -7.16 7.56 3.72
CA GLU A 19 -7.37 7.44 2.26
C GLU A 19 -6.08 6.91 1.60
N LYS A 20 -4.90 7.20 2.20
CA LYS A 20 -3.62 6.58 1.78
C LYS A 20 -3.69 5.06 1.94
N LEU A 21 -4.17 4.61 3.11
CA LEU A 21 -4.25 3.19 3.47
C LEU A 21 -5.17 2.45 2.49
N ALA A 22 -6.33 3.07 2.18
CA ALA A 22 -7.34 2.53 1.25
C ALA A 22 -6.83 2.54 -0.21
N PHE A 23 -6.08 3.58 -0.58
CA PHE A 23 -5.54 3.77 -1.95
C PHE A 23 -4.51 2.68 -2.27
N LEU A 24 -3.49 2.57 -1.40
CA LEU A 24 -2.41 1.59 -1.55
C LEU A 24 -2.95 0.16 -1.41
N LYS A 25 -4.02 0.00 -0.58
CA LYS A 25 -4.70 -1.30 -0.36
C LYS A 25 -5.36 -1.83 -1.64
N LYS A 26 -6.17 -0.97 -2.28
CA LYS A 26 -6.99 -1.37 -3.45
C LYS A 26 -6.10 -1.63 -4.67
N GLU A 27 -5.03 -0.82 -4.82
CA GLU A 27 -4.07 -1.00 -5.92
C GLU A 27 -3.24 -2.28 -5.68
N TYR A 28 -2.82 -2.49 -4.40
CA TYR A 28 -2.11 -3.71 -3.95
C TYR A 28 -2.92 -4.96 -4.29
N SER A 29 -4.21 -4.90 -4.00
CA SER A 29 -5.13 -6.02 -4.17
C SER A 29 -5.24 -6.41 -5.65
N ARG A 30 -5.49 -5.41 -6.51
CA ARG A 30 -5.74 -5.64 -7.96
C ARG A 30 -4.44 -6.03 -8.70
N THR A 31 -3.32 -5.36 -8.35
CA THR A 31 -2.04 -5.51 -9.06
C THR A 31 -1.29 -6.78 -8.61
N LEU A 32 -1.44 -7.15 -7.32
CA LEU A 32 -0.93 -8.44 -6.81
C LEU A 32 -1.73 -9.56 -7.45
N ALA A 33 -3.06 -9.35 -7.56
CA ALA A 33 -3.97 -10.31 -8.20
C ALA A 33 -3.51 -10.69 -9.62
N ARG A 34 -3.29 -9.67 -10.47
CA ARG A 34 -2.91 -9.86 -11.89
C ARG A 34 -1.49 -10.43 -12.04
N LEU A 35 -0.55 -10.04 -11.11
CA LEU A 35 0.82 -10.61 -11.04
C LEU A 35 0.74 -12.12 -10.78
N GLN A 36 -0.16 -12.49 -9.83
CA GLN A 36 -0.40 -13.89 -9.50
C GLN A 36 -1.00 -14.65 -10.69
N ARG A 37 -2.09 -14.12 -11.29
CA ARG A 37 -2.82 -14.78 -12.40
C ARG A 37 -1.88 -15.10 -13.59
N ALA A 38 -0.87 -14.23 -13.79
CA ALA A 38 0.22 -14.44 -14.76
C ALA A 38 1.08 -15.68 -14.38
N LYS A 39 1.63 -15.66 -13.15
CA LYS A 39 2.57 -16.71 -12.68
C LYS A 39 1.87 -18.05 -12.29
N ARG A 40 0.55 -18.02 -12.04
CA ARG A 40 -0.24 -19.22 -11.65
C ARG A 40 -0.55 -20.07 -12.90
N ALA A 41 -1.19 -19.41 -13.89
CA ALA A 41 -1.64 -20.06 -15.13
C ALA A 41 -0.44 -20.43 -16.01
N GLU A 42 0.49 -19.46 -16.18
CA GLU A 42 1.67 -19.57 -17.08
C GLU A 42 1.25 -19.92 -18.51
N LYS A 43 0.11 -19.35 -18.91
CA LYS A 43 -0.53 -19.52 -20.23
C LYS A 43 0.42 -19.13 -21.39
N ALA A 44 1.31 -18.15 -21.14
CA ALA A 44 2.29 -17.67 -22.14
C ALA A 44 3.34 -18.76 -22.46
N LYS A 45 3.63 -19.62 -21.46
CA LYS A 45 4.53 -20.80 -21.60
C LYS A 45 3.90 -21.89 -22.49
N ASN A 46 2.60 -21.73 -22.81
CA ASN A 46 1.74 -22.73 -23.48
C ASN A 46 1.51 -23.89 -22.51
N SER A 47 0.93 -23.52 -21.36
CA SER A 47 0.64 -24.47 -20.27
C SER A 47 -0.63 -25.27 -20.61
N LYS A 48 -0.79 -26.43 -19.96
CA LYS A 48 -1.95 -27.31 -20.18
C LYS A 48 -3.19 -26.73 -19.46
N LYS A 49 -4.40 -27.18 -19.85
CA LYS A 49 -5.66 -26.84 -19.15
C LYS A 49 -5.57 -27.20 -17.65
N ALA A 50 -6.21 -26.39 -16.80
CA ALA A 50 -6.30 -26.65 -15.36
C ALA A 50 -7.12 -27.93 -15.08
N ILE A 51 -6.62 -28.75 -14.13
CA ILE A 51 -7.22 -30.06 -13.76
C ILE A 51 -8.60 -29.88 -13.09
N GLU A 52 -8.82 -28.67 -12.57
CA GLU A 52 -10.08 -28.29 -11.90
C GLU A 52 -11.25 -28.10 -12.89
N ASP A 53 -12.46 -28.32 -12.40
CA ASP A 53 -13.70 -28.02 -13.12
C ASP A 53 -14.58 -27.13 -12.24
N GLY A 54 -14.64 -25.83 -12.57
CA GLY A 54 -15.59 -24.90 -11.94
C GLY A 54 -16.94 -24.96 -12.60
N VAL A 55 -17.51 -26.17 -12.67
CA VAL A 55 -18.77 -26.45 -13.37
C VAL A 55 -19.97 -26.24 -12.41
N PRO A 56 -20.91 -25.29 -12.75
CA PRO A 56 -22.14 -25.12 -11.97
C PRO A 56 -23.13 -26.27 -12.24
N GLN A 57 -23.63 -26.85 -11.16
CA GLN A 57 -24.56 -28.00 -11.22
C GLN A 57 -25.99 -27.51 -11.53
N PRO A 58 -26.61 -27.96 -12.68
CA PRO A 58 -27.99 -27.60 -13.03
C PRO A 58 -29.01 -28.51 -12.29
N GLU A 59 -29.40 -29.65 -12.88
CA GLU A 59 -30.35 -30.61 -12.27
C GLU A 59 -29.58 -31.76 -11.61
N ALA A 60 -28.44 -32.13 -12.22
CA ALA A 60 -27.54 -33.17 -11.69
C ALA A 60 -26.70 -32.55 -10.55
N LEU A 61 -27.18 -32.73 -9.30
CA LEU A 61 -26.53 -32.13 -8.10
C LEU A 61 -26.55 -33.09 -6.89
N GLU A 62 -26.76 -34.40 -7.15
CA GLU A 62 -26.81 -35.44 -6.11
C GLU A 62 -25.41 -35.61 -5.45
N MET B 1 -8.26 -5.72 -26.41
CA MET B 1 -8.67 -4.82 -25.30
C MET B 1 -7.45 -4.17 -24.65
N GLU B 2 -6.40 -4.98 -24.39
CA GLU B 2 -5.12 -4.49 -23.86
C GLU B 2 -4.03 -4.64 -24.94
N GLU B 3 -3.09 -3.68 -24.99
CA GLU B 3 -2.08 -3.58 -26.05
C GLU B 3 -1.14 -4.83 -26.07
N LEU B 4 -0.58 -5.17 -24.91
CA LEU B 4 0.47 -6.20 -24.78
C LEU B 4 -0.09 -7.50 -24.13
N SER B 5 -1.42 -7.71 -24.21
CA SER B 5 -2.07 -8.95 -23.74
C SER B 5 -1.78 -10.11 -24.71
N GLY B 6 -0.62 -10.75 -24.50
CA GLY B 6 -0.15 -11.88 -25.31
C GLY B 6 1.00 -12.60 -24.62
N LYS B 7 1.97 -11.80 -24.12
CA LYS B 7 3.02 -12.25 -23.18
C LYS B 7 2.65 -11.71 -21.77
N PRO B 8 3.26 -12.20 -20.65
CA PRO B 8 2.95 -11.68 -19.29
C PRO B 8 3.58 -10.28 -19.05
N LEU B 9 3.60 -9.83 -17.78
CA LEU B 9 4.33 -8.61 -17.39
C LEU B 9 5.86 -8.82 -17.60
N SER B 10 6.56 -7.77 -18.08
CA SER B 10 8.02 -7.81 -18.33
C SER B 10 8.81 -7.91 -17.01
N TYR B 11 10.13 -8.18 -17.10
CA TYR B 11 11.00 -8.28 -15.92
C TYR B 11 11.00 -6.97 -15.12
N ALA B 12 11.08 -5.85 -15.85
CA ALA B 12 11.02 -4.49 -15.28
C ALA B 12 9.69 -4.26 -14.54
N GLU B 13 8.57 -4.71 -15.16
CA GLU B 13 7.22 -4.54 -14.60
C GLU B 13 7.05 -5.37 -13.33
N LYS B 14 7.56 -6.62 -13.36
CA LYS B 14 7.42 -7.60 -12.29
C LYS B 14 8.23 -7.18 -11.04
N GLU B 15 9.44 -6.63 -11.27
CA GLU B 15 10.35 -6.23 -10.18
C GLU B 15 9.86 -4.94 -9.49
N LYS B 16 9.41 -3.95 -10.32
CA LYS B 16 8.88 -2.68 -9.80
C LYS B 16 7.56 -2.94 -9.05
N LEU B 17 6.84 -3.99 -9.46
CA LEU B 17 5.56 -4.37 -8.88
C LEU B 17 5.76 -4.98 -7.48
N LYS B 18 6.66 -5.98 -7.35
CA LYS B 18 6.87 -6.69 -6.06
C LYS B 18 7.49 -5.75 -5.00
N GLU B 19 8.37 -4.81 -5.46
CA GLU B 19 8.94 -3.79 -4.55
C GLU B 19 7.90 -2.72 -4.22
N LYS B 20 6.94 -2.46 -5.15
CA LYS B 20 5.75 -1.61 -4.89
C LYS B 20 4.94 -2.19 -3.73
N LEU B 21 4.66 -3.51 -3.81
CA LEU B 21 3.83 -4.23 -2.84
C LEU B 21 4.48 -4.15 -1.44
N ALA B 22 5.80 -4.36 -1.39
CA ALA B 22 6.60 -4.32 -0.15
C ALA B 22 6.72 -2.89 0.41
N PHE B 23 6.82 -1.90 -0.49
CA PHE B 23 6.96 -0.47 -0.11
C PHE B 23 5.68 0.05 0.56
N LEU B 24 4.54 -0.12 -0.14
CA LEU B 24 3.24 0.31 0.35
C LEU B 24 2.83 -0.50 1.60
N LYS B 25 3.29 -1.77 1.67
CA LYS B 25 3.04 -2.68 2.82
C LYS B 25 3.70 -2.16 4.10
N LYS B 26 5.00 -1.84 4.02
CA LYS B 26 5.81 -1.47 5.19
C LYS B 26 5.39 -0.08 5.72
N GLU B 27 5.06 0.85 4.79
CA GLU B 27 4.58 2.19 5.17
C GLU B 27 3.18 2.08 5.78
N TYR B 28 2.32 1.23 5.17
CA TYR B 28 0.95 0.93 5.67
C TYR B 28 1.02 0.42 7.11
N SER B 29 1.95 -0.50 7.35
CA SER B 29 2.11 -1.18 8.64
C SER B 29 2.49 -0.16 9.73
N ARG B 30 3.51 0.68 9.45
CA ARG B 30 4.06 1.62 10.45
C ARG B 30 3.10 2.81 10.69
N THR B 31 2.48 3.32 9.61
CA THR B 31 1.64 4.53 9.65
C THR B 31 0.22 4.22 10.18
N LEU B 32 -0.29 3.02 9.88
CA LEU B 32 -1.54 2.53 10.47
C LEU B 32 -1.32 2.29 11.96
N ALA B 33 -0.14 1.72 12.30
CA ALA B 33 0.25 1.48 13.69
C ALA B 33 0.16 2.76 14.54
N ARG B 34 0.83 3.83 14.09
CA ARG B 34 0.93 5.11 14.82
C ARG B 34 -0.45 5.84 14.88
N LEU B 35 -1.25 5.71 13.79
CA LEU B 35 -2.65 6.25 13.75
C LEU B 35 -3.48 5.57 14.85
N GLN B 36 -3.31 4.23 14.97
CA GLN B 36 -3.98 3.43 15.99
C GLN B 36 -3.54 3.84 17.40
N ARG B 37 -2.21 3.89 17.64
CA ARG B 37 -1.63 4.21 18.98
C ARG B 37 -2.13 5.56 19.52
N ALA B 38 -2.37 6.50 18.59
CA ALA B 38 -3.00 7.80 18.89
C ALA B 38 -4.45 7.61 19.38
N LYS B 39 -5.29 6.93 18.56
CA LYS B 39 -6.74 6.78 18.83
C LYS B 39 -7.06 5.71 19.93
N ARG B 40 -6.10 4.82 20.24
CA ARG B 40 -6.27 3.76 21.27
C ARG B 40 -6.07 4.35 22.66
N ALA B 41 -4.91 4.99 22.85
CA ALA B 41 -4.48 5.55 24.12
C ALA B 41 -5.30 6.79 24.49
N GLU B 42 -5.43 7.71 23.50
CA GLU B 42 -6.12 9.01 23.65
C GLU B 42 -5.50 9.84 24.80
N LYS B 43 -4.18 9.68 24.97
CA LYS B 43 -3.34 10.43 25.93
C LYS B 43 -3.41 11.97 25.68
N ALA B 44 -3.65 12.34 24.41
CA ALA B 44 -3.67 13.74 23.97
C ALA B 44 -4.86 14.53 24.54
N LYS B 45 -6.02 13.85 24.73
CA LYS B 45 -7.22 14.47 25.36
C LYS B 45 -7.07 14.56 26.88
N ASN B 46 -5.97 13.94 27.39
CA ASN B 46 -5.75 13.66 28.81
C ASN B 46 -6.85 12.74 29.32
N SER B 47 -6.68 11.45 29.05
CA SER B 47 -7.61 10.40 29.45
C SER B 47 -7.17 9.78 30.79
N LYS B 48 -8.04 8.91 31.34
CA LYS B 48 -7.74 8.14 32.56
C LYS B 48 -7.04 6.82 32.22
N LYS B 49 -6.52 6.14 33.26
CA LYS B 49 -5.88 4.83 33.14
C LYS B 49 -6.93 3.74 32.77
N ALA B 50 -6.55 2.85 31.84
CA ALA B 50 -7.41 1.74 31.38
C ALA B 50 -7.01 0.44 32.09
N ILE B 51 -7.84 -0.60 31.92
CA ILE B 51 -7.61 -1.93 32.56
C ILE B 51 -6.37 -2.69 32.01
N GLU B 52 -5.78 -2.15 30.92
CA GLU B 52 -4.67 -2.78 30.16
C GLU B 52 -3.29 -2.67 30.90
N ASP B 53 -3.06 -3.59 31.83
CA ASP B 53 -1.74 -3.75 32.50
C ASP B 53 -0.95 -4.85 31.82
N GLY B 54 -1.58 -6.02 31.75
CA GLY B 54 -0.95 -7.22 31.22
C GLY B 54 0.17 -7.74 32.11
N VAL B 55 -0.01 -7.55 33.44
CA VAL B 55 1.03 -7.81 34.45
C VAL B 55 1.40 -9.32 34.50
N PRO B 56 2.69 -9.71 34.16
CA PRO B 56 3.13 -11.10 34.23
C PRO B 56 3.41 -11.54 35.68
N GLN B 57 3.20 -12.83 35.96
CA GLN B 57 3.43 -13.42 37.30
C GLN B 57 4.95 -13.67 37.51
N PRO B 58 5.54 -13.25 38.69
CA PRO B 58 6.99 -13.43 38.99
C PRO B 58 7.43 -14.91 38.92
N GLU B 59 6.86 -15.78 39.79
CA GLU B 59 7.19 -17.22 39.82
C GLU B 59 5.99 -18.03 39.33
N ALA B 60 4.86 -17.93 40.08
CA ALA B 60 3.58 -18.64 39.78
C ALA B 60 3.73 -20.18 39.85
N LEU B 61 4.74 -20.65 40.58
CA LEU B 61 5.06 -22.08 40.71
C LEU B 61 5.55 -22.37 42.14
N GLU B 62 5.06 -23.49 42.71
CA GLU B 62 5.48 -23.97 44.03
C GLU B 62 6.43 -25.18 43.85
N MET A 1 17.02 16.33 11.34
CA MET A 1 18.04 16.24 12.43
C MET A 1 17.47 16.82 13.75
N GLU A 2 16.72 17.93 13.64
CA GLU A 2 15.99 18.55 14.76
C GLU A 2 14.50 18.33 14.52
N GLU A 3 13.82 17.61 15.44
CA GLU A 3 12.40 17.28 15.27
C GLU A 3 11.75 16.98 16.62
N LEU A 4 10.72 17.76 16.95
CA LEU A 4 9.87 17.57 18.14
C LEU A 4 8.47 17.12 17.69
N SER A 5 7.81 16.30 18.50
CA SER A 5 6.43 15.82 18.25
C SER A 5 5.67 15.73 19.58
N GLY A 6 5.26 16.90 20.09
CA GLY A 6 4.49 16.99 21.34
C GLY A 6 3.00 16.70 21.14
N LYS A 7 2.52 17.04 19.93
CA LYS A 7 1.12 16.83 19.50
C LYS A 7 1.07 15.58 18.60
N PRO A 8 -0.13 14.92 18.46
CA PRO A 8 -0.30 13.81 17.49
C PRO A 8 -0.50 14.37 16.05
N LEU A 9 -0.98 13.51 15.13
CA LEU A 9 -1.35 13.93 13.78
C LEU A 9 -2.61 14.82 13.84
N SER A 10 -2.70 15.78 12.92
CA SER A 10 -3.85 16.69 12.80
C SER A 10 -5.00 15.98 12.04
N TYR A 11 -6.15 16.66 11.95
CA TYR A 11 -7.35 16.15 11.26
C TYR A 11 -7.01 15.86 9.78
N ALA A 12 -6.47 16.87 9.09
CA ALA A 12 -6.12 16.76 7.65
C ALA A 12 -5.03 15.69 7.41
N GLU A 13 -4.17 15.47 8.43
CA GLU A 13 -3.12 14.43 8.37
C GLU A 13 -3.74 13.04 8.48
N LYS A 14 -4.75 12.90 9.34
CA LYS A 14 -5.54 11.66 9.50
C LYS A 14 -6.30 11.34 8.21
N GLU A 15 -6.83 12.39 7.56
CA GLU A 15 -7.63 12.28 6.33
C GLU A 15 -6.79 11.74 5.18
N LYS A 16 -5.65 12.42 4.93
CA LYS A 16 -4.71 12.00 3.87
C LYS A 16 -4.15 10.59 4.16
N LEU A 17 -4.06 10.24 5.46
CA LEU A 17 -3.51 8.96 5.90
C LEU A 17 -4.50 7.81 5.64
N LYS A 18 -5.80 7.98 6.01
CA LYS A 18 -6.80 6.90 5.86
C LYS A 18 -7.11 6.64 4.37
N GLU A 19 -7.10 7.72 3.55
CA GLU A 19 -7.31 7.60 2.09
C GLU A 19 -6.05 7.01 1.43
N LYS A 20 -4.85 7.27 2.04
CA LYS A 20 -3.59 6.61 1.66
C LYS A 20 -3.71 5.09 1.82
N LEU A 21 -4.17 4.65 3.01
CA LEU A 21 -4.24 3.22 3.38
C LEU A 21 -5.17 2.46 2.44
N ALA A 22 -6.36 3.05 2.16
CA ALA A 22 -7.37 2.46 1.26
C ALA A 22 -6.91 2.45 -0.20
N PHE A 23 -6.17 3.50 -0.62
CA PHE A 23 -5.64 3.64 -1.99
C PHE A 23 -4.58 2.56 -2.29
N LEU A 24 -3.55 2.50 -1.41
CA LEU A 24 -2.44 1.56 -1.58
C LEU A 24 -2.92 0.11 -1.44
N LYS A 25 -3.96 -0.11 -0.59
CA LYS A 25 -4.55 -1.43 -0.36
C LYS A 25 -5.31 -1.96 -1.60
N LYS A 26 -6.19 -1.13 -2.19
CA LYS A 26 -7.04 -1.54 -3.32
C LYS A 26 -6.16 -1.86 -4.55
N GLU A 27 -5.16 -0.98 -4.83
CA GLU A 27 -4.25 -1.17 -5.96
C GLU A 27 -3.36 -2.39 -5.69
N TYR A 28 -2.93 -2.58 -4.41
CA TYR A 28 -2.11 -3.73 -3.96
C TYR A 28 -2.77 -5.04 -4.37
N SER A 29 -4.04 -5.20 -3.96
CA SER A 29 -4.79 -6.44 -4.13
C SER A 29 -5.06 -6.74 -5.62
N ARG A 30 -5.38 -5.68 -6.41
CA ARG A 30 -5.68 -5.81 -7.84
C ARG A 30 -4.42 -6.12 -8.68
N THR A 31 -3.35 -5.38 -8.40
CA THR A 31 -2.10 -5.47 -9.17
C THR A 31 -1.30 -6.73 -8.78
N LEU A 32 -1.48 -7.19 -7.52
CA LEU A 32 -0.95 -8.47 -7.05
C LEU A 32 -1.71 -9.61 -7.75
N ALA A 33 -3.05 -9.44 -7.88
CA ALA A 33 -3.94 -10.43 -8.54
C ALA A 33 -3.49 -10.73 -9.98
N ARG A 34 -3.24 -9.64 -10.76
CA ARG A 34 -2.82 -9.72 -12.16
C ARG A 34 -1.34 -10.19 -12.27
N LEU A 35 -0.52 -9.81 -11.26
CA LEU A 35 0.87 -10.30 -11.12
C LEU A 35 0.88 -11.83 -11.01
N GLN A 36 -0.05 -12.37 -10.19
CA GLN A 36 -0.20 -13.81 -9.96
C GLN A 36 -0.67 -14.49 -11.25
N ARG A 37 -1.72 -13.94 -11.89
CA ARG A 37 -2.28 -14.51 -13.15
C ARG A 37 -1.24 -14.56 -14.28
N ALA A 38 -0.29 -13.60 -14.27
CA ALA A 38 0.82 -13.56 -15.21
C ALA A 38 1.83 -14.69 -14.92
N LYS A 39 2.32 -14.74 -13.66
CA LYS A 39 3.42 -15.63 -13.24
C LYS A 39 2.99 -17.10 -13.03
N ARG A 40 1.69 -17.33 -12.77
CA ARG A 40 1.14 -18.69 -12.56
C ARG A 40 0.87 -19.36 -13.92
N ALA A 41 0.11 -18.65 -14.78
CA ALA A 41 -0.29 -19.17 -16.09
C ALA A 41 0.90 -19.23 -17.05
N GLU A 42 1.54 -18.05 -17.26
CA GLU A 42 2.71 -17.87 -18.15
C GLU A 42 2.48 -18.42 -19.58
N LYS A 43 1.20 -18.50 -20.01
CA LYS A 43 0.80 -18.96 -21.35
C LYS A 43 1.45 -18.10 -22.47
N ALA A 44 1.70 -16.82 -22.13
CA ALA A 44 2.11 -15.77 -23.07
C ALA A 44 3.58 -15.88 -23.54
N LYS A 45 4.36 -16.78 -22.90
CA LYS A 45 5.76 -17.08 -23.34
C LYS A 45 5.77 -18.14 -24.47
N ASN A 46 4.55 -18.48 -24.97
CA ASN A 46 4.33 -19.56 -25.94
C ASN A 46 4.69 -20.90 -25.28
N SER A 47 3.86 -21.28 -24.30
CA SER A 47 4.00 -22.56 -23.57
C SER A 47 3.55 -23.73 -24.48
N LYS A 48 4.03 -24.95 -24.15
CA LYS A 48 3.63 -26.20 -24.81
C LYS A 48 2.09 -26.38 -24.75
N LYS A 49 1.51 -27.09 -25.74
CA LYS A 49 0.07 -27.36 -25.78
C LYS A 49 -0.39 -28.16 -24.56
N ALA A 50 -1.63 -27.90 -24.18
CA ALA A 50 -2.26 -28.49 -23.00
C ALA A 50 -3.02 -29.77 -23.38
N ILE A 51 -2.86 -30.83 -22.58
CA ILE A 51 -3.64 -32.08 -22.75
C ILE A 51 -5.14 -31.87 -22.45
N GLU A 52 -5.45 -30.74 -21.79
CA GLU A 52 -6.84 -30.27 -21.59
C GLU A 52 -7.34 -29.49 -22.83
N ASP A 53 -8.53 -28.86 -22.69
CA ASP A 53 -9.17 -28.11 -23.78
C ASP A 53 -8.43 -26.79 -24.05
N GLY A 54 -7.63 -26.79 -25.14
CA GLY A 54 -6.99 -25.57 -25.66
C GLY A 54 -7.95 -24.70 -26.46
N VAL A 55 -9.15 -25.26 -26.76
CA VAL A 55 -10.23 -24.54 -27.46
C VAL A 55 -10.99 -23.61 -26.46
N PRO A 56 -11.18 -22.29 -26.80
CA PRO A 56 -12.08 -21.40 -26.04
C PRO A 56 -13.55 -21.63 -26.42
N GLN A 57 -14.44 -20.71 -25.99
CA GLN A 57 -15.89 -20.82 -26.26
C GLN A 57 -16.18 -20.30 -27.68
N PRO A 58 -16.62 -21.20 -28.64
CA PRO A 58 -16.82 -20.82 -30.05
C PRO A 58 -17.97 -19.80 -30.22
N GLU A 59 -19.22 -20.23 -29.96
CA GLU A 59 -20.42 -19.35 -30.07
C GLU A 59 -20.93 -18.99 -28.66
N ALA A 60 -20.62 -19.88 -27.69
CA ALA A 60 -21.14 -19.82 -26.31
C ALA A 60 -20.49 -18.70 -25.44
N LEU A 61 -19.60 -17.87 -26.04
CA LEU A 61 -18.95 -16.74 -25.35
C LEU A 61 -19.88 -15.50 -25.32
N GLU A 62 -20.84 -15.46 -26.27
CA GLU A 62 -21.76 -14.32 -26.43
C GLU A 62 -22.99 -14.50 -25.50
N MET B 1 -5.98 6.92 -24.25
CA MET B 1 -7.31 6.28 -24.28
C MET B 1 -7.21 4.84 -24.82
N GLU B 2 -6.21 4.58 -25.70
CA GLU B 2 -6.04 3.27 -26.36
C GLU B 2 -4.68 2.67 -25.94
N GLU B 3 -4.60 2.23 -24.68
CA GLU B 3 -3.46 1.47 -24.14
C GLU B 3 -3.89 0.00 -24.00
N LEU B 4 -3.51 -0.81 -25.01
CA LEU B 4 -3.81 -2.25 -25.04
C LEU B 4 -3.13 -2.95 -23.86
N SER B 5 -3.90 -3.26 -22.81
CA SER B 5 -3.38 -3.91 -21.59
C SER B 5 -3.62 -5.43 -21.61
N GLY B 6 -3.84 -5.99 -22.83
CA GLY B 6 -4.16 -7.40 -23.02
C GLY B 6 -2.92 -8.29 -23.15
N LYS B 7 -1.78 -7.83 -22.60
CA LYS B 7 -0.52 -8.61 -22.53
C LYS B 7 -0.03 -8.63 -21.06
N PRO B 8 0.80 -9.63 -20.63
CA PRO B 8 1.35 -9.70 -19.25
C PRO B 8 2.45 -8.66 -19.03
N LEU B 9 2.78 -8.43 -17.74
CA LEU B 9 3.86 -7.54 -17.34
C LEU B 9 5.24 -8.15 -17.74
N SER B 10 6.18 -7.27 -18.12
CA SER B 10 7.58 -7.62 -18.42
C SER B 10 8.35 -7.87 -17.11
N TYR B 11 9.64 -8.25 -17.23
CA TYR B 11 10.51 -8.51 -16.08
C TYR B 11 10.62 -7.26 -15.19
N ALA B 12 11.00 -6.13 -15.81
CA ALA B 12 11.17 -4.82 -15.13
C ALA B 12 9.85 -4.32 -14.52
N GLU B 13 8.72 -4.69 -15.15
CA GLU B 13 7.37 -4.36 -14.65
C GLU B 13 7.05 -5.16 -13.39
N LYS B 14 7.45 -6.44 -13.38
CA LYS B 14 7.32 -7.33 -12.21
C LYS B 14 8.18 -6.82 -11.04
N GLU B 15 9.38 -6.33 -11.37
CA GLU B 15 10.36 -5.82 -10.39
C GLU B 15 9.83 -4.59 -9.67
N LYS B 16 9.40 -3.59 -10.46
CA LYS B 16 8.82 -2.35 -9.92
C LYS B 16 7.53 -2.66 -9.14
N LEU B 17 6.82 -3.73 -9.54
CA LEU B 17 5.55 -4.13 -8.93
C LEU B 17 5.77 -4.79 -7.55
N LYS B 18 6.71 -5.74 -7.45
CA LYS B 18 6.96 -6.47 -6.18
C LYS B 18 7.55 -5.53 -5.11
N GLU B 19 8.42 -4.59 -5.56
CA GLU B 19 9.01 -3.59 -4.64
C GLU B 19 7.95 -2.54 -4.26
N LYS B 20 6.98 -2.28 -5.18
CA LYS B 20 5.78 -1.47 -4.87
C LYS B 20 4.99 -2.07 -3.70
N LEU B 21 4.70 -3.39 -3.81
CA LEU B 21 3.85 -4.12 -2.84
C LEU B 21 4.48 -4.09 -1.44
N ALA B 22 5.81 -4.36 -1.38
CA ALA B 22 6.57 -4.37 -0.12
C ALA B 22 6.69 -2.95 0.48
N PHE B 23 6.85 -1.93 -0.39
CA PHE B 23 6.99 -0.51 0.03
C PHE B 23 5.70 0.00 0.67
N LEU B 24 4.58 -0.14 -0.07
CA LEU B 24 3.27 0.35 0.39
C LEU B 24 2.80 -0.42 1.63
N LYS B 25 3.18 -1.71 1.72
CA LYS B 25 2.84 -2.59 2.85
C LYS B 25 3.55 -2.18 4.15
N LYS B 26 4.89 -1.98 4.07
CA LYS B 26 5.70 -1.66 5.27
C LYS B 26 5.27 -0.31 5.85
N GLU B 27 5.08 0.71 4.96
CA GLU B 27 4.67 2.05 5.38
C GLU B 27 3.24 2.00 5.92
N TYR B 28 2.36 1.16 5.28
CA TYR B 28 0.96 0.95 5.70
C TYR B 28 0.90 0.54 7.17
N SER B 29 1.64 -0.52 7.51
CA SER B 29 1.62 -1.13 8.84
C SER B 29 2.17 -0.16 9.91
N ARG B 30 3.25 0.57 9.57
CA ARG B 30 3.91 1.51 10.51
C ARG B 30 3.07 2.77 10.75
N THR B 31 2.54 3.34 9.65
CA THR B 31 1.78 4.60 9.71
C THR B 31 0.36 4.38 10.24
N LEU B 32 -0.18 3.16 10.03
CA LEU B 32 -1.45 2.73 10.64
C LEU B 32 -1.25 2.54 12.14
N ALA B 33 -0.08 1.96 12.52
CA ALA B 33 0.29 1.72 13.93
C ALA B 33 0.29 3.03 14.75
N ARG B 34 0.95 4.06 14.21
CA ARG B 34 1.06 5.39 14.84
C ARG B 34 -0.28 6.15 14.78
N LEU B 35 -1.06 5.92 13.69
CA LEU B 35 -2.44 6.43 13.54
C LEU B 35 -3.30 5.93 14.70
N GLN B 36 -3.16 4.62 15.02
CA GLN B 36 -3.91 3.98 16.12
C GLN B 36 -3.48 4.56 17.46
N ARG B 37 -2.16 4.64 17.71
CA ARG B 37 -1.60 5.16 18.97
C ARG B 37 -2.03 6.62 19.24
N ALA B 38 -2.23 7.38 18.16
CA ALA B 38 -2.73 8.76 18.22
C ALA B 38 -4.22 8.78 18.63
N LYS B 39 -5.04 8.04 17.87
CA LYS B 39 -6.51 8.06 17.98
C LYS B 39 -7.06 7.27 19.19
N ARG B 40 -6.29 6.27 19.69
CA ARG B 40 -6.70 5.44 20.83
C ARG B 40 -6.40 6.16 22.16
N ALA B 41 -5.13 6.64 22.29
CA ALA B 41 -4.65 7.31 23.50
C ALA B 41 -5.26 8.70 23.61
N GLU B 42 -5.04 9.53 22.55
CA GLU B 42 -5.48 10.95 22.48
C GLU B 42 -5.02 11.78 23.70
N LYS B 43 -3.96 11.30 24.37
CA LYS B 43 -3.40 11.83 25.64
C LYS B 43 -3.14 13.36 25.59
N ALA B 44 -2.88 13.92 24.39
CA ALA B 44 -2.60 15.35 24.19
C ALA B 44 -3.77 16.26 24.62
N LYS B 45 -5.02 15.74 24.54
CA LYS B 45 -6.21 16.49 25.00
C LYS B 45 -6.25 16.58 26.53
N ASN B 46 -5.68 15.54 27.18
CA ASN B 46 -5.79 15.31 28.64
C ASN B 46 -7.28 15.20 29.03
N SER B 47 -7.81 13.95 28.95
CA SER B 47 -9.24 13.64 29.15
C SER B 47 -9.70 13.93 30.60
N LYS B 48 -10.01 15.23 30.85
CA LYS B 48 -10.42 15.81 32.15
C LYS B 48 -9.49 15.39 33.33
N LYS B 49 -9.75 14.20 33.89
CA LYS B 49 -9.01 13.64 35.04
C LYS B 49 -8.74 12.15 34.81
N ALA B 50 -7.44 11.79 34.80
CA ALA B 50 -7.01 10.38 34.85
C ALA B 50 -6.77 10.03 36.34
N ILE B 51 -7.83 9.54 37.00
CA ILE B 51 -7.85 9.30 38.47
C ILE B 51 -6.97 8.10 38.86
N GLU B 52 -6.69 7.23 37.88
CA GLU B 52 -5.65 6.21 38.00
C GLU B 52 -4.29 6.90 37.98
N ASP B 53 -3.54 6.82 39.09
CA ASP B 53 -2.19 7.38 39.20
C ASP B 53 -1.25 6.63 38.25
N GLY B 54 -1.04 7.22 37.07
CA GLY B 54 -0.13 6.69 36.05
C GLY B 54 1.33 7.04 36.35
N VAL B 55 1.76 6.72 37.59
CA VAL B 55 3.11 6.96 38.08
C VAL B 55 4.03 5.79 37.67
N PRO B 56 5.12 6.05 36.88
CA PRO B 56 6.17 5.06 36.61
C PRO B 56 7.29 5.13 37.66
N GLN B 57 8.39 4.41 37.40
CA GLN B 57 9.61 4.52 38.19
C GLN B 57 10.34 5.81 37.74
N PRO B 58 10.58 6.78 38.70
CA PRO B 58 11.11 8.14 38.38
C PRO B 58 12.46 8.11 37.61
N GLU B 59 13.37 7.22 38.04
CA GLU B 59 14.71 7.06 37.44
C GLU B 59 14.95 5.62 36.96
N ALA B 60 14.31 4.64 37.65
CA ALA B 60 14.56 3.20 37.43
C ALA B 60 13.69 2.66 36.27
N LEU B 61 13.91 3.19 35.05
CA LEU B 61 13.22 2.72 33.83
C LEU B 61 13.73 1.32 33.46
N GLU B 62 15.02 1.06 33.72
CA GLU B 62 15.64 -0.25 33.53
C GLU B 62 15.68 -0.98 34.90
N MET A 1 -2.50 27.95 34.49
CA MET A 1 -1.66 26.72 34.40
C MET A 1 -1.35 26.42 32.91
N GLU A 2 -0.21 26.98 32.43
CA GLU A 2 0.24 26.82 31.03
C GLU A 2 0.81 25.40 30.82
N GLU A 3 0.00 24.57 30.15
CA GLU A 3 0.29 23.15 29.90
C GLU A 3 0.10 22.86 28.39
N LEU A 4 1.21 22.79 27.64
CA LEU A 4 1.22 22.59 26.18
C LEU A 4 2.02 21.32 25.84
N SER A 5 1.30 20.25 25.45
CA SER A 5 1.90 18.94 25.13
C SER A 5 2.01 18.76 23.61
N GLY A 6 2.86 17.79 23.21
CA GLY A 6 3.07 17.48 21.79
C GLY A 6 1.92 16.66 21.22
N LYS A 7 0.81 17.35 20.89
CA LYS A 7 -0.44 16.78 20.33
C LYS A 7 -0.21 15.78 19.15
N PRO A 8 -1.14 14.79 18.92
CA PRO A 8 -0.98 13.76 17.85
C PRO A 8 -1.25 14.34 16.45
N LEU A 9 -1.48 13.46 15.45
CA LEU A 9 -1.64 13.87 14.05
C LEU A 9 -2.83 14.83 13.84
N SER A 10 -2.65 15.81 12.94
CA SER A 10 -3.68 16.82 12.61
C SER A 10 -4.81 16.21 11.75
N TYR A 11 -5.82 17.03 11.42
CA TYR A 11 -6.95 16.62 10.57
C TYR A 11 -6.45 16.26 9.15
N ALA A 12 -5.58 17.12 8.59
CA ALA A 12 -4.98 16.93 7.26
C ALA A 12 -4.11 15.66 7.23
N GLU A 13 -3.38 15.42 8.33
CA GLU A 13 -2.48 14.27 8.48
C GLU A 13 -3.28 12.95 8.52
N LYS A 14 -4.37 12.99 9.30
CA LYS A 14 -5.29 11.85 9.51
C LYS A 14 -5.97 11.45 8.18
N GLU A 15 -6.60 12.44 7.53
CA GLU A 15 -7.40 12.22 6.31
C GLU A 15 -6.51 11.68 5.16
N LYS A 16 -5.28 12.25 5.01
CA LYS A 16 -4.33 11.81 3.97
C LYS A 16 -3.80 10.41 4.30
N LEU A 17 -3.73 10.08 5.60
CA LEU A 17 -3.22 8.78 6.07
C LEU A 17 -4.26 7.67 5.81
N LYS A 18 -5.53 7.89 6.16
CA LYS A 18 -6.59 6.88 6.01
C LYS A 18 -6.90 6.61 4.52
N GLU A 19 -6.81 7.68 3.68
CA GLU A 19 -7.01 7.54 2.22
C GLU A 19 -5.77 6.88 1.58
N LYS A 20 -4.57 7.09 2.20
CA LYS A 20 -3.34 6.36 1.85
C LYS A 20 -3.55 4.85 2.04
N LEU A 21 -4.04 4.47 3.24
CA LEU A 21 -4.25 3.07 3.64
C LEU A 21 -5.23 2.37 2.68
N ALA A 22 -6.34 3.07 2.36
CA ALA A 22 -7.42 2.56 1.49
C ALA A 22 -6.96 2.46 0.02
N PHE A 23 -6.18 3.45 -0.44
CA PHE A 23 -5.67 3.52 -1.83
C PHE A 23 -4.68 2.38 -2.11
N LEU A 24 -3.64 2.28 -1.25
CA LEU A 24 -2.61 1.25 -1.39
C LEU A 24 -3.20 -0.15 -1.17
N LYS A 25 -4.24 -0.25 -0.31
CA LYS A 25 -4.96 -1.51 0.00
C LYS A 25 -5.66 -2.10 -1.23
N LYS A 26 -6.48 -1.26 -1.89
CA LYS A 26 -7.31 -1.70 -3.02
C LYS A 26 -6.42 -2.08 -4.21
N GLU A 27 -5.38 -1.24 -4.47
CA GLU A 27 -4.47 -1.48 -5.58
C GLU A 27 -3.60 -2.70 -5.28
N TYR A 28 -3.19 -2.89 -3.99
CA TYR A 28 -2.38 -4.04 -3.53
C TYR A 28 -3.06 -5.36 -3.90
N SER A 29 -4.32 -5.50 -3.46
CA SER A 29 -5.11 -6.72 -3.68
C SER A 29 -5.27 -7.02 -5.18
N ARG A 30 -5.63 -5.97 -5.94
CA ARG A 30 -5.89 -6.05 -7.38
C ARG A 30 -4.63 -6.40 -8.21
N THR A 31 -3.56 -5.63 -7.96
CA THR A 31 -2.32 -5.70 -8.77
C THR A 31 -1.45 -6.91 -8.38
N LEU A 32 -1.55 -7.33 -7.11
CA LEU A 32 -0.93 -8.58 -6.64
C LEU A 32 -1.63 -9.77 -7.31
N ALA A 33 -2.99 -9.70 -7.35
CA ALA A 33 -3.82 -10.73 -7.97
C ALA A 33 -3.41 -11.01 -9.43
N ARG A 34 -3.35 -9.94 -10.24
CA ARG A 34 -3.01 -10.00 -11.67
C ARG A 34 -1.53 -10.40 -11.87
N LEU A 35 -0.62 -10.00 -10.93
CA LEU A 35 0.81 -10.41 -10.96
C LEU A 35 0.88 -11.94 -10.84
N GLN A 36 0.14 -12.49 -9.86
CA GLN A 36 0.13 -13.93 -9.56
C GLN A 36 -0.43 -14.72 -10.76
N ARG A 37 -1.53 -14.23 -11.35
CA ARG A 37 -2.19 -14.90 -12.49
C ARG A 37 -1.32 -14.83 -13.76
N ALA A 38 -0.49 -13.79 -13.85
CA ALA A 38 0.48 -13.61 -14.94
C ALA A 38 1.60 -14.66 -14.84
N LYS A 39 2.23 -14.76 -13.66
CA LYS A 39 3.41 -15.63 -13.43
C LYS A 39 3.06 -17.13 -13.28
N ARG A 40 1.90 -17.43 -12.66
CA ARG A 40 1.48 -18.82 -12.37
C ARG A 40 0.90 -19.49 -13.64
N ALA A 41 -0.13 -18.84 -14.22
CA ALA A 41 -0.85 -19.39 -15.37
C ALA A 41 -0.02 -19.25 -16.65
N GLU A 42 0.54 -18.04 -16.86
CA GLU A 42 1.24 -17.64 -18.12
C GLU A 42 0.31 -17.79 -19.34
N LYS A 43 -1.00 -17.65 -19.05
CA LYS A 43 -2.14 -17.74 -19.99
C LYS A 43 -2.03 -16.78 -21.17
N ALA A 44 -1.33 -15.65 -20.93
CA ALA A 44 -1.17 -14.58 -21.90
C ALA A 44 -0.23 -14.98 -23.06
N LYS A 45 0.60 -16.05 -22.84
CA LYS A 45 1.48 -16.62 -23.88
C LYS A 45 0.81 -17.83 -24.59
N ASN A 46 -0.42 -18.20 -24.21
CA ASN A 46 -1.17 -19.31 -24.86
C ASN A 46 -1.24 -19.06 -26.38
N SER A 47 -0.39 -19.80 -27.13
CA SER A 47 -0.19 -19.60 -28.57
C SER A 47 -1.48 -19.92 -29.38
N LYS A 48 -2.33 -18.89 -29.56
CA LYS A 48 -3.50 -18.91 -30.47
C LYS A 48 -3.49 -17.60 -31.28
N LYS A 49 -3.87 -17.71 -32.57
CA LYS A 49 -3.84 -16.57 -33.50
C LYS A 49 -4.84 -15.48 -33.08
N ALA A 50 -4.40 -14.22 -33.16
CA ALA A 50 -5.15 -13.04 -32.68
C ALA A 50 -5.95 -12.40 -33.83
N ILE A 51 -7.12 -11.82 -33.50
CA ILE A 51 -7.95 -11.09 -34.50
C ILE A 51 -7.34 -9.72 -34.86
N GLU A 52 -6.32 -9.32 -34.07
CA GLU A 52 -5.51 -8.12 -34.31
C GLU A 52 -4.54 -8.30 -35.50
N ASP A 53 -3.86 -7.19 -35.88
CA ASP A 53 -2.81 -7.20 -36.91
C ASP A 53 -1.62 -8.06 -36.44
N GLY A 54 -0.98 -8.76 -37.37
CA GLY A 54 0.10 -9.69 -37.06
C GLY A 54 1.31 -9.46 -37.94
N VAL A 55 2.22 -8.57 -37.50
CA VAL A 55 3.54 -8.40 -38.12
C VAL A 55 4.51 -9.43 -37.48
N PRO A 56 5.36 -10.18 -38.26
CA PRO A 56 6.31 -11.16 -37.67
C PRO A 56 7.45 -10.48 -36.87
N GLN A 57 8.51 -11.23 -36.63
CA GLN A 57 9.74 -10.73 -36.00
C GLN A 57 10.51 -9.85 -37.04
N PRO A 58 11.32 -8.84 -36.59
CA PRO A 58 11.98 -7.84 -37.50
C PRO A 58 12.96 -8.49 -38.49
N GLU A 59 13.74 -9.46 -37.98
CA GLU A 59 14.72 -10.23 -38.76
C GLU A 59 14.07 -11.49 -39.38
N ALA A 60 12.73 -11.61 -39.23
CA ALA A 60 11.93 -12.77 -39.73
C ALA A 60 12.37 -14.07 -39.02
N LEU A 61 12.53 -13.96 -37.68
CA LEU A 61 12.95 -15.05 -36.80
C LEU A 61 11.79 -16.05 -36.67
N GLU A 62 11.76 -16.99 -37.61
CA GLU A 62 10.75 -18.07 -37.68
C GLU A 62 11.12 -19.20 -36.69
N MET B 1 1.67 -20.17 -38.06
CA MET B 1 2.66 -20.29 -36.96
C MET B 1 3.27 -18.90 -36.63
N GLU B 2 2.39 -17.90 -36.44
CA GLU B 2 2.76 -16.49 -36.17
C GLU B 2 1.82 -15.96 -35.06
N GLU B 3 1.72 -16.75 -33.98
CA GLU B 3 0.83 -16.46 -32.85
C GLU B 3 1.47 -15.41 -31.93
N LEU B 4 1.25 -14.14 -32.28
CA LEU B 4 1.71 -13.01 -31.47
C LEU B 4 0.84 -12.93 -30.21
N SER B 5 1.27 -13.62 -29.17
CA SER B 5 0.59 -13.66 -27.89
C SER B 5 0.95 -12.40 -27.10
N GLY B 6 -0.08 -11.72 -26.57
CA GLY B 6 0.11 -10.58 -25.69
C GLY B 6 0.60 -11.03 -24.32
N LYS B 7 1.90 -11.37 -24.27
CA LYS B 7 2.60 -12.02 -23.13
C LYS B 7 2.42 -11.24 -21.79
N PRO B 8 2.64 -11.92 -20.59
CA PRO B 8 2.46 -11.27 -19.25
C PRO B 8 3.32 -9.98 -19.03
N LEU B 9 3.35 -9.49 -17.77
CA LEU B 9 4.11 -8.28 -17.41
C LEU B 9 5.64 -8.50 -17.62
N SER B 10 6.32 -7.45 -18.14
CA SER B 10 7.78 -7.46 -18.44
C SER B 10 8.62 -7.50 -17.16
N TYR B 11 9.96 -7.57 -17.32
CA TYR B 11 10.90 -7.59 -16.18
C TYR B 11 10.78 -6.31 -15.34
N ALA B 12 10.76 -5.15 -16.04
CA ALA B 12 10.63 -3.83 -15.41
C ALA B 12 9.28 -3.68 -14.69
N GLU B 13 8.22 -4.24 -15.30
CA GLU B 13 6.85 -4.19 -14.75
C GLU B 13 6.76 -5.03 -13.46
N LYS B 14 7.36 -6.22 -13.51
CA LYS B 14 7.40 -7.18 -12.40
C LYS B 14 8.13 -6.61 -11.19
N GLU B 15 9.38 -6.15 -11.42
CA GLU B 15 10.27 -5.65 -10.36
C GLU B 15 9.67 -4.41 -9.66
N LYS B 16 9.08 -3.48 -10.46
CA LYS B 16 8.45 -2.28 -9.92
C LYS B 16 7.17 -2.64 -9.15
N LEU B 17 6.50 -3.73 -9.56
CA LEU B 17 5.26 -4.20 -8.95
C LEU B 17 5.54 -4.85 -7.57
N LYS B 18 6.54 -5.75 -7.49
CA LYS B 18 6.86 -6.47 -6.24
C LYS B 18 7.46 -5.51 -5.19
N GLU B 19 8.23 -4.50 -5.65
CA GLU B 19 8.79 -3.47 -4.76
C GLU B 19 7.69 -2.48 -4.32
N LYS B 20 6.67 -2.29 -5.20
CA LYS B 20 5.44 -1.56 -4.87
C LYS B 20 4.72 -2.24 -3.69
N LEU B 21 4.49 -3.56 -3.83
CA LEU B 21 3.76 -4.37 -2.84
C LEU B 21 4.46 -4.32 -1.48
N ALA B 22 5.80 -4.48 -1.50
CA ALA B 22 6.64 -4.50 -0.29
C ALA B 22 6.72 -3.11 0.38
N PHE B 23 6.81 -2.04 -0.44
CA PHE B 23 6.92 -0.64 0.03
C PHE B 23 5.63 -0.22 0.75
N LEU B 24 4.50 -0.37 0.04
CA LEU B 24 3.18 0.02 0.57
C LEU B 24 2.81 -0.86 1.77
N LYS B 25 3.27 -2.14 1.77
CA LYS B 25 3.03 -3.11 2.87
C LYS B 25 3.65 -2.66 4.19
N LYS B 26 4.97 -2.35 4.15
CA LYS B 26 5.75 -2.01 5.35
C LYS B 26 5.26 -0.68 5.94
N GLU B 27 5.00 0.31 5.05
CA GLU B 27 4.53 1.61 5.48
C GLU B 27 3.09 1.50 6.02
N TYR B 28 2.25 0.64 5.37
CA TYR B 28 0.84 0.39 5.79
C TYR B 28 0.78 -0.06 7.24
N SER B 29 1.54 -1.12 7.57
CA SER B 29 1.54 -1.70 8.91
C SER B 29 2.01 -0.67 9.96
N ARG B 30 3.11 0.02 9.64
CA ARG B 30 3.75 1.00 10.53
C ARG B 30 2.86 2.24 10.78
N THR B 31 2.36 2.83 9.68
CA THR B 31 1.64 4.12 9.72
C THR B 31 0.18 3.95 10.19
N LEU B 32 -0.41 2.76 9.91
CA LEU B 32 -1.72 2.39 10.44
C LEU B 32 -1.61 2.22 11.96
N ALA B 33 -0.51 1.56 12.41
CA ALA B 33 -0.21 1.31 13.83
C ALA B 33 -0.20 2.64 14.63
N ARG B 34 0.61 3.60 14.16
CA ARG B 34 0.79 4.92 14.81
C ARG B 34 -0.50 5.77 14.72
N LEU B 35 -1.29 5.60 13.62
CA LEU B 35 -2.61 6.27 13.47
C LEU B 35 -3.55 5.78 14.59
N GLN B 36 -3.60 4.44 14.80
CA GLN B 36 -4.48 3.81 15.79
C GLN B 36 -4.08 4.25 17.21
N ARG B 37 -2.76 4.27 17.50
CA ARG B 37 -2.25 4.63 18.83
C ARG B 37 -2.48 6.13 19.12
N ALA B 38 -2.49 6.95 18.06
CA ALA B 38 -2.78 8.39 18.15
C ALA B 38 -4.25 8.63 18.56
N LYS B 39 -5.19 7.98 17.83
CA LYS B 39 -6.65 8.20 18.00
C LYS B 39 -7.23 7.46 19.23
N ARG B 40 -6.70 6.26 19.54
CA ARG B 40 -7.21 5.40 20.64
C ARG B 40 -6.72 5.93 22.00
N ALA B 41 -5.39 6.04 22.13
CA ALA B 41 -4.75 6.43 23.40
C ALA B 41 -4.91 7.95 23.64
N GLU B 42 -4.64 8.74 22.57
CA GLU B 42 -4.56 10.24 22.63
C GLU B 42 -3.48 10.68 23.67
N LYS B 43 -2.48 9.79 23.81
CA LYS B 43 -1.32 9.90 24.73
C LYS B 43 -0.48 11.17 24.47
N ALA B 44 -0.48 11.61 23.22
CA ALA B 44 0.29 12.76 22.77
C ALA B 44 -0.34 14.09 23.24
N LYS B 45 -1.70 14.10 23.33
CA LYS B 45 -2.47 15.27 23.79
C LYS B 45 -2.78 15.18 25.32
N ASN B 46 -2.12 14.24 26.01
CA ASN B 46 -2.15 14.16 27.49
C ASN B 46 -1.75 15.54 28.09
N SER B 47 -2.77 16.33 28.47
CA SER B 47 -2.64 17.73 28.90
C SER B 47 -1.78 17.87 30.18
N LYS B 48 -0.47 18.01 29.96
CA LYS B 48 0.55 18.23 31.00
C LYS B 48 1.55 19.29 30.52
N LYS B 49 2.51 19.64 31.39
CA LYS B 49 3.54 20.64 31.08
C LYS B 49 4.68 20.04 30.24
N ALA B 50 5.48 20.94 29.65
CA ALA B 50 6.61 20.57 28.79
C ALA B 50 7.71 21.64 28.89
N ILE B 51 8.97 21.23 28.71
CA ILE B 51 10.13 22.15 28.58
C ILE B 51 10.13 22.86 27.22
N GLU B 52 9.29 22.33 26.30
CA GLU B 52 9.03 22.91 24.97
C GLU B 52 8.43 24.32 25.06
N ASP B 53 8.39 25.03 23.91
CA ASP B 53 8.01 26.45 23.82
C ASP B 53 6.58 26.68 24.37
N GLY B 54 6.52 27.19 25.61
CA GLY B 54 5.26 27.54 26.25
C GLY B 54 4.73 28.86 25.75
N VAL B 55 4.24 28.84 24.50
CA VAL B 55 3.60 29.98 23.85
C VAL B 55 2.17 29.59 23.38
N PRO B 56 1.14 29.98 24.17
CA PRO B 56 -0.25 29.96 23.74
C PRO B 56 -0.65 31.34 23.21
N GLN B 57 -1.95 31.58 23.09
CA GLN B 57 -2.47 32.90 22.67
C GLN B 57 -2.52 33.86 23.89
N PRO B 58 -2.36 35.21 23.68
CA PRO B 58 -2.48 36.25 24.76
C PRO B 58 -3.91 36.27 25.36
N GLU B 59 -4.89 35.92 24.51
CA GLU B 59 -6.29 35.70 24.90
C GLU B 59 -6.41 34.50 25.84
N ALA B 60 -5.53 33.51 25.60
CA ALA B 60 -5.42 32.27 26.41
C ALA B 60 -6.70 31.40 26.35
N LEU B 61 -7.55 31.68 25.36
CA LEU B 61 -8.83 30.97 25.16
C LEU B 61 -8.61 29.89 24.10
N GLU B 62 -7.99 28.78 24.54
CA GLU B 62 -7.57 27.68 23.66
C GLU B 62 -8.78 26.78 23.32
N MET A 1 4.89 25.49 6.95
CA MET A 1 6.11 24.95 7.56
C MET A 1 5.83 24.46 8.99
N GLU A 2 5.95 23.14 9.21
CA GLU A 2 5.91 22.51 10.54
C GLU A 2 7.15 21.60 10.70
N GLU A 3 7.82 21.72 11.86
CA GLU A 3 9.10 21.05 12.14
C GLU A 3 8.87 19.68 12.79
N LEU A 4 9.77 18.72 12.46
CA LEU A 4 9.79 17.37 13.05
C LEU A 4 10.05 17.48 14.56
N SER A 5 8.95 17.47 15.31
CA SER A 5 8.95 17.60 16.78
C SER A 5 7.88 16.68 17.38
N GLY A 6 7.64 16.78 18.70
CA GLY A 6 6.58 16.03 19.37
C GLY A 6 5.23 16.69 19.23
N LYS A 7 4.85 17.01 17.98
CA LYS A 7 3.50 17.54 17.65
C LYS A 7 2.66 16.39 17.06
N PRO A 8 1.32 16.34 17.30
CA PRO A 8 0.44 15.32 16.71
C PRO A 8 0.22 15.56 15.20
N LEU A 9 -0.52 14.64 14.57
CA LEU A 9 -1.01 14.83 13.20
C LEU A 9 -2.24 15.77 13.23
N SER A 10 -2.43 16.53 12.16
CA SER A 10 -3.63 17.37 11.97
C SER A 10 -4.75 16.54 11.36
N TYR A 11 -5.98 17.11 11.30
CA TYR A 11 -7.15 16.44 10.68
C TYR A 11 -6.87 16.10 9.21
N ALA A 12 -6.22 17.04 8.50
CA ALA A 12 -5.81 16.88 7.10
C ALA A 12 -4.80 15.71 6.94
N GLU A 13 -3.88 15.58 7.92
CA GLU A 13 -2.84 14.52 7.92
C GLU A 13 -3.48 13.15 8.25
N LYS A 14 -4.48 13.17 9.14
CA LYS A 14 -5.18 11.97 9.64
C LYS A 14 -6.03 11.35 8.51
N GLU A 15 -6.72 12.22 7.75
CA GLU A 15 -7.61 11.80 6.66
C GLU A 15 -6.80 11.38 5.42
N LYS A 16 -5.68 12.09 5.12
CA LYS A 16 -4.81 11.71 3.99
C LYS A 16 -4.12 10.37 4.26
N LEU A 17 -3.90 10.08 5.56
CA LEU A 17 -3.26 8.84 6.00
C LEU A 17 -4.22 7.66 5.86
N LYS A 18 -5.47 7.78 6.36
CA LYS A 18 -6.45 6.66 6.30
C LYS A 18 -6.86 6.36 4.85
N GLU A 19 -6.91 7.40 3.98
CA GLU A 19 -7.23 7.24 2.55
C GLU A 19 -6.01 6.66 1.81
N LYS A 20 -4.78 6.96 2.31
CA LYS A 20 -3.53 6.31 1.86
C LYS A 20 -3.65 4.80 2.07
N LEU A 21 -4.08 4.40 3.29
CA LEU A 21 -4.20 2.99 3.70
C LEU A 21 -5.18 2.25 2.78
N ALA A 22 -6.34 2.88 2.53
CA ALA A 22 -7.41 2.32 1.67
C ALA A 22 -6.98 2.27 0.19
N PHE A 23 -6.23 3.30 -0.25
CA PHE A 23 -5.74 3.44 -1.64
C PHE A 23 -4.73 2.33 -1.98
N LEU A 24 -3.70 2.21 -1.15
CA LEU A 24 -2.65 1.21 -1.33
C LEU A 24 -3.21 -0.21 -1.12
N LYS A 25 -4.22 -0.34 -0.23
CA LYS A 25 -4.90 -1.63 0.08
C LYS A 25 -5.60 -2.20 -1.15
N LYS A 26 -6.44 -1.37 -1.79
CA LYS A 26 -7.27 -1.80 -2.92
C LYS A 26 -6.40 -2.10 -4.14
N GLU A 27 -5.40 -1.22 -4.40
CA GLU A 27 -4.51 -1.38 -5.55
C GLU A 27 -3.60 -2.61 -5.32
N TYR A 28 -3.17 -2.83 -4.06
CA TYR A 28 -2.33 -4.00 -3.64
C TYR A 28 -3.03 -5.29 -4.05
N SER A 29 -4.30 -5.42 -3.64
CA SER A 29 -5.10 -6.62 -3.88
C SER A 29 -5.22 -6.93 -5.38
N ARG A 30 -5.58 -5.90 -6.17
CA ARG A 30 -5.84 -6.05 -7.62
C ARG A 30 -4.54 -6.25 -8.42
N THR A 31 -3.51 -5.46 -8.12
CA THR A 31 -2.26 -5.44 -8.88
C THR A 31 -1.36 -6.64 -8.52
N LEU A 32 -1.47 -7.13 -7.27
CA LEU A 32 -0.81 -8.40 -6.85
C LEU A 32 -1.49 -9.56 -7.59
N ALA A 33 -2.83 -9.53 -7.63
CA ALA A 33 -3.66 -10.55 -8.31
C ALA A 33 -3.20 -10.74 -9.77
N ARG A 34 -3.18 -9.64 -10.53
CA ARG A 34 -2.82 -9.64 -11.97
C ARG A 34 -1.32 -9.97 -12.17
N LEU A 35 -0.48 -9.56 -11.18
CA LEU A 35 0.96 -9.92 -11.14
C LEU A 35 1.10 -11.45 -11.14
N GLN A 36 0.31 -12.11 -10.25
CA GLN A 36 0.31 -13.58 -10.11
C GLN A 36 -0.21 -14.24 -11.40
N ARG A 37 -1.22 -13.62 -12.06
CA ARG A 37 -1.80 -14.14 -13.31
C ARG A 37 -0.79 -14.08 -14.48
N ALA A 38 0.15 -13.12 -14.40
CA ALA A 38 1.25 -12.97 -15.37
C ALA A 38 2.36 -14.03 -15.13
N LYS A 39 2.90 -14.05 -13.90
CA LYS A 39 4.11 -14.83 -13.54
C LYS A 39 3.82 -16.35 -13.37
N ARG A 40 2.64 -16.70 -12.83
CA ARG A 40 2.24 -18.11 -12.59
C ARG A 40 1.74 -18.76 -13.90
N ALA A 41 0.73 -18.12 -14.53
CA ALA A 41 0.07 -18.68 -15.71
C ALA A 41 1.01 -18.68 -16.92
N GLU A 42 1.74 -17.54 -17.11
CA GLU A 42 2.66 -17.31 -18.27
C GLU A 42 1.93 -17.54 -19.61
N LYS A 43 0.60 -17.29 -19.56
CA LYS A 43 -0.39 -17.46 -20.66
C LYS A 43 0.14 -16.85 -21.98
N ALA A 44 0.80 -15.69 -21.84
CA ALA A 44 1.48 -14.99 -22.91
C ALA A 44 2.69 -14.33 -22.27
N LYS A 45 3.78 -15.10 -22.19
CA LYS A 45 5.05 -14.65 -21.55
C LYS A 45 6.04 -14.07 -22.59
N ASN A 46 5.61 -14.08 -23.87
CA ASN A 46 6.45 -13.84 -25.05
C ASN A 46 7.63 -14.85 -25.10
N SER A 47 7.34 -16.04 -25.64
CA SER A 47 8.36 -17.08 -25.90
C SER A 47 9.18 -16.71 -27.16
N LYS A 48 10.10 -17.61 -27.58
CA LYS A 48 11.02 -17.36 -28.72
C LYS A 48 10.23 -17.09 -30.04
N LYS A 49 10.29 -15.82 -30.50
CA LYS A 49 9.61 -15.34 -31.73
C LYS A 49 10.68 -15.14 -32.84
N ALA A 50 10.22 -15.05 -34.09
CA ALA A 50 11.06 -14.70 -35.26
C ALA A 50 11.22 -13.17 -35.35
N ILE A 51 12.28 -12.70 -36.05
CA ILE A 51 12.64 -11.26 -36.16
C ILE A 51 11.71 -10.50 -37.13
N GLU A 52 10.80 -11.23 -37.80
CA GLU A 52 9.82 -10.65 -38.75
C GLU A 52 8.64 -10.02 -38.00
N ASP A 53 8.96 -9.11 -37.10
CA ASP A 53 8.00 -8.36 -36.29
C ASP A 53 7.38 -7.25 -37.17
N GLY A 54 6.21 -6.74 -36.77
CA GLY A 54 5.60 -5.56 -37.40
C GLY A 54 6.27 -4.27 -36.94
N VAL A 55 7.58 -4.19 -37.19
CA VAL A 55 8.47 -3.16 -36.64
C VAL A 55 8.48 -1.91 -37.57
N PRO A 56 8.42 -0.66 -37.01
CA PRO A 56 8.54 0.58 -37.82
C PRO A 56 10.01 0.87 -38.20
N GLN A 57 10.24 2.04 -38.82
CA GLN A 57 11.59 2.52 -39.16
C GLN A 57 12.31 2.97 -37.86
N PRO A 58 13.55 2.45 -37.58
CA PRO A 58 14.28 2.78 -36.33
C PRO A 58 14.90 4.21 -36.36
N GLU A 59 15.83 4.45 -37.29
CA GLU A 59 16.56 5.74 -37.41
C GLU A 59 15.87 6.66 -38.43
N ALA A 60 15.36 6.06 -39.52
CA ALA A 60 14.65 6.80 -40.59
C ALA A 60 13.21 7.11 -40.17
N LEU A 61 12.61 8.12 -40.83
CA LEU A 61 11.20 8.55 -40.63
C LEU A 61 10.92 8.99 -39.17
N GLU A 62 11.99 9.31 -38.40
CA GLU A 62 11.92 9.56 -36.95
C GLU A 62 11.68 11.08 -36.72
N MET B 1 6.48 4.50 -25.29
CA MET B 1 5.77 3.49 -26.12
C MET B 1 5.02 2.53 -25.20
N GLU B 2 3.71 2.76 -25.05
CA GLU B 2 2.82 1.99 -24.18
C GLU B 2 1.39 2.02 -24.73
N GLU B 3 0.67 0.91 -24.58
CA GLU B 3 -0.75 0.81 -24.87
C GLU B 3 -1.33 -0.31 -24.00
N LEU B 4 -1.80 0.08 -22.79
CA LEU B 4 -2.30 -0.85 -21.76
C LEU B 4 -3.38 -1.81 -22.32
N SER B 5 -2.96 -3.06 -22.58
CA SER B 5 -3.77 -4.06 -23.30
C SER B 5 -3.40 -5.47 -22.79
N GLY B 6 -3.84 -6.53 -23.51
CA GLY B 6 -3.57 -7.93 -23.12
C GLY B 6 -2.20 -8.43 -23.58
N LYS B 7 -1.14 -7.76 -23.11
CA LYS B 7 0.26 -8.21 -23.30
C LYS B 7 0.94 -8.26 -21.92
N PRO B 8 1.99 -9.11 -21.72
CA PRO B 8 2.62 -9.30 -20.39
C PRO B 8 3.37 -8.04 -19.90
N LEU B 9 3.47 -7.89 -18.58
CA LEU B 9 4.38 -6.94 -17.96
C LEU B 9 5.85 -7.45 -18.15
N SER B 10 6.77 -6.51 -18.38
CA SER B 10 8.20 -6.80 -18.56
C SER B 10 8.84 -7.12 -17.21
N TYR B 11 10.10 -7.59 -17.24
CA TYR B 11 10.87 -7.89 -16.02
C TYR B 11 10.96 -6.66 -15.09
N ALA B 12 11.21 -5.48 -15.71
CA ALA B 12 11.27 -4.19 -15.02
C ALA B 12 9.92 -3.85 -14.36
N GLU B 13 8.80 -4.17 -15.05
CA GLU B 13 7.42 -3.91 -14.57
C GLU B 13 7.04 -4.89 -13.43
N LYS B 14 7.55 -6.13 -13.54
CA LYS B 14 7.27 -7.24 -12.61
C LYS B 14 7.96 -6.96 -11.26
N GLU B 15 9.23 -6.50 -11.33
CA GLU B 15 10.05 -6.22 -10.16
C GLU B 15 9.61 -4.91 -9.47
N LYS B 16 9.23 -3.88 -10.27
CA LYS B 16 8.73 -2.61 -9.69
C LYS B 16 7.38 -2.83 -8.99
N LEU B 17 6.62 -3.82 -9.50
CA LEU B 17 5.31 -4.18 -8.95
C LEU B 17 5.47 -4.91 -7.60
N LYS B 18 6.33 -5.94 -7.53
CA LYS B 18 6.52 -6.72 -6.28
C LYS B 18 7.15 -5.85 -5.16
N GLU B 19 8.04 -4.90 -5.55
CA GLU B 19 8.66 -3.99 -4.58
C GLU B 19 7.66 -2.90 -4.16
N LYS B 20 6.70 -2.56 -5.07
CA LYS B 20 5.53 -1.71 -4.75
C LYS B 20 4.73 -2.36 -3.61
N LEU B 21 4.44 -3.66 -3.77
CA LEU B 21 3.63 -4.44 -2.82
C LEU B 21 4.29 -4.44 -1.43
N ALA B 22 5.62 -4.69 -1.42
CA ALA B 22 6.44 -4.73 -0.19
C ALA B 22 6.58 -3.34 0.46
N PHE B 23 6.68 -2.29 -0.39
CA PHE B 23 6.84 -0.89 0.03
C PHE B 23 5.58 -0.38 0.76
N LEU B 24 4.44 -0.51 0.07
CA LEU B 24 3.15 -0.08 0.60
C LEU B 24 2.75 -0.94 1.82
N LYS B 25 3.17 -2.23 1.81
CA LYS B 25 2.88 -3.20 2.90
C LYS B 25 3.52 -2.75 4.22
N LYS B 26 4.84 -2.47 4.16
CA LYS B 26 5.63 -2.13 5.34
C LYS B 26 5.20 -0.78 5.93
N GLU B 27 4.98 0.22 5.01
CA GLU B 27 4.58 1.56 5.42
C GLU B 27 3.15 1.51 5.98
N TYR B 28 2.26 0.68 5.37
CA TYR B 28 0.86 0.48 5.81
C TYR B 28 0.83 0.06 7.28
N SER B 29 1.63 -0.97 7.60
CA SER B 29 1.68 -1.54 8.94
C SER B 29 2.10 -0.48 9.99
N ARG B 30 3.20 0.24 9.69
CA ARG B 30 3.80 1.22 10.62
C ARG B 30 2.94 2.50 10.76
N THR B 31 2.48 3.04 9.61
CA THR B 31 1.76 4.31 9.55
C THR B 31 0.31 4.16 10.04
N LEU B 32 -0.29 2.96 9.84
CA LEU B 32 -1.61 2.63 10.41
C LEU B 32 -1.48 2.54 11.93
N ALA B 33 -0.40 1.86 12.39
CA ALA B 33 -0.11 1.69 13.83
C ALA B 33 -0.08 3.04 14.55
N ARG B 34 0.76 3.97 14.04
CA ARG B 34 0.94 5.31 14.63
C ARG B 34 -0.34 6.17 14.48
N LEU B 35 -1.08 5.96 13.37
CA LEU B 35 -2.39 6.60 13.16
C LEU B 35 -3.33 6.24 14.32
N GLN B 36 -3.37 4.94 14.68
CA GLN B 36 -4.20 4.43 15.78
C GLN B 36 -3.73 4.98 17.14
N ARG B 37 -2.41 5.13 17.30
CA ARG B 37 -1.82 5.68 18.54
C ARG B 37 -2.18 7.18 18.72
N ALA B 38 -2.42 7.86 17.61
CA ALA B 38 -2.88 9.27 17.62
C ALA B 38 -4.38 9.36 17.97
N LYS B 39 -5.22 8.67 17.18
CA LYS B 39 -6.70 8.82 17.21
C LYS B 39 -7.35 8.12 18.42
N ARG B 40 -6.79 6.96 18.83
CA ARG B 40 -7.31 6.18 19.99
C ARG B 40 -6.85 6.79 21.32
N ALA B 41 -5.51 6.93 21.48
CA ALA B 41 -4.89 7.39 22.73
C ALA B 41 -5.21 8.87 23.00
N GLU B 42 -5.12 9.72 21.94
CA GLU B 42 -5.37 11.18 22.01
C GLU B 42 -4.48 11.86 23.08
N LYS B 43 -3.26 11.30 23.25
CA LYS B 43 -2.21 11.80 24.17
C LYS B 43 -1.86 13.28 23.87
N ALA B 44 -1.97 13.64 22.59
CA ALA B 44 -1.77 15.00 22.09
C ALA B 44 -2.91 15.29 21.12
N LYS B 45 -4.02 15.74 21.68
CA LYS B 45 -5.18 16.23 20.90
C LYS B 45 -4.97 17.72 20.54
N ASN B 46 -4.16 18.41 21.39
CA ASN B 46 -4.03 19.87 21.43
C ASN B 46 -5.34 20.47 21.99
N SER B 47 -5.51 20.30 23.32
CA SER B 47 -6.70 20.73 24.06
C SER B 47 -6.57 22.23 24.45
N LYS B 48 -7.52 22.76 25.28
CA LYS B 48 -7.54 24.19 25.68
C LYS B 48 -6.25 24.57 26.42
N LYS B 49 -5.65 25.69 25.98
CA LYS B 49 -4.31 26.14 26.38
C LYS B 49 -4.40 27.66 26.68
N ALA B 50 -3.38 28.18 27.39
CA ALA B 50 -3.21 29.62 27.68
C ALA B 50 -3.40 30.47 26.40
N ILE B 51 -4.44 31.32 26.39
CA ILE B 51 -4.89 32.09 25.19
C ILE B 51 -3.83 33.07 24.67
N GLU B 52 -2.85 33.42 25.52
CA GLU B 52 -1.68 34.23 25.13
C GLU B 52 -0.59 33.30 24.56
N ASP B 53 -0.91 32.68 23.42
CA ASP B 53 -0.02 31.76 22.69
C ASP B 53 1.22 32.52 22.16
N GLY B 54 2.32 31.78 21.93
CA GLY B 54 3.56 32.31 21.33
C GLY B 54 3.41 32.57 19.83
N VAL B 55 2.66 33.64 19.51
CA VAL B 55 2.38 34.07 18.13
C VAL B 55 3.14 35.39 17.83
N PRO B 56 3.92 35.48 16.69
CA PRO B 56 4.61 36.72 16.27
C PRO B 56 3.60 37.73 15.66
N GLN B 57 4.13 38.77 14.97
CA GLN B 57 3.30 39.77 14.30
C GLN B 57 2.34 39.10 13.27
N PRO B 58 0.99 39.39 13.35
CA PRO B 58 -0.09 38.65 12.63
C PRO B 58 0.22 38.31 11.15
N GLU B 59 0.65 39.33 10.39
CA GLU B 59 1.03 39.18 8.96
C GLU B 59 2.54 39.47 8.76
N ALA B 60 3.22 39.83 9.85
CA ALA B 60 4.57 40.44 9.82
C ALA B 60 4.51 41.76 9.01
N LEU B 61 4.09 42.83 9.68
CA LEU B 61 3.75 44.11 9.05
C LEU B 61 4.94 45.09 9.12
N GLU B 62 5.45 45.46 7.94
CA GLU B 62 6.39 46.56 7.78
C GLU B 62 5.60 47.81 7.35
N MET A 1 4.96 20.14 34.95
CA MET A 1 4.55 19.16 33.92
C MET A 1 4.42 19.86 32.54
N GLU A 2 5.25 20.94 32.35
CA GLU A 2 5.13 21.86 31.19
C GLU A 2 6.03 21.35 30.03
N GLU A 3 5.81 20.09 29.63
CA GLU A 3 6.69 19.37 28.69
C GLU A 3 6.21 19.57 27.24
N LEU A 4 7.17 19.54 26.28
CA LEU A 4 6.88 19.61 24.83
C LEU A 4 6.19 18.30 24.39
N SER A 5 4.88 18.23 24.63
CA SER A 5 4.06 17.07 24.31
C SER A 5 3.61 17.19 22.84
N GLY A 6 4.29 16.41 21.97
CA GLY A 6 4.02 16.39 20.52
C GLY A 6 2.64 15.87 20.22
N LYS A 7 1.66 16.81 20.19
CA LYS A 7 0.22 16.54 20.00
C LYS A 7 -0.05 15.57 18.83
N PRO A 8 -1.06 14.62 18.97
CA PRO A 8 -1.31 13.57 17.95
C PRO A 8 -1.85 14.14 16.61
N LEU A 9 -2.06 13.26 15.61
CA LEU A 9 -2.38 13.68 14.22
C LEU A 9 -3.71 14.47 14.17
N SER A 10 -3.75 15.49 13.30
CA SER A 10 -4.93 16.34 13.12
C SER A 10 -5.93 15.68 12.15
N TYR A 11 -7.10 16.33 11.97
CA TYR A 11 -8.19 15.85 11.08
C TYR A 11 -7.68 15.67 9.64
N ALA A 12 -6.93 16.69 9.16
CA ALA A 12 -6.33 16.69 7.82
C ALA A 12 -5.32 15.53 7.66
N GLU A 13 -4.51 15.30 8.72
CA GLU A 13 -3.46 14.27 8.71
C GLU A 13 -4.08 12.86 8.70
N LYS A 14 -5.20 12.71 9.43
CA LYS A 14 -5.95 11.45 9.49
C LYS A 14 -6.52 11.08 8.12
N GLU A 15 -7.29 12.03 7.53
CA GLU A 15 -8.01 11.80 6.26
C GLU A 15 -7.03 11.51 5.10
N LYS A 16 -5.89 12.24 5.05
CA LYS A 16 -4.87 12.04 3.99
C LYS A 16 -4.18 10.69 4.18
N LEU A 17 -4.03 10.26 5.45
CA LEU A 17 -3.37 9.00 5.77
C LEU A 17 -4.28 7.79 5.46
N LYS A 18 -5.57 7.87 5.82
CA LYS A 18 -6.51 6.72 5.65
C LYS A 18 -6.90 6.54 4.17
N GLU A 19 -6.91 7.66 3.41
CA GLU A 19 -7.13 7.60 1.95
C GLU A 19 -5.87 7.05 1.27
N LYS A 20 -4.68 7.35 1.86
CA LYS A 20 -3.41 6.69 1.47
C LYS A 20 -3.54 5.16 1.64
N LEU A 21 -4.02 4.74 2.84
CA LEU A 21 -4.13 3.32 3.20
C LEU A 21 -5.08 2.57 2.25
N ALA A 22 -6.21 3.23 1.94
CA ALA A 22 -7.25 2.70 1.04
C ALA A 22 -6.75 2.65 -0.42
N PHE A 23 -6.00 3.69 -0.82
CA PHE A 23 -5.45 3.82 -2.20
C PHE A 23 -4.43 2.69 -2.48
N LEU A 24 -3.43 2.60 -1.60
CA LEU A 24 -2.35 1.62 -1.74
C LEU A 24 -2.88 0.18 -1.60
N LYS A 25 -3.93 0.00 -0.76
CA LYS A 25 -4.57 -1.32 -0.52
C LYS A 25 -5.37 -1.82 -1.73
N LYS A 26 -6.21 -0.94 -2.30
CA LYS A 26 -7.11 -1.32 -3.42
C LYS A 26 -6.28 -1.70 -4.65
N GLU A 27 -5.24 -0.87 -4.95
CA GLU A 27 -4.34 -1.11 -6.08
C GLU A 27 -3.49 -2.36 -5.80
N TYR A 28 -3.04 -2.52 -4.53
CA TYR A 28 -2.22 -3.68 -4.07
C TYR A 28 -2.92 -5.00 -4.41
N SER A 29 -4.20 -5.08 -4.02
CA SER A 29 -4.99 -6.31 -4.17
C SER A 29 -5.20 -6.64 -5.65
N ARG A 30 -5.61 -5.64 -6.45
CA ARG A 30 -5.90 -5.84 -7.89
C ARG A 30 -4.60 -6.14 -8.69
N THR A 31 -3.52 -5.43 -8.36
CA THR A 31 -2.24 -5.53 -9.08
C THR A 31 -1.46 -6.80 -8.71
N LEU A 32 -1.66 -7.28 -7.45
CA LEU A 32 -1.09 -8.56 -7.00
C LEU A 32 -1.86 -9.71 -7.65
N ALA A 33 -3.20 -9.54 -7.76
CA ALA A 33 -4.09 -10.53 -8.40
C ALA A 33 -3.65 -10.83 -9.85
N ARG A 34 -3.47 -9.75 -10.64
CA ARG A 34 -3.04 -9.82 -12.05
C ARG A 34 -1.56 -10.26 -12.17
N LEU A 35 -0.72 -9.91 -11.15
CA LEU A 35 0.68 -10.40 -11.03
C LEU A 35 0.66 -11.95 -11.00
N GLN A 36 -0.27 -12.51 -10.19
CA GLN A 36 -0.42 -13.97 -10.04
C GLN A 36 -0.96 -14.60 -11.33
N ARG A 37 -1.92 -13.91 -11.98
CA ARG A 37 -2.52 -14.39 -13.25
C ARG A 37 -1.49 -14.36 -14.40
N ALA A 38 -0.47 -13.50 -14.26
CA ALA A 38 0.64 -13.40 -15.22
C ALA A 38 1.60 -14.61 -15.06
N LYS A 39 2.13 -14.78 -13.83
CA LYS A 39 3.20 -15.77 -13.52
C LYS A 39 2.70 -17.23 -13.41
N ARG A 40 1.52 -17.43 -12.82
CA ARG A 40 0.97 -18.78 -12.54
C ARG A 40 0.37 -19.41 -13.80
N ALA A 41 -0.43 -18.61 -14.54
CA ALA A 41 -1.16 -19.08 -15.72
C ALA A 41 -0.26 -19.09 -16.96
N GLU A 42 0.33 -17.89 -17.27
CA GLU A 42 1.19 -17.65 -18.47
C GLU A 42 0.41 -17.94 -19.79
N LYS A 43 -0.92 -17.73 -19.71
CA LYS A 43 -1.88 -17.75 -20.84
C LYS A 43 -1.45 -16.77 -21.97
N ALA A 44 -0.95 -15.58 -21.54
CA ALA A 44 -0.62 -14.46 -22.44
C ALA A 44 0.70 -14.69 -23.22
N LYS A 45 1.34 -15.84 -22.94
CA LYS A 45 2.51 -16.32 -23.70
C LYS A 45 2.08 -16.69 -25.14
N ASN A 46 0.97 -17.46 -25.22
CA ASN A 46 0.32 -17.89 -26.47
C ASN A 46 1.33 -18.63 -27.39
N SER A 47 2.00 -19.63 -26.81
CA SER A 47 2.96 -20.48 -27.52
C SER A 47 2.25 -21.67 -28.19
N LYS A 48 1.43 -21.34 -29.21
CA LYS A 48 0.68 -22.32 -30.02
C LYS A 48 1.26 -22.32 -31.44
N LYS A 49 0.99 -21.22 -32.13
CA LYS A 49 1.39 -21.00 -33.53
C LYS A 49 1.45 -19.47 -33.77
N ALA A 50 2.01 -19.07 -34.91
CA ALA A 50 2.03 -17.68 -35.37
C ALA A 50 0.58 -17.19 -35.61
N ILE A 51 0.12 -16.27 -34.75
CA ILE A 51 -1.26 -15.72 -34.77
C ILE A 51 -1.58 -14.90 -36.04
N GLU A 52 -0.52 -14.43 -36.72
CA GLU A 52 -0.64 -13.76 -38.03
C GLU A 52 0.24 -14.47 -39.07
N ASP A 53 -0.07 -14.27 -40.35
CA ASP A 53 0.61 -14.95 -41.47
C ASP A 53 0.84 -13.94 -42.61
N GLY A 54 2.05 -13.36 -42.64
CA GLY A 54 2.50 -12.50 -43.73
C GLY A 54 1.81 -11.14 -43.80
N VAL A 55 1.16 -10.73 -42.70
CA VAL A 55 0.36 -9.49 -42.65
C VAL A 55 0.95 -8.52 -41.57
N PRO A 56 1.57 -7.37 -42.00
CA PRO A 56 2.13 -6.36 -41.07
C PRO A 56 1.04 -5.41 -40.52
N GLN A 57 1.43 -4.56 -39.53
CA GLN A 57 0.58 -3.45 -39.05
C GLN A 57 0.36 -2.42 -40.20
N PRO A 58 -0.89 -1.83 -40.32
CA PRO A 58 -1.28 -0.96 -41.48
C PRO A 58 -0.29 0.20 -41.74
N GLU A 59 0.02 0.98 -40.68
CA GLU A 59 0.96 2.12 -40.77
C GLU A 59 1.91 2.07 -39.56
N ALA A 60 1.40 2.48 -38.39
CA ALA A 60 2.16 2.53 -37.13
C ALA A 60 2.33 1.11 -36.57
N LEU A 61 3.59 0.75 -36.24
CA LEU A 61 3.93 -0.58 -35.72
C LEU A 61 3.75 -0.58 -34.18
N GLU A 62 4.53 0.31 -33.53
CA GLU A 62 4.54 0.49 -32.07
C GLU A 62 5.46 1.70 -31.73
N MET B 1 7.25 -17.86 -35.79
CA MET B 1 6.43 -17.79 -34.55
C MET B 1 6.30 -16.31 -34.17
N GLU B 2 5.14 -15.71 -34.50
CA GLU B 2 4.92 -14.26 -34.37
C GLU B 2 4.39 -13.94 -32.97
N GLU B 3 5.19 -13.15 -32.22
CA GLU B 3 4.86 -12.70 -30.85
C GLU B 3 3.89 -11.48 -30.92
N LEU B 4 4.10 -10.46 -30.03
CA LEU B 4 3.17 -9.30 -29.86
C LEU B 4 1.78 -9.81 -29.45
N SER B 5 1.79 -10.91 -28.67
CA SER B 5 0.57 -11.65 -28.26
C SER B 5 -0.02 -11.11 -26.95
N GLY B 6 0.29 -9.83 -26.62
CA GLY B 6 -0.11 -9.22 -25.37
C GLY B 6 0.49 -9.94 -24.17
N LYS B 7 1.83 -10.08 -24.24
CA LYS B 7 2.64 -10.80 -23.23
C LYS B 7 2.43 -10.24 -21.81
N PRO B 8 2.56 -11.09 -20.73
CA PRO B 8 2.33 -10.65 -19.33
C PRO B 8 3.44 -9.70 -18.83
N LEU B 9 3.50 -9.43 -17.52
CA LEU B 9 4.53 -8.53 -16.96
C LEU B 9 5.95 -9.10 -17.19
N SER B 10 6.84 -8.27 -17.74
CA SER B 10 8.25 -8.60 -17.96
C SER B 10 9.03 -8.56 -16.62
N TYR B 11 10.34 -8.88 -16.66
CA TYR B 11 11.21 -8.90 -15.46
C TYR B 11 11.21 -7.53 -14.76
N ALA B 12 11.33 -6.45 -15.57
CA ALA B 12 11.34 -5.05 -15.08
C ALA B 12 9.99 -4.69 -14.43
N GLU B 13 8.89 -5.14 -15.05
CA GLU B 13 7.52 -4.84 -14.59
C GLU B 13 7.21 -5.56 -13.26
N LYS B 14 7.74 -6.78 -13.13
CA LYS B 14 7.61 -7.60 -11.92
C LYS B 14 8.32 -6.93 -10.75
N GLU B 15 9.63 -6.62 -10.94
CA GLU B 15 10.50 -6.08 -9.86
C GLU B 15 9.98 -4.71 -9.37
N LYS B 16 9.52 -3.84 -10.31
CA LYS B 16 8.99 -2.51 -9.94
C LYS B 16 7.66 -2.66 -9.19
N LEU B 17 6.88 -3.69 -9.56
CA LEU B 17 5.57 -3.93 -8.95
C LEU B 17 5.72 -4.52 -7.53
N LYS B 18 6.62 -5.49 -7.34
CA LYS B 18 6.78 -6.17 -6.04
C LYS B 18 7.48 -5.26 -5.02
N GLU B 19 8.36 -4.34 -5.51
CA GLU B 19 8.99 -3.34 -4.63
C GLU B 19 7.97 -2.25 -4.28
N LYS B 20 7.01 -1.98 -5.21
CA LYS B 20 5.81 -1.17 -4.92
C LYS B 20 5.02 -1.80 -3.76
N LEU B 21 4.75 -3.13 -3.86
CA LEU B 21 3.92 -3.86 -2.88
C LEU B 21 4.57 -3.84 -1.49
N ALA B 22 5.90 -4.03 -1.46
CA ALA B 22 6.71 -4.03 -0.24
C ALA B 22 6.80 -2.63 0.39
N PHE B 23 6.91 -1.60 -0.49
CA PHE B 23 7.02 -0.19 -0.07
C PHE B 23 5.74 0.30 0.60
N LEU B 24 4.61 0.12 -0.11
CA LEU B 24 3.30 0.55 0.36
C LEU B 24 2.88 -0.25 1.60
N LYS B 25 3.30 -1.54 1.69
CA LYS B 25 2.99 -2.44 2.83
C LYS B 25 3.74 -2.04 4.10
N LYS B 26 5.07 -1.80 3.98
CA LYS B 26 5.93 -1.51 5.15
C LYS B 26 5.51 -0.19 5.80
N GLU B 27 5.25 0.84 4.94
CA GLU B 27 4.82 2.15 5.41
C GLU B 27 3.39 2.06 5.97
N TYR B 28 2.52 1.25 5.29
CA TYR B 28 1.12 1.01 5.70
C TYR B 28 1.05 0.54 7.16
N SER B 29 1.85 -0.50 7.45
CA SER B 29 1.86 -1.15 8.76
C SER B 29 2.30 -0.16 9.85
N ARG B 30 3.45 0.51 9.63
CA ARG B 30 4.02 1.45 10.61
C ARG B 30 3.15 2.70 10.81
N THR B 31 2.60 3.22 9.71
CA THR B 31 1.81 4.47 9.70
C THR B 31 0.39 4.24 10.26
N LEU B 32 -0.14 3.02 10.07
CA LEU B 32 -1.43 2.61 10.65
C LEU B 32 -1.24 2.40 12.15
N ALA B 33 -0.09 1.81 12.54
CA ALA B 33 0.28 1.54 13.95
C ALA B 33 0.26 2.84 14.77
N ARG B 34 0.96 3.87 14.25
CA ARG B 34 1.07 5.20 14.88
C ARG B 34 -0.27 5.98 14.79
N LEU B 35 -1.06 5.73 13.71
CA LEU B 35 -2.45 6.26 13.57
C LEU B 35 -3.28 5.81 14.78
N GLN B 36 -3.14 4.51 15.14
CA GLN B 36 -3.85 3.91 16.28
C GLN B 36 -3.34 4.48 17.62
N ARG B 37 -2.01 4.66 17.72
CA ARG B 37 -1.37 5.22 18.94
C ARG B 37 -1.74 6.71 19.16
N ALA B 38 -2.12 7.39 18.06
CA ALA B 38 -2.61 8.77 18.10
C ALA B 38 -4.05 8.82 18.64
N LYS B 39 -4.97 8.09 17.97
CA LYS B 39 -6.43 8.16 18.22
C LYS B 39 -6.88 7.40 19.50
N ARG B 40 -6.27 6.21 19.75
CA ARG B 40 -6.69 5.32 20.85
C ARG B 40 -6.14 5.82 22.20
N ALA B 41 -4.86 6.21 22.21
CA ALA B 41 -4.14 6.60 23.44
C ALA B 41 -4.42 8.07 23.80
N GLU B 42 -4.11 8.99 22.84
CA GLU B 42 -4.26 10.46 23.00
C GLU B 42 -3.47 11.01 24.22
N LYS B 43 -2.44 10.25 24.68
CA LYS B 43 -1.57 10.62 25.82
C LYS B 43 -0.76 11.92 25.53
N ALA B 44 -0.52 12.16 24.23
CA ALA B 44 0.25 13.31 23.72
C ALA B 44 -0.56 14.64 23.79
N LYS B 45 -1.81 14.56 24.29
CA LYS B 45 -2.70 15.73 24.50
C LYS B 45 -2.27 16.52 25.76
N ASN B 46 -1.85 15.78 26.82
CA ASN B 46 -1.26 16.35 28.07
C ASN B 46 -2.28 17.26 28.82
N SER B 47 -3.57 16.87 28.75
CA SER B 47 -4.68 17.60 29.42
C SER B 47 -4.55 17.50 30.96
N LYS B 48 -3.77 18.42 31.51
CA LYS B 48 -3.46 18.50 32.96
C LYS B 48 -2.80 19.87 33.18
N LYS B 49 -1.70 20.09 32.45
CA LYS B 49 -0.92 21.34 32.48
C LYS B 49 -0.69 21.85 31.06
N ALA B 50 0.02 22.97 30.95
CA ALA B 50 0.41 23.54 29.65
C ALA B 50 1.64 22.79 29.11
N ILE B 51 2.01 23.11 27.86
CA ILE B 51 3.26 22.61 27.24
C ILE B 51 4.38 23.66 27.40
N GLU B 52 4.11 24.68 28.24
CA GLU B 52 4.99 25.84 28.45
C GLU B 52 4.72 26.51 29.82
N ASP B 53 5.53 27.52 30.15
CA ASP B 53 5.32 28.41 31.32
C ASP B 53 5.60 29.86 30.88
N GLY B 54 4.63 30.42 30.12
CA GLY B 54 4.69 31.81 29.66
C GLY B 54 5.95 32.15 28.86
N VAL B 55 6.50 31.12 28.18
CA VAL B 55 7.80 31.22 27.48
C VAL B 55 7.55 31.52 25.98
N PRO B 56 8.13 32.64 25.43
CA PRO B 56 8.12 32.90 23.98
C PRO B 56 9.17 32.05 23.25
N GLN B 57 9.20 32.20 21.93
CA GLN B 57 10.22 31.56 21.08
C GLN B 57 11.42 32.52 20.98
N PRO B 58 12.70 31.99 21.06
CA PRO B 58 13.93 32.84 20.94
C PRO B 58 13.89 33.72 19.67
N GLU B 59 13.61 33.07 18.52
CA GLU B 59 13.30 33.76 17.25
C GLU B 59 12.13 33.02 16.57
N ALA B 60 12.45 31.86 15.92
CA ALA B 60 11.48 30.97 15.21
C ALA B 60 10.54 31.72 14.23
N LEU B 61 10.95 32.93 13.80
CA LEU B 61 10.09 33.83 12.98
C LEU B 61 10.23 33.50 11.49
N GLU B 62 11.42 33.72 10.91
CA GLU B 62 11.69 33.43 9.48
C GLU B 62 13.23 33.47 9.25
N MET A 1 18.51 24.15 13.52
CA MET A 1 17.14 24.28 12.98
C MET A 1 16.12 23.82 14.04
N GLU A 2 15.20 24.73 14.43
CA GLU A 2 14.12 24.41 15.39
C GLU A 2 12.91 23.81 14.66
N GLU A 3 12.01 23.21 15.45
CA GLU A 3 10.77 22.58 14.95
C GLU A 3 9.83 22.27 16.14
N LEU A 4 8.54 22.02 15.81
CA LEU A 4 7.53 21.57 16.79
C LEU A 4 7.04 20.17 16.41
N SER A 5 7.16 19.19 17.33
CA SER A 5 6.75 17.80 17.06
C SER A 5 6.45 17.07 18.38
N GLY A 6 5.70 15.97 18.28
CA GLY A 6 5.26 15.17 19.45
C GLY A 6 3.78 15.35 19.74
N LYS A 7 3.06 15.99 18.81
CA LYS A 7 1.60 16.20 18.89
C LYS A 7 0.87 14.99 18.26
N PRO A 8 -0.46 14.78 18.52
CA PRO A 8 -1.27 13.76 17.79
C PRO A 8 -1.52 14.21 16.34
N LEU A 9 -2.04 13.30 15.49
CA LEU A 9 -2.36 13.62 14.09
C LEU A 9 -3.50 14.67 14.01
N SER A 10 -3.35 15.63 13.10
CA SER A 10 -4.38 16.62 12.80
C SER A 10 -5.51 15.98 11.98
N TYR A 11 -6.59 16.74 11.73
CA TYR A 11 -7.68 16.31 10.82
C TYR A 11 -7.13 16.10 9.40
N ALA A 12 -6.24 17.03 8.97
CA ALA A 12 -5.55 16.97 7.69
C ALA A 12 -4.69 15.70 7.56
N GLU A 13 -4.00 15.35 8.66
CA GLU A 13 -3.12 14.18 8.69
C GLU A 13 -3.93 12.88 8.70
N LYS A 14 -5.08 12.90 9.41
CA LYS A 14 -5.95 11.74 9.56
C LYS A 14 -6.61 11.39 8.23
N GLU A 15 -7.09 12.43 7.51
CA GLU A 15 -7.79 12.24 6.22
C GLU A 15 -6.81 11.73 5.15
N LYS A 16 -5.59 12.34 5.08
CA LYS A 16 -4.59 11.96 4.08
C LYS A 16 -4.06 10.54 4.37
N LEU A 17 -4.05 10.15 5.66
CA LEU A 17 -3.55 8.83 6.10
C LEU A 17 -4.56 7.72 5.77
N LYS A 18 -5.85 7.92 6.11
CA LYS A 18 -6.87 6.87 5.90
C LYS A 18 -7.14 6.64 4.40
N GLU A 19 -7.03 7.71 3.57
CA GLU A 19 -7.16 7.59 2.12
C GLU A 19 -5.89 6.95 1.53
N LYS A 20 -4.71 7.26 2.13
CA LYS A 20 -3.40 6.65 1.80
C LYS A 20 -3.49 5.13 1.91
N LEU A 21 -4.04 4.66 3.05
CA LEU A 21 -4.12 3.23 3.38
C LEU A 21 -5.11 2.51 2.46
N ALA A 22 -6.28 3.13 2.21
CA ALA A 22 -7.33 2.56 1.33
C ALA A 22 -6.88 2.53 -0.14
N PHE A 23 -6.07 3.55 -0.54
CA PHE A 23 -5.53 3.69 -1.90
C PHE A 23 -4.53 2.57 -2.19
N LEU A 24 -3.51 2.46 -1.31
CA LEU A 24 -2.44 1.48 -1.44
C LEU A 24 -3.00 0.04 -1.31
N LYS A 25 -4.07 -0.11 -0.50
CA LYS A 25 -4.73 -1.39 -0.24
C LYS A 25 -5.51 -1.91 -1.46
N LYS A 26 -6.33 -1.03 -2.08
CA LYS A 26 -7.19 -1.44 -3.22
C LYS A 26 -6.32 -1.80 -4.43
N GLU A 27 -5.26 -0.99 -4.68
CA GLU A 27 -4.33 -1.28 -5.77
C GLU A 27 -3.52 -2.53 -5.44
N TYR A 28 -3.14 -2.71 -4.14
CA TYR A 28 -2.39 -3.89 -3.67
C TYR A 28 -3.11 -5.18 -4.07
N SER A 29 -4.39 -5.27 -3.71
CA SER A 29 -5.23 -6.45 -3.97
C SER A 29 -5.34 -6.73 -5.48
N ARG A 30 -5.62 -5.68 -6.26
CA ARG A 30 -5.84 -5.79 -7.73
C ARG A 30 -4.54 -6.18 -8.48
N THR A 31 -3.47 -5.43 -8.24
CA THR A 31 -2.22 -5.55 -9.00
C THR A 31 -1.41 -6.78 -8.56
N LEU A 32 -1.57 -7.20 -7.28
CA LEU A 32 -0.99 -8.48 -6.80
C LEU A 32 -1.73 -9.64 -7.47
N ALA A 33 -3.08 -9.51 -7.57
CA ALA A 33 -3.93 -10.54 -8.20
C ALA A 33 -3.48 -10.84 -9.65
N ARG A 34 -3.27 -9.78 -10.44
CA ARG A 34 -2.84 -9.88 -11.85
C ARG A 34 -1.38 -10.34 -11.96
N LEU A 35 -0.54 -9.93 -10.96
CA LEU A 35 0.87 -10.38 -10.84
C LEU A 35 0.87 -11.92 -10.75
N GLN A 36 -0.04 -12.46 -9.91
CA GLN A 36 -0.18 -13.91 -9.70
C GLN A 36 -0.66 -14.60 -10.98
N ARG A 37 -1.67 -14.02 -11.66
CA ARG A 37 -2.25 -14.60 -12.89
C ARG A 37 -1.19 -14.72 -14.01
N ALA A 38 -0.20 -13.80 -13.99
CA ALA A 38 0.92 -13.82 -14.94
C ALA A 38 1.94 -14.93 -14.58
N LYS A 39 2.45 -14.90 -13.34
CA LYS A 39 3.57 -15.76 -12.89
C LYS A 39 3.15 -17.22 -12.60
N ARG A 40 1.87 -17.43 -12.28
CA ARG A 40 1.33 -18.79 -11.99
C ARG A 40 1.02 -19.53 -13.30
N ALA A 41 0.46 -18.80 -14.28
CA ALA A 41 0.08 -19.38 -15.58
C ALA A 41 1.33 -19.65 -16.44
N GLU A 42 2.13 -18.57 -16.65
CA GLU A 42 3.35 -18.62 -17.51
C GLU A 42 3.04 -19.17 -18.92
N LYS A 43 1.84 -18.85 -19.41
CA LYS A 43 1.35 -19.20 -20.76
C LYS A 43 2.35 -18.77 -21.87
N ALA A 44 3.00 -17.58 -21.68
CA ALA A 44 3.95 -17.01 -22.66
C ALA A 44 5.30 -17.73 -22.67
N LYS A 45 5.53 -18.62 -21.69
CA LYS A 45 6.74 -19.44 -21.61
C LYS A 45 6.75 -20.50 -22.72
N ASN A 46 5.54 -21.06 -23.00
CA ASN A 46 5.33 -22.14 -24.00
C ASN A 46 6.21 -23.36 -23.64
N SER A 47 6.30 -23.61 -22.33
CA SER A 47 7.20 -24.59 -21.73
C SER A 47 7.00 -26.02 -22.29
N LYS A 48 8.12 -26.71 -22.52
CA LYS A 48 8.16 -28.09 -23.04
C LYS A 48 7.48 -29.08 -22.08
N LYS A 49 7.30 -30.32 -22.54
CA LYS A 49 6.85 -31.43 -21.69
C LYS A 49 8.00 -31.91 -20.79
N ALA A 50 7.74 -33.01 -20.05
CA ALA A 50 8.72 -33.58 -19.12
C ALA A 50 10.02 -34.02 -19.85
N ILE A 51 11.00 -33.10 -19.89
CA ILE A 51 12.33 -33.36 -20.50
C ILE A 51 13.14 -34.34 -19.65
N GLU A 52 12.77 -34.42 -18.35
CA GLU A 52 13.28 -35.44 -17.43
C GLU A 52 12.52 -36.75 -17.66
N ASP A 53 13.22 -37.87 -17.48
CA ASP A 53 12.66 -39.22 -17.70
C ASP A 53 12.25 -39.82 -16.33
N GLY A 54 10.97 -40.18 -16.20
CA GLY A 54 10.40 -40.68 -14.95
C GLY A 54 9.91 -42.10 -15.11
N VAL A 55 10.87 -43.04 -15.14
CA VAL A 55 10.60 -44.48 -15.30
C VAL A 55 9.71 -45.01 -14.16
N PRO A 56 8.46 -45.47 -14.46
CA PRO A 56 7.56 -46.01 -13.43
C PRO A 56 7.98 -47.42 -13.01
N GLN A 57 7.95 -47.64 -11.69
CA GLN A 57 8.16 -48.96 -11.06
C GLN A 57 7.08 -49.96 -11.55
N PRO A 58 7.47 -51.24 -11.89
CA PRO A 58 6.54 -52.21 -12.52
C PRO A 58 5.41 -52.67 -11.56
N GLU A 59 5.74 -53.59 -10.61
CA GLU A 59 4.74 -54.25 -9.76
C GLU A 59 4.51 -53.48 -8.46
N ALA A 60 5.60 -52.96 -7.86
CA ALA A 60 5.59 -52.35 -6.51
C ALA A 60 4.79 -51.02 -6.48
N LEU A 61 3.45 -51.15 -6.44
CA LEU A 61 2.51 -50.02 -6.51
C LEU A 61 1.73 -49.94 -5.19
N GLU A 62 2.43 -49.43 -4.16
CA GLU A 62 1.89 -49.24 -2.80
C GLU A 62 2.37 -47.89 -2.21
N MET B 1 -3.70 3.02 -29.37
CA MET B 1 -2.47 3.22 -30.15
C MET B 1 -1.55 1.99 -30.02
N GLU B 2 -1.87 0.94 -30.80
CA GLU B 2 -1.05 -0.30 -30.93
C GLU B 2 -0.69 -0.96 -29.58
N GLU B 3 -1.58 -0.82 -28.59
CA GLU B 3 -1.37 -1.40 -27.25
C GLU B 3 -1.63 -2.91 -27.28
N LEU B 4 -0.54 -3.68 -27.30
CA LEU B 4 -0.58 -5.15 -27.29
C LEU B 4 -0.35 -5.67 -25.87
N SER B 5 -0.94 -6.82 -25.54
CA SER B 5 -0.81 -7.44 -24.21
C SER B 5 -0.87 -8.97 -24.33
N GLY B 6 -0.43 -9.49 -25.50
CA GLY B 6 -0.41 -10.94 -25.78
C GLY B 6 0.64 -11.70 -24.96
N LYS B 7 1.59 -10.96 -24.36
CA LYS B 7 2.51 -11.46 -23.32
C LYS B 7 2.12 -10.80 -21.98
N PRO B 8 2.44 -11.45 -20.80
CA PRO B 8 2.13 -10.87 -19.47
C PRO B 8 3.17 -9.80 -19.07
N LEU B 9 3.27 -9.49 -17.76
CA LEU B 9 4.19 -8.47 -17.26
C LEU B 9 5.67 -8.85 -17.57
N SER B 10 6.45 -7.83 -17.93
CA SER B 10 7.89 -7.96 -18.23
C SER B 10 8.70 -8.10 -16.93
N TYR B 11 10.03 -8.30 -17.05
CA TYR B 11 10.94 -8.31 -15.88
C TYR B 11 10.91 -6.94 -15.19
N ALA B 12 10.89 -5.86 -16.00
CA ALA B 12 10.79 -4.48 -15.54
C ALA B 12 9.49 -4.25 -14.74
N GLU B 13 8.38 -4.81 -15.25
CA GLU B 13 7.06 -4.67 -14.62
C GLU B 13 6.98 -5.49 -13.34
N LYS B 14 7.60 -6.67 -13.34
CA LYS B 14 7.60 -7.60 -12.20
C LYS B 14 8.38 -7.01 -11.02
N GLU B 15 9.56 -6.42 -11.31
CA GLU B 15 10.43 -5.84 -10.27
C GLU B 15 9.78 -4.60 -9.65
N LYS B 16 9.22 -3.69 -10.50
CA LYS B 16 8.59 -2.46 -10.02
C LYS B 16 7.32 -2.78 -9.21
N LEU B 17 6.65 -3.90 -9.56
CA LEU B 17 5.41 -4.33 -8.92
C LEU B 17 5.69 -4.93 -7.52
N LYS B 18 6.66 -5.87 -7.42
CA LYS B 18 6.93 -6.56 -6.14
C LYS B 18 7.52 -5.58 -5.11
N GLU B 19 8.31 -4.59 -5.57
CA GLU B 19 8.86 -3.54 -4.69
C GLU B 19 7.74 -2.55 -4.31
N LYS B 20 6.80 -2.29 -5.27
CA LYS B 20 5.59 -1.48 -5.05
C LYS B 20 4.79 -2.02 -3.87
N LEU B 21 4.56 -3.35 -3.89
CA LEU B 21 3.74 -4.04 -2.90
C LEU B 21 4.41 -4.06 -1.52
N ALA B 22 5.73 -4.34 -1.51
CA ALA B 22 6.55 -4.40 -0.28
C ALA B 22 6.69 -2.99 0.35
N PHE B 23 6.75 -1.97 -0.50
CA PHE B 23 6.91 -0.55 -0.11
C PHE B 23 5.63 -0.07 0.60
N LEU B 24 4.48 -0.23 -0.09
CA LEU B 24 3.18 0.20 0.41
C LEU B 24 2.77 -0.61 1.66
N LYS B 25 3.24 -1.88 1.71
CA LYS B 25 2.95 -2.81 2.82
C LYS B 25 3.69 -2.42 4.11
N LYS B 26 5.01 -2.16 4.00
CA LYS B 26 5.83 -1.85 5.19
C LYS B 26 5.41 -0.51 5.80
N GLU B 27 5.13 0.49 4.94
CA GLU B 27 4.64 1.80 5.41
C GLU B 27 3.22 1.65 5.98
N TYR B 28 2.38 0.79 5.33
CA TYR B 28 0.99 0.51 5.77
C TYR B 28 0.99 0.08 7.25
N SER B 29 1.79 -0.93 7.56
CA SER B 29 1.88 -1.52 8.89
C SER B 29 2.34 -0.48 9.93
N ARG B 30 3.41 0.28 9.59
CA ARG B 30 4.02 1.29 10.49
C ARG B 30 3.09 2.49 10.76
N THR B 31 2.58 3.10 9.68
CA THR B 31 1.82 4.35 9.74
C THR B 31 0.38 4.12 10.23
N LEU B 32 -0.18 2.91 9.96
CA LEU B 32 -1.47 2.51 10.55
C LEU B 32 -1.30 2.29 12.05
N ALA B 33 -0.17 1.66 12.45
CA ALA B 33 0.16 1.41 13.87
C ALA B 33 0.14 2.71 14.69
N ARG B 34 0.84 3.75 14.18
CA ARG B 34 0.95 5.07 14.85
C ARG B 34 -0.39 5.84 14.78
N LEU B 35 -1.15 5.64 13.67
CA LEU B 35 -2.52 6.18 13.50
C LEU B 35 -3.38 5.69 14.67
N GLN B 36 -3.28 4.37 14.96
CA GLN B 36 -4.03 3.73 16.05
C GLN B 36 -3.60 4.29 17.40
N ARG B 37 -2.28 4.41 17.62
CA ARG B 37 -1.73 4.90 18.90
C ARG B 37 -2.24 6.32 19.22
N ALA B 38 -2.44 7.14 18.17
CA ALA B 38 -2.98 8.50 18.31
C ALA B 38 -4.48 8.49 18.67
N LYS B 39 -5.29 7.79 17.83
CA LYS B 39 -6.77 7.83 17.91
C LYS B 39 -7.35 6.97 19.06
N ARG B 40 -6.60 5.95 19.49
CA ARG B 40 -7.02 5.06 20.60
C ARG B 40 -6.73 5.71 21.96
N ALA B 41 -5.57 6.37 22.07
CA ALA B 41 -5.13 7.03 23.32
C ALA B 41 -5.92 8.31 23.56
N GLU B 42 -5.88 9.23 22.56
CA GLU B 42 -6.51 10.58 22.63
C GLU B 42 -6.09 11.34 23.91
N LYS B 43 -4.85 11.07 24.36
CA LYS B 43 -4.29 11.64 25.61
C LYS B 43 -4.17 13.17 25.54
N ALA B 44 -3.90 13.69 24.31
CA ALA B 44 -3.69 15.13 24.08
C ALA B 44 -5.03 15.89 23.88
N LYS B 45 -6.16 15.18 24.07
CA LYS B 45 -7.51 15.78 24.04
C LYS B 45 -7.74 16.66 25.29
N ASN B 46 -7.35 16.10 26.47
CA ASN B 46 -7.39 16.82 27.78
C ASN B 46 -8.84 17.19 28.17
N SER B 47 -9.77 16.25 27.90
CA SER B 47 -11.20 16.46 28.16
C SER B 47 -11.50 16.50 29.68
N LYS B 48 -12.60 17.17 30.04
CA LYS B 48 -13.10 17.25 31.42
C LYS B 48 -13.78 15.93 31.81
N LYS B 49 -14.36 15.91 33.04
CA LYS B 49 -15.11 14.75 33.56
C LYS B 49 -16.28 14.37 32.65
N ALA B 50 -16.77 13.12 32.78
CA ALA B 50 -17.96 12.62 32.07
C ALA B 50 -19.19 13.43 32.54
N ILE B 51 -19.55 14.46 31.76
CA ILE B 51 -20.64 15.40 32.09
C ILE B 51 -22.03 14.73 31.98
N GLU B 52 -22.08 13.64 31.21
CA GLU B 52 -23.24 12.76 31.10
C GLU B 52 -23.49 12.02 32.44
N ASP B 53 -24.70 11.46 32.61
CA ASP B 53 -25.10 10.80 33.86
C ASP B 53 -24.49 9.38 33.92
N GLY B 54 -24.71 8.71 35.06
CA GLY B 54 -24.22 7.36 35.28
C GLY B 54 -24.92 6.73 36.46
N VAL B 55 -26.26 6.65 36.37
CA VAL B 55 -27.12 6.09 37.43
C VAL B 55 -26.79 4.58 37.68
N PRO B 56 -26.35 4.21 38.92
CA PRO B 56 -26.18 2.82 39.32
C PRO B 56 -27.44 2.29 40.05
N GLN B 57 -27.29 1.18 40.78
CA GLN B 57 -28.30 0.69 41.73
C GLN B 57 -27.65 0.59 43.13
N PRO B 58 -28.25 1.23 44.18
CA PRO B 58 -27.81 1.06 45.59
C PRO B 58 -27.71 -0.43 46.02
N GLU B 59 -28.72 -1.24 45.60
CA GLU B 59 -28.69 -2.71 45.82
C GLU B 59 -29.52 -3.44 44.76
N ALA B 60 -30.84 -3.15 44.77
CA ALA B 60 -31.86 -3.86 43.97
C ALA B 60 -32.02 -5.31 44.46
N LEU B 61 -32.55 -5.44 45.69
CA LEU B 61 -32.90 -6.75 46.28
C LEU B 61 -34.22 -7.23 45.66
N GLU B 62 -34.09 -7.95 44.54
CA GLU B 62 -35.22 -8.43 43.72
C GLU B 62 -35.55 -9.91 44.05
N MET A 1 3.38 24.81 8.03
CA MET A 1 3.35 24.41 9.45
C MET A 1 4.67 23.72 9.83
N GLU A 2 5.33 24.23 10.87
CA GLU A 2 6.50 23.58 11.49
C GLU A 2 6.02 22.41 12.36
N GLU A 3 6.90 21.40 12.57
CA GLU A 3 6.55 20.19 13.34
C GLU A 3 6.28 20.53 14.82
N LEU A 4 5.02 20.84 15.13
CA LEU A 4 4.55 21.08 16.51
C LEU A 4 4.08 19.73 17.07
N SER A 5 4.94 19.09 17.89
CA SER A 5 4.69 17.75 18.44
C SER A 5 4.12 17.85 19.88
N GLY A 6 3.82 16.68 20.49
CA GLY A 6 3.29 16.62 21.86
C GLY A 6 1.79 16.25 21.89
N LYS A 7 1.08 16.63 20.81
CA LYS A 7 -0.38 16.37 20.63
C LYS A 7 -0.57 15.33 19.51
N PRO A 8 -1.80 14.70 19.35
CA PRO A 8 -2.07 13.73 18.25
C PRO A 8 -2.04 14.42 16.85
N LEU A 9 -2.24 13.62 15.78
CA LEU A 9 -2.18 14.11 14.39
C LEU A 9 -3.38 15.06 14.07
N SER A 10 -3.18 15.93 13.08
CA SER A 10 -4.20 16.88 12.60
C SER A 10 -5.23 16.16 11.72
N TYR A 11 -6.34 16.85 11.40
CA TYR A 11 -7.43 16.30 10.58
C TYR A 11 -6.93 16.05 9.15
N ALA A 12 -6.13 16.99 8.62
CA ALA A 12 -5.53 16.88 7.28
C ALA A 12 -4.64 15.62 7.18
N GLU A 13 -3.91 15.35 8.29
CA GLU A 13 -3.01 14.19 8.40
C GLU A 13 -3.83 12.89 8.46
N LYS A 14 -4.91 12.91 9.25
CA LYS A 14 -5.80 11.75 9.46
C LYS A 14 -6.45 11.32 8.14
N GLU A 15 -7.13 12.28 7.48
CA GLU A 15 -7.88 12.04 6.25
C GLU A 15 -6.95 11.56 5.12
N LYS A 16 -5.76 12.20 4.96
CA LYS A 16 -4.80 11.80 3.91
C LYS A 16 -4.24 10.38 4.20
N LEU A 17 -4.17 10.04 5.51
CA LEU A 17 -3.63 8.76 5.96
C LEU A 17 -4.64 7.63 5.67
N LYS A 18 -5.92 7.80 6.08
CA LYS A 18 -6.95 6.75 5.94
C LYS A 18 -7.23 6.46 4.44
N GLU A 19 -7.19 7.53 3.61
CA GLU A 19 -7.39 7.38 2.15
C GLU A 19 -6.12 6.78 1.52
N LYS A 20 -4.93 7.06 2.10
CA LYS A 20 -3.66 6.40 1.71
C LYS A 20 -3.76 4.89 1.91
N LEU A 21 -4.25 4.48 3.11
CA LEU A 21 -4.37 3.07 3.50
C LEU A 21 -5.26 2.31 2.52
N ALA A 22 -6.44 2.91 2.22
CA ALA A 22 -7.42 2.34 1.28
C ALA A 22 -6.89 2.33 -0.18
N PHE A 23 -6.14 3.41 -0.54
CA PHE A 23 -5.60 3.60 -1.90
C PHE A 23 -4.57 2.51 -2.23
N LEU A 24 -3.55 2.40 -1.37
CA LEU A 24 -2.47 1.44 -1.55
C LEU A 24 -2.99 0.00 -1.39
N LYS A 25 -4.02 -0.18 -0.55
CA LYS A 25 -4.64 -1.51 -0.29
C LYS A 25 -5.41 -2.04 -1.50
N LYS A 26 -6.24 -1.16 -2.13
CA LYS A 26 -7.12 -1.55 -3.24
C LYS A 26 -6.31 -1.85 -4.51
N GLU A 27 -5.26 -1.01 -4.75
CA GLU A 27 -4.34 -1.26 -5.86
C GLU A 27 -3.52 -2.51 -5.55
N TYR A 28 -3.09 -2.69 -4.27
CA TYR A 28 -2.29 -3.86 -3.82
C TYR A 28 -3.00 -5.15 -4.21
N SER A 29 -4.31 -5.20 -3.92
CA SER A 29 -5.13 -6.37 -4.18
C SER A 29 -5.18 -6.69 -5.69
N ARG A 30 -5.53 -5.68 -6.51
CA ARG A 30 -5.73 -5.86 -7.97
C ARG A 30 -4.39 -6.07 -8.73
N THR A 31 -3.34 -5.36 -8.29
CA THR A 31 -2.03 -5.37 -8.96
C THR A 31 -1.22 -6.63 -8.59
N LEU A 32 -1.38 -7.10 -7.33
CA LEU A 32 -0.80 -8.39 -6.90
C LEU A 32 -1.58 -9.53 -7.57
N ALA A 33 -2.91 -9.35 -7.74
CA ALA A 33 -3.79 -10.33 -8.40
C ALA A 33 -3.30 -10.66 -9.81
N ARG A 34 -3.12 -9.60 -10.62
CA ARG A 34 -2.66 -9.70 -12.02
C ARG A 34 -1.19 -10.18 -12.10
N LEU A 35 -0.37 -9.80 -11.07
CA LEU A 35 1.00 -10.33 -10.93
C LEU A 35 0.94 -11.86 -10.79
N GLN A 36 0.00 -12.36 -9.94
CA GLN A 36 -0.18 -13.79 -9.70
C GLN A 36 -0.72 -14.50 -10.95
N ARG A 37 -1.58 -13.80 -11.73
CA ARG A 37 -2.11 -14.34 -12.98
C ARG A 37 -0.98 -14.54 -14.01
N ALA A 38 0.04 -13.67 -13.93
CA ALA A 38 1.24 -13.75 -14.77
C ALA A 38 2.17 -14.89 -14.30
N LYS A 39 2.59 -14.85 -13.02
CA LYS A 39 3.62 -15.76 -12.47
C LYS A 39 3.12 -17.20 -12.15
N ARG A 40 1.90 -17.32 -11.58
CA ARG A 40 1.35 -18.62 -11.13
C ARG A 40 0.81 -19.41 -12.33
N ALA A 41 -0.13 -18.77 -13.06
CA ALA A 41 -0.81 -19.39 -14.21
C ALA A 41 0.16 -19.59 -15.38
N GLU A 42 0.80 -18.46 -15.80
CA GLU A 42 1.65 -18.40 -17.01
C GLU A 42 0.90 -18.96 -18.23
N LYS A 43 -0.40 -18.62 -18.30
CA LYS A 43 -1.30 -18.93 -19.43
C LYS A 43 -0.74 -18.40 -20.77
N ALA A 44 0.09 -17.35 -20.70
CA ALA A 44 0.77 -16.74 -21.85
C ALA A 44 2.26 -17.18 -21.93
N LYS A 45 2.54 -18.45 -21.53
CA LYS A 45 3.91 -19.03 -21.62
C LYS A 45 4.22 -19.50 -23.06
N ASN A 46 3.17 -20.02 -23.74
CA ASN A 46 3.25 -20.64 -25.06
C ASN A 46 4.21 -21.86 -25.04
N SER A 47 3.64 -23.06 -24.78
CA SER A 47 4.39 -24.32 -24.73
C SER A 47 3.56 -25.47 -25.34
N LYS A 48 2.58 -26.00 -24.59
CA LYS A 48 1.74 -27.13 -25.04
C LYS A 48 0.32 -26.67 -25.45
N LYS A 49 -0.43 -27.60 -26.06
CA LYS A 49 -1.83 -27.38 -26.49
C LYS A 49 -2.78 -27.59 -25.29
N ALA A 50 -3.99 -27.03 -25.40
CA ALA A 50 -5.08 -27.27 -24.44
C ALA A 50 -5.59 -28.72 -24.60
N ILE A 51 -5.36 -29.55 -23.57
CA ILE A 51 -5.67 -30.99 -23.59
C ILE A 51 -7.19 -31.26 -23.58
N GLU A 52 -7.94 -30.31 -23.04
CA GLU A 52 -9.42 -30.33 -23.06
C GLU A 52 -9.91 -29.44 -24.22
N ASP A 53 -11.24 -29.43 -24.46
CA ASP A 53 -11.86 -28.62 -25.52
C ASP A 53 -11.73 -27.13 -25.21
N GLY A 54 -10.95 -26.40 -26.04
CA GLY A 54 -10.83 -24.95 -25.91
C GLY A 54 -11.97 -24.21 -26.60
N VAL A 55 -13.21 -24.51 -26.16
CA VAL A 55 -14.43 -23.90 -26.73
C VAL A 55 -14.62 -22.46 -26.18
N PRO A 56 -14.78 -21.44 -27.08
CA PRO A 56 -15.03 -20.04 -26.67
C PRO A 56 -16.51 -19.78 -26.37
N GLN A 57 -16.87 -18.50 -26.22
CA GLN A 57 -18.28 -18.10 -26.04
C GLN A 57 -18.99 -18.15 -27.41
N PRO A 58 -19.95 -19.10 -27.63
CA PRO A 58 -20.57 -19.34 -28.96
C PRO A 58 -21.42 -18.15 -29.48
N GLU A 59 -22.53 -17.85 -28.78
CA GLU A 59 -23.57 -16.92 -29.28
C GLU A 59 -23.23 -15.47 -28.95
N ALA A 60 -22.74 -15.24 -27.73
CA ALA A 60 -22.47 -13.89 -27.21
C ALA A 60 -21.04 -13.83 -26.67
N LEU A 61 -20.14 -13.20 -27.43
CA LEU A 61 -18.72 -12.97 -27.04
C LEU A 61 -18.36 -11.48 -27.17
N GLU A 62 -19.39 -10.61 -27.04
CA GLU A 62 -19.24 -9.14 -27.01
C GLU A 62 -20.50 -8.54 -26.33
N MET B 1 9.58 1.17 -26.73
CA MET B 1 8.56 0.38 -26.05
C MET B 1 7.15 0.95 -26.32
N GLU B 2 6.25 0.08 -26.78
CA GLU B 2 4.85 0.42 -27.10
C GLU B 2 3.95 -0.77 -26.68
N GLU B 3 2.69 -0.49 -26.29
CA GLU B 3 1.76 -1.51 -25.74
C GLU B 3 1.40 -2.56 -26.81
N LEU B 4 2.00 -3.75 -26.68
CA LEU B 4 1.64 -4.94 -27.47
C LEU B 4 0.97 -5.97 -26.55
N SER B 5 0.00 -6.71 -27.10
CA SER B 5 -0.79 -7.72 -26.34
C SER B 5 -0.29 -9.15 -26.63
N GLY B 6 -0.73 -10.13 -25.81
CA GLY B 6 -0.45 -11.56 -26.04
C GLY B 6 0.66 -12.15 -25.18
N LYS B 7 1.33 -11.30 -24.38
CA LYS B 7 2.45 -11.71 -23.50
C LYS B 7 2.12 -11.35 -22.03
N PRO B 8 2.83 -11.96 -21.01
CA PRO B 8 2.72 -11.50 -19.61
C PRO B 8 3.51 -10.18 -19.36
N LEU B 9 3.72 -9.83 -18.08
CA LEU B 9 4.49 -8.63 -17.70
C LEU B 9 5.99 -8.82 -18.00
N SER B 10 6.69 -7.70 -18.17
CA SER B 10 8.15 -7.65 -18.36
C SER B 10 8.86 -7.73 -17.00
N TYR B 11 10.20 -7.89 -17.03
CA TYR B 11 11.02 -7.96 -15.81
C TYR B 11 10.98 -6.64 -15.05
N ALA B 12 11.05 -5.51 -15.79
CA ALA B 12 10.97 -4.17 -15.22
C ALA B 12 9.64 -3.95 -14.48
N GLU B 13 8.56 -4.48 -15.06
CA GLU B 13 7.20 -4.40 -14.51
C GLU B 13 7.09 -5.26 -13.24
N LYS B 14 7.68 -6.46 -13.29
CA LYS B 14 7.67 -7.43 -12.17
C LYS B 14 8.37 -6.86 -10.95
N GLU B 15 9.64 -6.43 -11.15
CA GLU B 15 10.49 -5.93 -10.07
C GLU B 15 9.91 -4.65 -9.43
N LYS B 16 9.39 -3.71 -10.26
CA LYS B 16 8.78 -2.47 -9.74
C LYS B 16 7.50 -2.79 -8.96
N LEU B 17 6.82 -3.88 -9.36
CA LEU B 17 5.56 -4.30 -8.75
C LEU B 17 5.82 -4.93 -7.38
N LYS B 18 6.75 -5.90 -7.30
CA LYS B 18 7.02 -6.64 -6.04
C LYS B 18 7.58 -5.69 -4.96
N GLU B 19 8.41 -4.71 -5.38
CA GLU B 19 8.98 -3.71 -4.47
C GLU B 19 7.91 -2.69 -4.09
N LYS B 20 6.95 -2.42 -5.01
CA LYS B 20 5.76 -1.60 -4.72
C LYS B 20 4.93 -2.22 -3.60
N LEU B 21 4.68 -3.55 -3.71
CA LEU B 21 3.86 -4.31 -2.75
C LEU B 21 4.46 -4.23 -1.35
N ALA B 22 5.79 -4.47 -1.27
CA ALA B 22 6.56 -4.42 -0.02
C ALA B 22 6.65 -2.99 0.55
N PHE B 23 6.78 -1.99 -0.36
CA PHE B 23 6.94 -0.56 0.00
C PHE B 23 5.67 -0.04 0.67
N LEU B 24 4.53 -0.19 -0.03
CA LEU B 24 3.24 0.27 0.46
C LEU B 24 2.79 -0.53 1.69
N LYS B 25 3.19 -1.81 1.76
CA LYS B 25 2.86 -2.71 2.89
C LYS B 25 3.60 -2.32 4.19
N LYS B 26 4.91 -2.03 4.09
CA LYS B 26 5.76 -1.74 5.26
C LYS B 26 5.39 -0.37 5.87
N GLU B 27 5.13 0.62 4.98
CA GLU B 27 4.66 1.95 5.41
C GLU B 27 3.24 1.80 5.97
N TYR B 28 2.38 0.97 5.32
CA TYR B 28 0.98 0.72 5.75
C TYR B 28 0.95 0.29 7.21
N SER B 29 1.82 -0.66 7.55
CA SER B 29 1.91 -1.22 8.90
C SER B 29 2.29 -0.13 9.91
N ARG B 30 3.40 0.60 9.65
CA ARG B 30 3.94 1.59 10.61
C ARG B 30 3.05 2.87 10.70
N THR B 31 2.49 3.29 9.56
CA THR B 31 1.71 4.54 9.45
C THR B 31 0.27 4.33 10.00
N LEU B 32 -0.30 3.13 9.79
CA LEU B 32 -1.59 2.74 10.39
C LEU B 32 -1.38 2.54 11.90
N ALA B 33 -0.22 2.00 12.29
CA ALA B 33 0.15 1.75 13.70
C ALA B 33 0.08 3.05 14.51
N ARG B 34 0.80 4.08 14.02
CA ARG B 34 0.86 5.40 14.66
C ARG B 34 -0.50 6.13 14.59
N LEU B 35 -1.27 5.88 13.50
CA LEU B 35 -2.66 6.38 13.37
C LEU B 35 -3.49 5.81 14.53
N GLN B 36 -3.32 4.49 14.82
CA GLN B 36 -4.05 3.80 15.91
C GLN B 36 -3.59 4.32 17.28
N ARG B 37 -2.29 4.65 17.40
CA ARG B 37 -1.73 5.21 18.65
C ARG B 37 -2.35 6.59 18.93
N ALA B 38 -2.71 7.31 17.85
CA ALA B 38 -3.38 8.61 17.93
C ALA B 38 -4.88 8.45 18.29
N LYS B 39 -5.63 7.66 17.50
CA LYS B 39 -7.10 7.53 17.59
C LYS B 39 -7.59 6.62 18.74
N ARG B 40 -6.93 5.47 18.94
CA ARG B 40 -7.35 4.46 19.93
C ARG B 40 -6.94 4.87 21.35
N ALA B 41 -5.63 5.16 21.52
CA ALA B 41 -5.05 5.51 22.81
C ALA B 41 -5.51 6.91 23.25
N GLU B 42 -5.25 7.92 22.38
CA GLU B 42 -5.48 9.35 22.67
C GLU B 42 -4.88 9.74 24.04
N LYS B 43 -3.69 9.21 24.35
CA LYS B 43 -2.90 9.56 25.57
C LYS B 43 -2.73 11.09 25.73
N ALA B 44 -2.73 11.80 24.57
CA ALA B 44 -2.59 13.27 24.50
C ALA B 44 -3.96 13.93 24.20
N LYS B 45 -5.05 13.37 24.78
CA LYS B 45 -6.39 14.00 24.74
C LYS B 45 -6.57 15.01 25.90
N ASN B 46 -5.61 14.98 26.85
CA ASN B 46 -5.75 15.56 28.19
C ASN B 46 -6.83 14.79 28.97
N SER B 47 -6.46 13.56 29.38
CA SER B 47 -7.33 12.64 30.12
C SER B 47 -7.16 12.87 31.63
N LYS B 48 -7.89 12.07 32.45
CA LYS B 48 -7.77 12.11 33.92
C LYS B 48 -6.40 11.59 34.37
N LYS B 49 -6.00 11.98 35.59
CA LYS B 49 -4.72 11.57 36.19
C LYS B 49 -4.68 10.04 36.45
N ALA B 50 -3.50 9.55 36.80
CA ALA B 50 -3.26 8.13 37.05
C ALA B 50 -3.95 7.68 38.35
N ILE B 51 -4.60 6.51 38.32
CA ILE B 51 -5.06 5.82 39.56
C ILE B 51 -3.89 5.05 40.21
N GLU B 52 -2.79 4.95 39.46
CA GLU B 52 -1.56 4.24 39.83
C GLU B 52 -0.45 5.25 40.15
N ASP B 53 0.75 4.73 40.51
CA ASP B 53 1.97 5.57 40.65
C ASP B 53 2.77 5.53 39.33
N GLY B 54 3.73 6.46 39.18
CA GLY B 54 4.55 6.57 37.97
C GLY B 54 6.02 6.78 38.29
N VAL B 55 6.75 5.66 38.48
CA VAL B 55 8.21 5.66 38.67
C VAL B 55 8.88 4.92 37.49
N PRO B 56 9.90 5.55 36.81
CA PRO B 56 10.69 4.89 35.73
C PRO B 56 11.71 3.89 36.29
N GLN B 57 12.69 3.49 35.44
CA GLN B 57 13.76 2.54 35.84
C GLN B 57 14.66 3.16 36.93
N PRO B 58 15.07 2.36 37.99
CA PRO B 58 15.86 2.87 39.15
C PRO B 58 17.11 3.65 38.75
N GLU B 59 17.90 3.09 37.82
CA GLU B 59 19.09 3.76 37.26
C GLU B 59 18.92 3.97 35.74
N ALA B 60 18.55 2.88 35.04
CA ALA B 60 18.44 2.81 33.57
C ALA B 60 19.83 2.91 32.90
N LEU B 61 20.89 2.51 33.64
CA LEU B 61 22.28 2.55 33.15
C LEU B 61 22.51 1.45 32.10
N GLU B 62 21.98 0.24 32.39
CA GLU B 62 22.02 -0.93 31.48
C GLU B 62 20.62 -1.07 30.82
N MET A 1 -4.78 24.71 12.65
CA MET A 1 -3.53 25.42 13.04
C MET A 1 -2.86 24.71 14.22
N GLU A 2 -1.54 24.93 14.36
CA GLU A 2 -0.69 24.34 15.41
C GLU A 2 0.16 25.46 16.05
N GLU A 3 0.03 25.59 17.38
CA GLU A 3 0.73 26.63 18.18
C GLU A 3 2.17 26.17 18.48
N LEU A 4 2.28 24.95 19.03
CA LEU A 4 3.57 24.27 19.35
C LEU A 4 3.47 22.80 18.93
N SER A 5 4.51 22.02 19.30
CA SER A 5 4.51 20.57 19.15
C SER A 5 3.84 19.90 20.37
N GLY A 6 3.71 18.56 20.32
CA GLY A 6 3.02 17.80 21.37
C GLY A 6 1.62 17.40 20.94
N LYS A 7 1.15 18.02 19.84
CA LYS A 7 -0.09 17.64 19.16
C LYS A 7 0.13 16.28 18.44
N PRO A 8 -0.94 15.47 18.22
CA PRO A 8 -0.84 14.21 17.44
C PRO A 8 -0.81 14.53 15.92
N LEU A 9 -1.20 13.56 15.09
CA LEU A 9 -1.50 13.87 13.68
C LEU A 9 -2.77 14.76 13.63
N SER A 10 -2.70 15.84 12.85
CA SER A 10 -3.83 16.78 12.65
C SER A 10 -4.93 16.13 11.80
N TYR A 11 -6.08 16.82 11.64
CA TYR A 11 -7.21 16.32 10.82
C TYR A 11 -6.74 16.05 9.36
N ALA A 12 -5.98 17.00 8.80
CA ALA A 12 -5.42 16.90 7.44
C ALA A 12 -4.52 15.67 7.31
N GLU A 13 -3.69 15.43 8.35
CA GLU A 13 -2.74 14.31 8.39
C GLU A 13 -3.49 12.96 8.54
N LYS A 14 -4.53 12.99 9.37
CA LYS A 14 -5.32 11.80 9.73
C LYS A 14 -6.13 11.33 8.51
N GLU A 15 -6.71 12.29 7.77
CA GLU A 15 -7.57 11.99 6.62
C GLU A 15 -6.73 11.52 5.43
N LYS A 16 -5.56 12.19 5.18
CA LYS A 16 -4.65 11.80 4.09
C LYS A 16 -4.09 10.40 4.36
N LEU A 17 -3.95 10.06 5.66
CA LEU A 17 -3.41 8.78 6.11
C LEU A 17 -4.40 7.63 5.86
N LYS A 18 -5.66 7.79 6.32
CA LYS A 18 -6.68 6.73 6.19
C LYS A 18 -7.01 6.44 4.72
N GLU A 19 -7.01 7.51 3.88
CA GLU A 19 -7.29 7.38 2.44
C GLU A 19 -6.07 6.83 1.72
N LYS A 20 -4.85 7.09 2.28
CA LYS A 20 -3.61 6.44 1.83
C LYS A 20 -3.72 4.92 1.98
N LEU A 21 -4.15 4.48 3.19
CA LEU A 21 -4.26 3.06 3.53
C LEU A 21 -5.24 2.36 2.59
N ALA A 22 -6.38 3.01 2.33
CA ALA A 22 -7.44 2.50 1.45
C ALA A 22 -6.99 2.47 -0.02
N PHE A 23 -6.22 3.49 -0.44
CA PHE A 23 -5.74 3.65 -1.82
C PHE A 23 -4.71 2.57 -2.19
N LEU A 24 -3.65 2.48 -1.36
CA LEU A 24 -2.59 1.50 -1.56
C LEU A 24 -3.13 0.08 -1.40
N LYS A 25 -4.17 -0.09 -0.54
CA LYS A 25 -4.83 -1.40 -0.29
C LYS A 25 -5.60 -1.92 -1.52
N LYS A 26 -6.45 -1.05 -2.12
CA LYS A 26 -7.28 -1.44 -3.26
C LYS A 26 -6.41 -1.78 -4.48
N GLU A 27 -5.37 -0.95 -4.71
CA GLU A 27 -4.43 -1.18 -5.82
C GLU A 27 -3.56 -2.42 -5.54
N TYR A 28 -3.18 -2.62 -4.24
CA TYR A 28 -2.37 -3.78 -3.79
C TYR A 28 -3.06 -5.09 -4.13
N SER A 29 -4.33 -5.23 -3.71
CA SER A 29 -5.12 -6.46 -3.88
C SER A 29 -5.34 -6.75 -5.37
N ARG A 30 -5.66 -5.69 -6.14
CA ARG A 30 -5.90 -5.77 -7.59
C ARG A 30 -4.64 -6.19 -8.36
N THR A 31 -3.54 -5.48 -8.09
CA THR A 31 -2.29 -5.62 -8.85
C THR A 31 -1.50 -6.87 -8.43
N LEU A 32 -1.66 -7.28 -7.15
CA LEU A 32 -1.11 -8.55 -6.66
C LEU A 32 -1.83 -9.70 -7.35
N ALA A 33 -3.17 -9.55 -7.48
CA ALA A 33 -4.02 -10.55 -8.16
C ALA A 33 -3.52 -10.83 -9.59
N ARG A 34 -3.41 -9.75 -10.39
CA ARG A 34 -3.00 -9.84 -11.83
C ARG A 34 -1.54 -10.29 -11.97
N LEU A 35 -0.68 -9.88 -11.00
CA LEU A 35 0.72 -10.32 -10.91
C LEU A 35 0.78 -11.85 -10.79
N GLN A 36 -0.05 -12.38 -9.86
CA GLN A 36 -0.13 -13.83 -9.58
C GLN A 36 -0.76 -14.59 -10.77
N ARG A 37 -1.71 -13.96 -11.47
CA ARG A 37 -2.37 -14.58 -12.66
C ARG A 37 -1.38 -14.70 -13.84
N ALA A 38 -0.48 -13.71 -13.95
CA ALA A 38 0.54 -13.67 -15.01
C ALA A 38 1.67 -14.68 -14.72
N LYS A 39 2.23 -14.60 -13.50
CA LYS A 39 3.46 -15.33 -13.13
C LYS A 39 3.21 -16.83 -12.87
N ARG A 40 2.04 -17.18 -12.28
CA ARG A 40 1.70 -18.59 -11.94
C ARG A 40 1.19 -19.36 -13.16
N ALA A 41 0.34 -18.72 -13.99
CA ALA A 41 -0.23 -19.35 -15.18
C ALA A 41 0.84 -19.50 -16.28
N GLU A 42 1.43 -18.33 -16.66
CA GLU A 42 2.37 -18.22 -17.80
C GLU A 42 1.75 -18.81 -19.09
N LYS A 43 0.41 -18.64 -19.18
CA LYS A 43 -0.43 -19.12 -20.31
C LYS A 43 -0.05 -18.46 -21.63
N ALA A 44 0.50 -17.22 -21.51
CA ALA A 44 0.90 -16.39 -22.64
C ALA A 44 2.17 -16.90 -23.34
N LYS A 45 2.72 -18.04 -22.82
CA LYS A 45 3.73 -18.87 -23.50
C LYS A 45 3.20 -19.35 -24.87
N ASN A 46 1.88 -19.67 -24.90
CA ASN A 46 1.23 -20.43 -25.97
C ASN A 46 1.81 -21.85 -25.97
N SER A 47 1.40 -22.62 -24.94
CA SER A 47 1.89 -23.99 -24.69
C SER A 47 1.16 -25.00 -25.60
N LYS A 48 1.26 -26.31 -25.27
CA LYS A 48 0.66 -27.40 -26.06
C LYS A 48 -0.85 -27.18 -26.22
N LYS A 49 -1.28 -26.94 -27.47
CA LYS A 49 -2.67 -26.60 -27.80
C LYS A 49 -3.51 -27.87 -28.06
N ALA A 50 -4.81 -27.65 -28.29
CA ALA A 50 -5.80 -28.71 -28.48
C ALA A 50 -5.64 -29.42 -29.82
N ILE A 51 -5.89 -30.74 -29.84
CA ILE A 51 -5.72 -31.60 -31.05
C ILE A 51 -6.77 -31.30 -32.14
N GLU A 52 -7.81 -30.56 -31.78
CA GLU A 52 -8.87 -30.11 -32.70
C GLU A 52 -8.32 -29.06 -33.71
N ASP A 53 -9.15 -28.68 -34.70
CA ASP A 53 -8.78 -27.70 -35.75
C ASP A 53 -8.36 -26.36 -35.15
N GLY A 54 -8.88 -26.06 -33.97
CA GLY A 54 -8.66 -24.79 -33.31
C GLY A 54 -9.32 -23.65 -34.06
N VAL A 55 -10.54 -23.95 -34.57
CA VAL A 55 -11.30 -23.04 -35.44
C VAL A 55 -11.53 -21.67 -34.73
N PRO A 56 -10.90 -20.57 -35.24
CA PRO A 56 -11.07 -19.23 -34.64
C PRO A 56 -12.39 -18.58 -35.07
N GLN A 57 -12.59 -17.37 -34.55
CA GLN A 57 -13.70 -16.49 -34.95
C GLN A 57 -13.64 -16.16 -36.48
N PRO A 58 -14.79 -16.24 -37.23
CA PRO A 58 -14.83 -15.81 -38.66
C PRO A 58 -14.61 -14.29 -38.81
N GLU A 59 -15.35 -13.48 -38.02
CA GLU A 59 -15.22 -12.00 -38.04
C GLU A 59 -15.64 -11.38 -36.68
N ALA A 60 -15.47 -12.13 -35.58
CA ALA A 60 -15.74 -11.58 -34.22
C ALA A 60 -14.51 -10.75 -33.76
N LEU A 61 -14.49 -9.48 -34.21
CA LEU A 61 -13.36 -8.56 -34.03
C LEU A 61 -13.60 -7.56 -32.89
N GLU A 62 -14.69 -7.80 -32.13
CA GLU A 62 -15.09 -6.96 -30.98
C GLU A 62 -14.26 -7.34 -29.73
N MET B 1 13.67 -6.95 -25.87
CA MET B 1 12.59 -6.58 -26.79
C MET B 1 11.23 -7.10 -26.29
N GLU B 2 10.16 -6.57 -26.89
CA GLU B 2 8.79 -7.07 -26.73
C GLU B 2 8.20 -7.13 -28.16
N GLU B 3 8.44 -8.27 -28.82
CA GLU B 3 8.16 -8.50 -30.26
C GLU B 3 6.70 -8.16 -30.60
N LEU B 4 5.76 -8.96 -30.07
CA LEU B 4 4.30 -8.76 -30.26
C LEU B 4 3.59 -8.70 -28.91
N SER B 5 2.25 -8.55 -28.95
CA SER B 5 1.39 -8.53 -27.75
C SER B 5 0.89 -9.95 -27.43
N GLY B 6 0.13 -10.09 -26.33
CA GLY B 6 -0.38 -11.38 -25.88
C GLY B 6 0.55 -12.08 -24.91
N LYS B 7 1.57 -11.33 -24.41
CA LYS B 7 2.58 -11.82 -23.43
C LYS B 7 2.25 -11.24 -22.02
N PRO B 8 2.82 -11.81 -20.90
CA PRO B 8 2.58 -11.28 -19.53
C PRO B 8 3.37 -9.98 -19.28
N LEU B 9 3.34 -9.47 -18.04
CA LEU B 9 4.12 -8.28 -17.67
C LEU B 9 5.63 -8.56 -17.79
N SER B 10 6.38 -7.53 -18.20
CA SER B 10 7.84 -7.61 -18.42
C SER B 10 8.59 -7.69 -17.09
N TYR B 11 9.92 -7.95 -17.15
CA TYR B 11 10.77 -8.04 -15.96
C TYR B 11 10.74 -6.73 -15.17
N ALA B 12 10.87 -5.61 -15.89
CA ALA B 12 10.83 -4.25 -15.32
C ALA B 12 9.51 -4.00 -14.59
N GLU B 13 8.40 -4.46 -15.22
CA GLU B 13 7.04 -4.33 -14.68
C GLU B 13 6.84 -5.20 -13.43
N LYS B 14 7.39 -6.42 -13.50
CA LYS B 14 7.24 -7.45 -12.47
C LYS B 14 8.01 -7.04 -11.20
N GLU B 15 9.22 -6.49 -11.40
CA GLU B 15 10.12 -6.11 -10.29
C GLU B 15 9.60 -4.83 -9.60
N LYS B 16 9.14 -3.84 -10.41
CA LYS B 16 8.58 -2.58 -9.86
C LYS B 16 7.30 -2.89 -9.07
N LEU B 17 6.59 -3.95 -9.50
CA LEU B 17 5.33 -4.36 -8.88
C LEU B 17 5.56 -5.03 -7.51
N LYS B 18 6.47 -6.03 -7.44
CA LYS B 18 6.74 -6.76 -6.18
C LYS B 18 7.33 -5.82 -5.09
N GLU B 19 8.19 -4.85 -5.53
CA GLU B 19 8.80 -3.88 -4.61
C GLU B 19 7.79 -2.80 -4.22
N LYS B 20 6.81 -2.53 -5.13
CA LYS B 20 5.65 -1.69 -4.81
C LYS B 20 4.87 -2.30 -3.63
N LEU B 21 4.57 -3.61 -3.73
CA LEU B 21 3.78 -4.35 -2.74
C LEU B 21 4.47 -4.31 -1.37
N ALA B 22 5.80 -4.52 -1.38
CA ALA B 22 6.64 -4.51 -0.16
C ALA B 22 6.75 -3.10 0.45
N PHE B 23 6.84 -2.09 -0.43
CA PHE B 23 7.02 -0.67 -0.03
C PHE B 23 5.76 -0.14 0.67
N LEU B 24 4.61 -0.26 -0.03
CA LEU B 24 3.32 0.19 0.50
C LEU B 24 2.93 -0.63 1.74
N LYS B 25 3.36 -1.93 1.79
CA LYS B 25 3.09 -2.84 2.92
C LYS B 25 3.81 -2.40 4.21
N LYS B 26 5.14 -2.14 4.11
CA LYS B 26 5.96 -1.79 5.28
C LYS B 26 5.50 -0.43 5.86
N GLU B 27 5.20 0.53 4.96
CA GLU B 27 4.71 1.85 5.39
C GLU B 27 3.29 1.73 5.95
N TYR B 28 2.45 0.86 5.32
CA TYR B 28 1.04 0.61 5.74
C TYR B 28 0.99 0.15 7.19
N SER B 29 1.76 -0.89 7.50
CA SER B 29 1.76 -1.52 8.82
C SER B 29 2.28 -0.53 9.89
N ARG B 30 3.35 0.20 9.54
CA ARG B 30 3.98 1.20 10.43
C ARG B 30 3.02 2.38 10.72
N THR B 31 2.47 2.95 9.65
CA THR B 31 1.68 4.19 9.71
C THR B 31 0.26 3.93 10.23
N LEU B 32 -0.27 2.72 9.98
CA LEU B 32 -1.54 2.26 10.56
C LEU B 32 -1.38 2.11 12.06
N ALA B 33 -0.23 1.54 12.47
CA ALA B 33 0.13 1.36 13.89
C ALA B 33 0.07 2.69 14.65
N ARG B 34 0.83 3.70 14.15
CA ARG B 34 0.93 5.02 14.80
C ARG B 34 -0.39 5.81 14.73
N LEU B 35 -1.16 5.60 13.64
CA LEU B 35 -2.51 6.15 13.46
C LEU B 35 -3.41 5.66 14.60
N GLN B 36 -3.36 4.34 14.85
CA GLN B 36 -4.15 3.67 15.89
C GLN B 36 -3.69 4.07 17.31
N ARG B 37 -2.37 4.30 17.49
CA ARG B 37 -1.81 4.72 18.79
C ARG B 37 -2.24 6.16 19.14
N ALA B 38 -2.38 6.99 18.11
CA ALA B 38 -2.81 8.40 18.27
C ALA B 38 -4.33 8.49 18.54
N LYS B 39 -5.12 7.84 17.67
CA LYS B 39 -6.59 7.99 17.64
C LYS B 39 -7.29 7.23 18.78
N ARG B 40 -6.76 6.05 19.18
CA ARG B 40 -7.36 5.22 20.23
C ARG B 40 -6.98 5.73 21.64
N ALA B 41 -5.70 6.09 21.83
CA ALA B 41 -5.19 6.57 23.15
C ALA B 41 -5.73 7.96 23.45
N GLU B 42 -5.46 8.90 22.51
CA GLU B 42 -5.78 10.34 22.65
C GLU B 42 -5.20 10.93 23.95
N LYS B 43 -3.95 10.53 24.25
CA LYS B 43 -3.16 11.05 25.41
C LYS B 43 -2.99 12.59 25.33
N ALA B 44 -3.00 13.13 24.09
CA ALA B 44 -2.85 14.58 23.81
C ALA B 44 -4.11 15.38 24.19
N LYS B 45 -5.16 14.67 24.70
CA LYS B 45 -6.36 15.24 25.35
C LYS B 45 -5.94 16.16 26.52
N ASN B 46 -4.95 15.70 27.30
CA ASN B 46 -4.53 16.33 28.57
C ASN B 46 -5.71 16.24 29.57
N SER B 47 -5.91 15.03 30.09
CA SER B 47 -6.99 14.73 31.06
C SER B 47 -6.48 14.97 32.50
N LYS B 48 -7.13 14.33 33.49
CA LYS B 48 -6.74 14.43 34.91
C LYS B 48 -5.39 13.71 35.14
N LYS B 49 -4.31 14.49 35.05
CA LYS B 49 -2.93 14.02 35.24
C LYS B 49 -2.65 13.67 36.73
N ALA B 50 -1.39 13.34 37.02
CA ALA B 50 -0.92 13.01 38.37
C ALA B 50 -1.07 14.23 39.32
N ILE B 51 -1.85 14.04 40.41
CA ILE B 51 -2.05 15.08 41.47
C ILE B 51 -0.79 15.24 42.33
N GLU B 52 0.11 14.23 42.25
CA GLU B 52 1.38 14.18 43.00
C GLU B 52 2.43 15.15 42.42
N ASP B 53 3.68 15.02 42.88
CA ASP B 53 4.82 15.83 42.42
C ASP B 53 5.07 15.61 40.91
N GLY B 54 4.83 16.66 40.11
CA GLY B 54 5.12 16.66 38.67
C GLY B 54 6.48 17.23 38.33
N VAL B 55 7.35 17.32 39.36
CA VAL B 55 8.73 17.83 39.25
C VAL B 55 9.56 16.99 38.23
N PRO B 56 10.31 17.65 37.28
CA PRO B 56 11.17 16.94 36.30
C PRO B 56 12.47 16.40 36.94
N GLN B 57 13.38 15.91 36.07
CA GLN B 57 14.74 15.53 36.49
C GLN B 57 15.61 16.80 36.74
N PRO B 58 16.65 16.74 37.64
CA PRO B 58 17.47 17.92 38.03
C PRO B 58 18.20 18.61 36.84
N GLU B 59 18.83 17.82 35.96
CA GLU B 59 19.75 18.35 34.91
C GLU B 59 19.39 17.85 33.50
N ALA B 60 19.34 16.51 33.35
CA ALA B 60 19.26 15.81 32.06
C ALA B 60 20.50 16.09 31.21
N LEU B 61 21.58 15.33 31.46
CA LEU B 61 22.79 15.38 30.63
C LEU B 61 22.56 14.44 29.43
N GLU B 62 22.70 14.98 28.20
CA GLU B 62 22.37 14.27 26.95
C GLU B 62 23.45 13.18 26.67
#